data_3M8L
#
_entry.id   3M8L
#
_cell.length_a   427.080
_cell.length_b   450.726
_cell.length_c   467.586
_cell.angle_alpha   90.00
_cell.angle_beta   90.00
_cell.angle_gamma   90.00
#
_symmetry.space_group_name_H-M   'I 2 2 2'
#
_entity_poly.entity_id   1
_entity_poly.type   'polypeptide(L)'
_entity_poly.pdbx_seq_one_letter_code
;SITTPEQGTTVGGVIAEPSVQMSAAADMATGKSVDSEWEAFFSFHTSVNWSTSETQGKILFKQSLGPLLNPYLTHLAKLY
VAWSGSIEVRFSISGSGVFGGKLAAIVVPPGIEPIQSTSMLQYPHVLFDARQVEPVIFTIPDLRSTLYHLMSDTDTTSLV
IMIYNDLINPYANDSNSSGCIVTVETKPGPDFKFHLLKPPGSMLTHGSVPCDLIPKSSSLWIGNRFWSDITDFVIRPFVF
QANRHFDFNQETAGWSTPRFRPITVTISQKEGEMLGIGVATDYIVPGIPDGWPDTTIPNELIPAGDYAITNQSGNDIQTK
EEYESAMIISNNTNFKSMYICGSLQRAWGNKKVSNTAFITTATVKENKLIPSNTIDQTKIAIFQDNHVNRDVQTSDDTLA
LLGYTGIGEEAIGADREKVVRIGVLPEAGARGGNHPIFYRNSMKLGYVIKSIDVFNSQILHTSRQLSLNNYLLSPDSFAV
YRIIDSNGSWFDIGIDSDGFSFVGVSSIGKLEFPLTASYMGNQLAKIRLASNIR
;
_entity_poly.pdbx_strand_id   A,B,C
#
# COMPACT_ATOMS: atom_id res chain seq x y z
N SER A 1 -53.59 0.10 -10.50
CA SER A 1 -52.83 -1.12 -10.13
C SER A 1 -51.48 -0.81 -9.43
N ILE A 2 -50.62 0.01 -10.07
CA ILE A 2 -49.30 0.40 -9.52
C ILE A 2 -49.40 1.63 -8.60
N THR A 3 -48.28 2.32 -8.39
CA THR A 3 -48.28 3.49 -7.53
C THR A 3 -47.10 4.41 -7.84
N THR A 4 -47.25 5.19 -8.93
CA THR A 4 -46.19 6.12 -9.38
C THR A 4 -45.79 6.96 -8.17
N PRO A 5 -44.49 7.25 -8.02
CA PRO A 5 -44.02 8.03 -6.89
C PRO A 5 -45.15 8.59 -6.07
N GLU A 6 -45.44 9.85 -6.34
CA GLU A 6 -46.44 10.55 -5.57
C GLU A 6 -47.72 10.93 -6.27
N GLN A 7 -48.77 10.19 -5.94
CA GLN A 7 -50.10 10.44 -6.47
C GLN A 7 -51.12 9.61 -5.73
N GLY A 8 -52.38 9.72 -6.14
CA GLY A 8 -53.43 8.96 -5.49
C GLY A 8 -54.56 9.79 -4.90
N THR A 9 -55.65 9.11 -4.59
CA THR A 9 -56.84 9.75 -4.03
C THR A 9 -56.45 10.86 -3.06
N THR A 10 -56.56 12.07 -3.57
CA THR A 10 -56.24 13.25 -2.81
C THR A 10 -57.56 13.81 -2.36
N VAL A 11 -57.55 14.54 -1.26
CA VAL A 11 -58.80 15.10 -0.78
C VAL A 11 -58.65 16.40 0.01
N GLY A 12 -57.46 16.67 0.55
CA GLY A 12 -57.27 17.91 1.29
C GLY A 12 -57.48 17.74 2.78
N GLY A 13 -58.69 17.37 3.18
CA GLY A 13 -58.94 17.17 4.60
C GLY A 13 -60.21 17.89 5.00
N VAL A 14 -60.75 17.55 6.14
CA VAL A 14 -61.95 18.21 6.59
C VAL A 14 -61.68 19.69 6.89
N ILE A 15 -62.40 20.55 6.18
CA ILE A 15 -62.26 22.01 6.29
C ILE A 15 -60.79 22.38 6.18
N ALA A 16 -60.12 21.60 5.34
CA ALA A 16 -58.70 21.74 5.04
C ALA A 16 -58.61 22.38 3.65
N GLU A 17 -57.64 23.26 3.46
CA GLU A 17 -57.49 23.86 2.15
C GLU A 17 -56.28 24.78 1.91
N PRO A 18 -55.33 24.88 2.87
CA PRO A 18 -54.17 25.76 2.65
C PRO A 18 -54.43 26.75 1.51
N SER A 19 -55.14 27.85 1.79
CA SER A 19 -55.50 28.83 0.75
C SER A 19 -54.68 30.12 0.65
N VAL A 20 -53.37 29.93 0.41
CA VAL A 20 -52.37 31.00 0.28
C VAL A 20 -52.70 32.07 1.28
N GLN A 21 -52.25 33.30 1.03
CA GLN A 21 -52.50 34.41 1.94
C GLN A 21 -52.05 33.94 3.32
N MET A 22 -52.93 33.16 3.94
CA MET A 22 -52.62 32.58 5.23
C MET A 22 -51.68 31.45 4.81
N SER A 23 -50.44 31.85 4.54
CA SER A 23 -49.34 31.03 4.06
C SER A 23 -48.97 31.90 2.91
N ALA A 24 -47.70 31.95 2.55
CA ALA A 24 -47.35 32.84 1.46
C ALA A 24 -47.45 34.26 2.01
N ALA A 25 -48.67 34.75 2.25
CA ALA A 25 -48.85 36.11 2.78
C ALA A 25 -48.46 36.19 4.26
N ALA A 26 -48.10 35.04 4.84
CA ALA A 26 -47.69 35.06 6.22
C ALA A 26 -46.20 35.34 6.23
N ASP A 27 -45.63 35.59 5.04
CA ASP A 27 -44.21 35.91 4.82
C ASP A 27 -43.96 37.35 5.25
N MET A 28 -44.94 38.21 5.00
CA MET A 28 -44.85 39.61 5.38
C MET A 28 -43.95 39.82 6.59
N ALA A 29 -44.17 39.01 7.63
CA ALA A 29 -43.37 39.10 8.85
C ALA A 29 -42.01 38.46 8.63
N THR A 30 -41.24 39.03 7.72
CA THR A 30 -39.91 38.53 7.45
C THR A 30 -39.17 39.47 6.48
N GLY A 31 -39.58 39.51 5.21
CA GLY A 31 -38.92 40.37 4.24
C GLY A 31 -37.92 39.51 3.47
N LYS A 32 -38.06 38.20 3.71
CA LYS A 32 -37.26 37.12 3.12
C LYS A 32 -36.84 37.43 1.67
N SER A 33 -35.57 37.14 1.36
CA SER A 33 -35.01 37.36 0.01
C SER A 33 -35.42 36.28 -1.01
N VAL A 34 -35.15 35.02 -0.66
CA VAL A 34 -35.49 33.88 -1.49
C VAL A 34 -35.68 32.62 -0.60
N ASP A 35 -35.27 31.45 -1.10
CA ASP A 35 -35.35 30.16 -0.35
C ASP A 35 -33.88 29.77 -0.06
N SER A 36 -33.06 30.80 0.10
CA SER A 36 -31.64 30.66 0.38
C SER A 36 -31.13 31.85 1.21
N GLU A 37 -31.33 31.79 2.53
CA GLU A 37 -30.83 32.84 3.39
C GLU A 37 -29.32 32.56 3.43
N TRP A 38 -28.94 31.44 2.82
CA TRP A 38 -27.53 31.04 2.74
C TRP A 38 -26.70 32.10 2.06
N GLU A 39 -26.81 32.14 0.72
CA GLU A 39 -26.09 33.10 -0.10
C GLU A 39 -26.60 34.48 0.29
N ALA A 40 -25.91 35.14 1.22
CA ALA A 40 -26.36 36.44 1.65
C ALA A 40 -25.37 37.06 2.62
N PHE A 41 -24.66 36.24 3.37
CA PHE A 41 -23.69 36.75 4.34
C PHE A 41 -22.63 35.69 4.54
N PHE A 42 -21.73 35.92 5.49
CA PHE A 42 -20.70 34.93 5.68
C PHE A 42 -20.63 34.41 7.10
N SER A 43 -19.91 33.31 7.29
CA SER A 43 -19.76 32.75 8.62
C SER A 43 -18.28 32.73 9.04
N PHE A 44 -17.94 32.03 10.12
CA PHE A 44 -16.56 32.01 10.61
C PHE A 44 -16.00 30.65 10.50
N HIS A 45 -15.55 30.26 9.30
CA HIS A 45 -15.02 28.92 9.12
C HIS A 45 -13.92 28.61 10.13
N THR A 46 -13.13 29.64 10.45
CA THR A 46 -12.05 29.53 11.43
C THR A 46 -11.15 30.76 11.43
N SER A 47 -10.32 30.86 12.46
CA SER A 47 -9.38 31.98 12.68
C SER A 47 -7.95 31.51 13.00
N VAL A 48 -6.95 32.06 12.32
CA VAL A 48 -5.59 31.64 12.60
C VAL A 48 -4.76 32.70 13.33
N ASN A 49 -3.81 32.23 14.13
CA ASN A 49 -2.94 33.13 14.86
C ASN A 49 -1.69 33.48 14.10
N TRP A 50 -1.37 34.77 14.09
CA TRP A 50 -0.21 35.31 13.39
C TRP A 50 0.71 35.99 14.41
N SER A 51 1.89 35.42 14.67
CA SER A 51 2.87 35.99 15.63
C SER A 51 4.14 36.57 14.98
N THR A 52 4.87 37.35 15.75
CA THR A 52 6.11 37.99 15.29
C THR A 52 7.24 37.00 15.17
N SER A 53 6.88 35.74 14.98
CA SER A 53 7.89 34.70 14.86
C SER A 53 8.05 34.23 13.44
N GLU A 54 7.03 33.51 12.98
CA GLU A 54 7.03 32.93 11.63
C GLU A 54 7.61 33.87 10.61
N THR A 55 8.41 33.28 9.73
CA THR A 55 9.06 34.04 8.69
C THR A 55 8.42 33.99 7.32
N GLN A 56 8.41 35.17 6.70
CA GLN A 56 7.86 35.38 5.39
C GLN A 56 7.88 34.15 4.53
N GLY A 57 6.73 33.53 4.33
CA GLY A 57 6.66 32.34 3.51
C GLY A 57 5.76 31.26 4.05
N LYS A 58 6.09 30.73 5.22
CA LYS A 58 5.31 29.68 5.85
C LYS A 58 3.81 29.94 5.67
N ILE A 59 3.09 29.00 5.06
CA ILE A 59 1.67 29.16 4.83
C ILE A 59 0.92 29.06 6.12
N LEU A 60 -0.02 29.96 6.37
CA LEU A 60 -0.81 29.94 7.61
C LEU A 60 -2.09 29.17 7.50
N PHE A 61 -2.70 29.24 6.33
CA PHE A 61 -3.91 28.51 6.13
C PHE A 61 -3.92 27.88 4.75
N LYS A 62 -4.20 26.58 4.74
CA LYS A 62 -4.19 25.78 3.53
C LYS A 62 -5.45 24.93 3.41
N GLN A 63 -6.59 25.60 3.27
CA GLN A 63 -7.88 24.92 3.15
C GLN A 63 -8.26 24.57 1.73
N SER A 64 -8.95 23.45 1.57
CA SER A 64 -9.41 23.00 0.26
C SER A 64 -10.91 23.24 0.08
N LEU A 65 -11.32 23.50 -1.15
CA LEU A 65 -12.73 23.75 -1.45
C LEU A 65 -13.61 22.55 -1.12
N GLY A 66 -14.90 22.81 -0.96
CA GLY A 66 -15.83 21.75 -0.63
C GLY A 66 -16.79 22.29 0.40
N PRO A 67 -18.00 21.74 0.53
CA PRO A 67 -18.93 22.27 1.51
C PRO A 67 -18.38 22.41 2.93
N LEU A 68 -17.37 21.61 3.29
CA LEU A 68 -16.76 21.63 4.61
C LEU A 68 -16.38 23.03 5.07
N LEU A 69 -16.36 23.97 4.14
CA LEU A 69 -16.00 25.36 4.43
C LEU A 69 -17.06 26.08 5.22
N ASN A 70 -18.08 26.52 4.51
CA ASN A 70 -19.17 27.21 5.16
C ASN A 70 -20.07 26.19 5.83
N PRO A 71 -20.32 26.38 7.15
CA PRO A 71 -21.15 25.55 8.04
C PRO A 71 -22.56 25.18 7.60
N TYR A 72 -23.33 26.12 7.08
CA TYR A 72 -24.67 25.76 6.62
C TYR A 72 -24.48 24.80 5.44
N LEU A 73 -23.64 25.15 4.50
CA LEU A 73 -23.43 24.24 3.38
C LEU A 73 -23.03 22.92 3.95
N THR A 74 -22.19 22.97 4.97
CA THR A 74 -21.75 21.77 5.62
C THR A 74 -23.00 21.09 6.16
N HIS A 75 -23.76 21.79 6.97
CA HIS A 75 -24.93 21.15 7.54
C HIS A 75 -26.00 20.62 6.59
N LEU A 76 -25.79 20.83 5.30
CA LEU A 76 -26.74 20.42 4.27
C LEU A 76 -26.30 19.22 3.47
N ALA A 77 -24.98 19.14 3.30
CA ALA A 77 -24.36 18.09 2.52
C ALA A 77 -24.73 16.74 3.09
N LYS A 78 -25.07 16.76 4.37
CA LYS A 78 -25.45 15.53 5.02
C LYS A 78 -26.74 15.01 4.36
N LEU A 79 -27.15 15.65 3.27
CA LEU A 79 -28.36 15.24 2.57
C LEU A 79 -28.19 15.10 1.08
N TYR A 80 -26.97 15.25 0.61
CA TYR A 80 -26.75 15.15 -0.80
C TYR A 80 -25.63 14.27 -1.29
N VAL A 81 -25.51 14.18 -2.59
CA VAL A 81 -24.52 13.34 -3.21
C VAL A 81 -23.28 14.12 -3.57
N ALA A 82 -23.48 15.20 -4.31
CA ALA A 82 -22.38 16.05 -4.72
C ALA A 82 -22.82 17.48 -4.86
N TRP A 83 -21.80 18.32 -4.99
CA TRP A 83 -21.98 19.73 -5.11
C TRP A 83 -21.29 20.28 -6.35
N SER A 84 -21.41 21.60 -6.50
CA SER A 84 -20.83 22.36 -7.59
C SER A 84 -21.09 23.83 -7.39
N GLY A 85 -20.16 24.66 -7.85
CA GLY A 85 -20.36 26.08 -7.69
C GLY A 85 -19.21 26.59 -6.86
N SER A 86 -19.03 27.90 -6.87
CA SER A 86 -17.96 28.55 -6.14
C SER A 86 -18.37 29.00 -4.76
N ILE A 87 -17.42 29.55 -4.04
CA ILE A 87 -17.70 30.02 -2.71
C ILE A 87 -16.98 31.31 -2.44
N GLU A 88 -17.75 32.38 -2.26
CA GLU A 88 -17.20 33.70 -1.98
C GLU A 88 -16.58 33.73 -0.58
N VAL A 89 -15.39 34.30 -0.48
CA VAL A 89 -14.71 34.38 0.80
C VAL A 89 -14.38 35.78 1.21
N ARG A 90 -14.50 36.00 2.50
CA ARG A 90 -14.21 37.30 3.07
C ARG A 90 -13.36 37.06 4.28
N PHE A 91 -12.24 37.75 4.39
CA PHE A 91 -11.45 37.55 5.58
C PHE A 91 -10.84 38.88 5.94
N SER A 92 -10.28 38.94 7.13
CA SER A 92 -9.66 40.15 7.61
C SER A 92 -8.88 39.85 8.87
N ILE A 93 -7.89 40.70 9.15
CA ILE A 93 -7.06 40.52 10.31
C ILE A 93 -7.47 41.52 11.38
N SER A 94 -7.47 41.07 12.62
CA SER A 94 -7.84 41.90 13.74
C SER A 94 -6.57 42.32 14.48
N GLY A 95 -5.76 43.17 13.85
CA GLY A 95 -4.52 43.60 14.47
C GLY A 95 -4.61 44.97 15.05
N SER A 96 -3.49 45.50 15.52
CA SER A 96 -3.48 46.82 16.08
C SER A 96 -2.65 47.75 15.22
N GLY A 97 -3.12 48.98 15.07
CA GLY A 97 -2.40 49.95 14.27
C GLY A 97 -0.92 50.06 14.58
N VAL A 98 -0.48 49.44 15.67
CA VAL A 98 0.94 49.51 16.01
C VAL A 98 1.73 48.43 15.33
N PHE A 99 1.04 47.46 14.76
CA PHE A 99 1.70 46.36 14.07
C PHE A 99 2.13 46.76 12.68
N GLY A 100 2.76 45.83 11.99
CA GLY A 100 3.19 46.08 10.65
C GLY A 100 3.48 44.76 9.99
N GLY A 101 2.87 44.52 8.84
CA GLY A 101 3.08 43.27 8.11
C GLY A 101 2.02 43.00 7.05
N LYS A 102 2.42 42.61 5.85
CA LYS A 102 1.44 42.31 4.81
C LYS A 102 1.20 40.81 4.77
N LEU A 103 0.11 40.42 4.15
CA LEU A 103 -0.25 39.01 4.09
C LEU A 103 -0.93 38.82 2.77
N ALA A 104 -0.69 37.69 2.13
CA ALA A 104 -1.38 37.51 0.89
C ALA A 104 -1.96 36.13 0.79
N ALA A 105 -3.01 36.04 0.00
CA ALA A 105 -3.70 34.79 -0.22
C ALA A 105 -3.76 34.52 -1.71
N ILE A 106 -3.83 33.24 -2.05
CA ILE A 106 -3.88 32.81 -3.44
C ILE A 106 -4.75 31.57 -3.63
N VAL A 107 -5.42 31.56 -4.78
CA VAL A 107 -6.31 30.47 -5.15
C VAL A 107 -5.58 29.41 -5.94
N VAL A 108 -5.09 28.42 -5.22
CA VAL A 108 -4.38 27.34 -5.87
C VAL A 108 -5.31 26.40 -6.56
N PRO A 109 -5.03 26.13 -7.82
CA PRO A 109 -5.83 25.23 -8.65
C PRO A 109 -5.77 23.82 -8.17
N PRO A 110 -6.80 23.07 -8.48
CA PRO A 110 -6.89 21.67 -8.06
C PRO A 110 -5.80 20.83 -8.68
N GLY A 111 -5.10 20.07 -7.85
CA GLY A 111 -4.06 19.21 -8.37
C GLY A 111 -2.69 19.56 -7.90
N ILE A 112 -2.55 20.68 -7.21
CA ILE A 112 -1.25 21.08 -6.75
C ILE A 112 -1.26 21.48 -5.31
N GLU A 113 -0.10 21.28 -4.68
CA GLU A 113 0.04 21.63 -3.28
C GLU A 113 1.10 22.70 -3.11
N PRO A 114 0.69 23.83 -2.55
CA PRO A 114 1.51 25.00 -2.27
C PRO A 114 2.80 24.65 -1.58
N ILE A 115 3.73 25.60 -1.65
CA ILE A 115 5.03 25.46 -1.04
C ILE A 115 5.41 26.71 -0.28
N GLN A 116 5.82 26.51 0.97
CA GLN A 116 6.20 27.61 1.87
C GLN A 116 7.37 28.41 1.32
N SER A 117 7.16 29.05 0.17
CA SER A 117 8.21 29.85 -0.41
C SER A 117 7.63 31.07 -1.06
N THR A 118 8.41 32.13 -0.98
CA THR A 118 7.99 33.38 -1.54
C THR A 118 7.57 33.26 -3.01
N SER A 119 8.42 32.67 -3.86
CA SER A 119 8.13 32.49 -5.30
C SER A 119 6.74 31.96 -5.56
N MET A 120 6.32 31.09 -4.68
CA MET A 120 5.01 30.51 -4.78
C MET A 120 4.04 31.67 -4.79
N LEU A 121 4.51 32.82 -4.33
CA LEU A 121 3.66 33.98 -4.30
C LEU A 121 3.39 34.56 -5.65
N GLN A 122 4.34 34.45 -6.58
CA GLN A 122 4.12 35.02 -7.89
C GLN A 122 2.95 34.31 -8.50
N TYR A 123 1.80 34.95 -8.43
CA TYR A 123 0.59 34.34 -8.94
C TYR A 123 -0.46 35.38 -8.57
N PRO A 124 -1.60 35.41 -9.26
CA PRO A 124 -2.62 36.39 -8.91
C PRO A 124 -3.04 36.24 -7.45
N HIS A 125 -2.61 37.15 -6.59
CA HIS A 125 -2.94 37.06 -5.16
C HIS A 125 -3.66 38.31 -4.72
N VAL A 126 -3.91 38.38 -3.41
CA VAL A 126 -4.58 39.50 -2.80
C VAL A 126 -3.84 39.91 -1.56
N LEU A 127 -3.26 41.11 -1.57
CA LEU A 127 -2.52 41.55 -0.40
C LEU A 127 -3.49 42.00 0.68
N PHE A 128 -2.99 42.15 1.89
CA PHE A 128 -3.81 42.58 2.99
C PHE A 128 -2.89 43.06 4.08
N ASP A 129 -2.54 44.34 4.03
CA ASP A 129 -1.66 44.94 5.02
C ASP A 129 -2.26 44.74 6.42
N ALA A 130 -1.39 44.59 7.41
CA ALA A 130 -1.79 44.40 8.78
C ALA A 130 -2.67 45.55 9.24
N ARG A 131 -2.51 46.71 8.61
CA ARG A 131 -3.31 47.85 8.99
C ARG A 131 -4.69 47.82 8.34
N GLN A 132 -4.82 47.11 7.21
CA GLN A 132 -6.12 47.00 6.50
C GLN A 132 -7.28 46.95 7.46
N VAL A 133 -8.35 47.65 7.16
CA VAL A 133 -9.44 47.58 8.09
C VAL A 133 -10.64 46.93 7.49
N GLU A 134 -11.05 47.47 6.35
CA GLU A 134 -12.20 46.96 5.64
C GLU A 134 -11.73 45.59 5.10
N PRO A 135 -12.47 44.52 5.41
CA PRO A 135 -12.09 43.18 4.95
C PRO A 135 -12.18 43.08 3.45
N VAL A 136 -11.65 42.00 2.91
CA VAL A 136 -11.70 41.84 1.47
C VAL A 136 -12.42 40.59 1.03
N ILE A 137 -13.25 40.72 0.00
CA ILE A 137 -14.01 39.60 -0.53
C ILE A 137 -13.58 39.19 -1.93
N PHE A 138 -13.28 37.91 -2.11
CA PHE A 138 -12.88 37.36 -3.41
C PHE A 138 -13.57 36.02 -3.60
N THR A 139 -13.36 35.39 -4.75
CA THR A 139 -14.05 34.13 -4.95
C THR A 139 -13.20 32.91 -5.28
N ILE A 140 -13.69 31.77 -4.85
CA ILE A 140 -13.01 30.53 -5.10
C ILE A 140 -13.76 29.79 -6.15
N PRO A 141 -13.38 30.00 -7.40
CA PRO A 141 -14.02 29.35 -8.53
C PRO A 141 -13.94 27.83 -8.48
N ASP A 142 -14.91 27.21 -9.14
CA ASP A 142 -14.98 25.77 -9.22
C ASP A 142 -14.31 25.24 -10.46
N LEU A 143 -12.99 25.21 -10.44
CA LEU A 143 -12.29 24.67 -11.58
C LEU A 143 -12.40 23.17 -11.32
N ARG A 144 -13.12 22.46 -12.17
CA ARG A 144 -13.29 21.02 -11.98
C ARG A 144 -13.09 20.20 -13.25
N SER A 145 -12.38 19.08 -13.13
CA SER A 145 -12.13 18.19 -14.28
C SER A 145 -13.43 17.50 -14.69
N THR A 146 -14.16 17.07 -13.67
CA THR A 146 -15.45 16.37 -13.77
C THR A 146 -16.62 17.33 -13.99
N LEU A 147 -17.85 16.83 -13.85
CA LEU A 147 -19.02 17.67 -14.01
C LEU A 147 -19.43 18.17 -12.66
N TYR A 148 -18.99 17.42 -11.65
CA TYR A 148 -19.34 17.70 -10.27
C TYR A 148 -18.62 16.74 -9.36
N HIS A 149 -18.18 17.22 -8.20
CA HIS A 149 -17.51 16.34 -7.28
C HIS A 149 -18.41 15.99 -6.11
N LEU A 150 -18.52 14.70 -5.83
CA LEU A 150 -19.37 14.19 -4.74
C LEU A 150 -18.69 14.15 -3.38
N MET A 151 -19.23 14.94 -2.46
CA MET A 151 -18.74 14.98 -1.08
C MET A 151 -17.23 14.86 -0.85
N SER A 152 -16.70 13.65 -0.91
CA SER A 152 -15.28 13.42 -0.70
C SER A 152 -14.39 14.23 -1.64
N ASP A 153 -13.95 13.58 -2.73
CA ASP A 153 -13.08 14.19 -3.75
C ASP A 153 -12.06 15.16 -3.13
N THR A 154 -10.80 14.73 -3.04
CA THR A 154 -9.70 15.52 -2.46
C THR A 154 -9.16 16.71 -3.32
N ASP A 155 -9.00 16.47 -4.62
CA ASP A 155 -8.49 17.47 -5.59
C ASP A 155 -9.48 18.58 -5.90
N THR A 156 -9.72 19.43 -4.92
CA THR A 156 -10.61 20.55 -5.09
C THR A 156 -9.68 21.73 -5.32
N THR A 157 -10.24 22.86 -5.70
CA THR A 157 -9.48 24.08 -5.92
C THR A 157 -9.28 24.67 -4.53
N SER A 158 -8.10 24.48 -3.96
CA SER A 158 -7.75 24.96 -2.61
C SER A 158 -7.39 26.45 -2.46
N LEU A 159 -7.57 26.99 -1.25
CA LEU A 159 -7.23 28.39 -0.99
C LEU A 159 -6.08 28.44 -0.03
N VAL A 160 -5.42 29.58 0.07
CA VAL A 160 -4.26 29.67 0.96
C VAL A 160 -3.79 31.04 1.35
N ILE A 161 -3.22 31.11 2.54
CA ILE A 161 -2.74 32.37 3.03
C ILE A 161 -1.37 32.24 3.60
N MET A 162 -0.40 32.94 3.03
CA MET A 162 0.95 32.87 3.59
C MET A 162 1.47 34.25 3.88
N ILE A 163 2.50 34.30 4.72
CA ILE A 163 3.14 35.54 5.12
C ILE A 163 3.93 36.18 4.02
N TYR A 164 3.34 37.24 3.47
CA TYR A 164 3.93 37.99 2.40
C TYR A 164 5.05 38.86 2.98
N ASN A 165 4.77 39.55 4.08
CA ASN A 165 5.78 40.38 4.72
C ASN A 165 5.77 40.20 6.23
N ASP A 166 6.88 39.68 6.75
CA ASP A 166 7.03 39.43 8.17
C ASP A 166 6.37 40.48 9.03
N LEU A 167 5.68 40.02 10.06
CA LEU A 167 4.99 40.91 10.95
C LEU A 167 5.82 41.32 12.13
N ILE A 168 6.08 42.60 12.27
CA ILE A 168 6.86 43.02 13.42
C ILE A 168 6.25 44.19 14.14
N ASN A 169 6.72 44.37 15.36
CA ASN A 169 6.27 45.42 16.26
C ASN A 169 7.45 46.16 16.89
N PRO A 170 7.39 47.51 16.98
CA PRO A 170 8.50 48.26 17.57
C PRO A 170 8.82 48.02 19.06
N TYR A 171 8.49 46.81 19.55
CA TYR A 171 8.74 46.39 20.94
C TYR A 171 9.35 44.95 21.04
N ALA A 172 10.68 44.83 20.89
CA ALA A 172 11.40 43.54 20.97
C ALA A 172 11.43 43.04 22.43
N ASN A 173 12.61 42.84 23.01
CA ASN A 173 12.78 42.39 24.41
C ASN A 173 12.48 40.88 24.70
N ASP A 174 11.21 40.56 25.01
CA ASP A 174 10.72 39.20 25.34
C ASP A 174 10.85 38.12 24.24
N SER A 175 10.47 36.88 24.57
CA SER A 175 10.52 35.74 23.62
C SER A 175 9.55 35.89 22.42
N ASN A 176 8.50 35.05 22.38
CA ASN A 176 7.47 35.05 21.31
C ASN A 176 6.52 36.24 21.66
N SER A 177 7.07 37.46 21.66
CA SER A 177 6.34 38.71 21.99
C SER A 177 4.82 38.53 21.91
N SER A 178 4.25 38.67 20.72
CA SER A 178 2.81 38.49 20.54
C SER A 178 2.51 38.45 19.06
N GLY A 179 1.27 38.81 18.74
CA GLY A 179 0.86 38.81 17.37
C GLY A 179 -0.60 39.13 17.33
N CYS A 180 -1.18 38.95 16.15
CA CYS A 180 -2.58 39.23 15.94
C CYS A 180 -3.33 38.02 15.38
N ILE A 181 -4.65 38.04 15.54
CA ILE A 181 -5.53 36.95 15.10
C ILE A 181 -6.25 37.26 13.79
N VAL A 182 -6.18 36.31 12.87
CA VAL A 182 -6.83 36.45 11.57
C VAL A 182 -8.08 35.60 11.50
N THR A 183 -8.98 35.99 10.61
CA THR A 183 -10.22 35.25 10.49
C THR A 183 -10.76 35.11 9.06
N VAL A 184 -11.27 33.94 8.72
CA VAL A 184 -11.82 33.75 7.40
C VAL A 184 -13.29 33.44 7.45
N GLU A 185 -14.05 34.21 6.68
CA GLU A 185 -15.47 34.05 6.61
C GLU A 185 -15.86 33.52 5.23
N THR A 186 -16.76 32.55 5.19
CA THR A 186 -17.19 32.02 3.91
C THR A 186 -18.65 32.29 3.64
N LYS A 187 -18.95 32.35 2.35
CA LYS A 187 -20.29 32.58 1.87
C LYS A 187 -20.52 31.66 0.70
N PRO A 188 -21.66 31.00 0.68
CA PRO A 188 -21.94 30.11 -0.44
C PRO A 188 -21.98 30.94 -1.70
N GLY A 189 -21.22 30.51 -2.70
CA GLY A 189 -21.18 31.22 -3.95
C GLY A 189 -22.55 31.43 -4.55
N PRO A 190 -22.70 32.42 -5.44
CA PRO A 190 -24.00 32.65 -6.05
C PRO A 190 -24.28 31.61 -7.13
N ASP A 191 -23.27 30.84 -7.50
CA ASP A 191 -23.37 29.84 -8.54
C ASP A 191 -23.20 28.44 -7.96
N PHE A 192 -23.20 28.37 -6.64
CA PHE A 192 -23.04 27.11 -5.96
C PHE A 192 -24.41 26.56 -5.65
N LYS A 193 -24.52 25.25 -5.73
CA LYS A 193 -25.78 24.60 -5.45
C LYS A 193 -25.43 23.12 -5.51
N PHE A 194 -26.09 22.33 -4.67
CA PHE A 194 -25.81 20.91 -4.69
C PHE A 194 -26.45 20.30 -5.89
N HIS A 195 -26.53 18.99 -5.84
CA HIS A 195 -27.15 18.31 -6.93
C HIS A 195 -27.95 17.13 -6.43
N LEU A 196 -27.78 15.95 -7.01
CA LEU A 196 -28.58 14.85 -6.53
C LEU A 196 -28.42 14.56 -5.07
N LEU A 197 -29.51 14.14 -4.45
CA LEU A 197 -29.46 13.88 -3.03
C LEU A 197 -29.29 12.47 -2.56
N LYS A 198 -28.98 12.40 -1.28
CA LYS A 198 -28.74 11.15 -0.60
C LYS A 198 -29.94 10.64 0.15
N PRO A 199 -30.07 9.31 0.24
CA PRO A 199 -31.15 8.64 0.93
C PRO A 199 -30.67 8.50 2.36
N PRO A 200 -31.30 9.23 3.26
CA PRO A 200 -31.03 9.29 4.70
C PRO A 200 -30.32 8.07 5.27
N GLY A 201 -29.31 8.33 6.09
CA GLY A 201 -28.57 7.27 6.75
C GLY A 201 -27.83 6.28 5.86
N SER A 202 -27.48 6.71 4.65
CA SER A 202 -26.75 5.84 3.72
C SER A 202 -25.26 5.98 3.91
N MET A 203 -24.48 5.00 3.43
CA MET A 203 -23.04 5.10 3.57
C MET A 203 -22.45 5.46 2.19
N LEU A 204 -21.60 6.49 2.13
CA LEU A 204 -20.96 6.93 0.89
C LEU A 204 -19.93 5.88 0.52
N THR A 205 -20.10 5.27 -0.64
CA THR A 205 -19.21 4.20 -1.08
C THR A 205 -17.74 4.60 -1.09
N HIS A 206 -17.48 5.90 -0.99
CA HIS A 206 -16.10 6.32 -1.00
C HIS A 206 -15.64 7.03 0.27
N GLY A 207 -16.05 6.52 1.43
CA GLY A 207 -15.66 7.10 2.72
C GLY A 207 -16.16 8.52 2.98
N SER A 208 -16.35 8.89 4.25
CA SER A 208 -16.82 10.25 4.59
C SER A 208 -15.66 11.13 5.03
N VAL A 209 -15.89 12.43 5.17
CA VAL A 209 -14.81 13.32 5.57
C VAL A 209 -14.34 12.94 6.99
N PRO A 210 -13.09 12.46 7.10
CA PRO A 210 -12.48 12.04 8.36
C PRO A 210 -12.55 13.09 9.45
N CYS A 211 -12.59 14.35 9.00
CA CYS A 211 -12.66 15.46 9.92
C CYS A 211 -13.94 15.41 10.77
N ASP A 212 -13.78 14.92 11.98
CA ASP A 212 -14.86 14.81 12.95
C ASP A 212 -14.35 13.92 14.08
N LEU A 213 -13.19 13.30 13.86
CA LEU A 213 -12.57 12.39 14.80
C LEU A 213 -12.67 12.69 16.28
N ILE A 214 -11.63 13.34 16.78
CA ILE A 214 -11.48 13.70 18.18
C ILE A 214 -12.34 14.87 18.67
N PRO A 215 -12.62 14.92 19.99
CA PRO A 215 -13.44 16.00 20.56
C PRO A 215 -12.88 17.38 20.34
N LYS A 216 -13.71 18.29 19.84
CA LYS A 216 -13.30 19.65 19.61
C LYS A 216 -13.16 20.36 20.97
N SER A 217 -12.64 19.65 21.96
CA SER A 217 -12.40 20.18 23.29
C SER A 217 -11.60 19.20 24.07
N SER A 218 -10.56 19.67 24.74
CA SER A 218 -9.72 18.77 25.53
C SER A 218 -10.58 18.08 26.59
N SER A 219 -10.73 18.72 27.74
CA SER A 219 -11.54 18.23 28.85
C SER A 219 -11.93 16.75 28.86
N LEU A 220 -12.89 16.39 28.01
CA LEU A 220 -13.42 15.02 27.91
C LEU A 220 -12.71 14.10 26.93
N TRP A 221 -11.40 14.30 26.79
CA TRP A 221 -10.60 13.47 25.91
C TRP A 221 -10.45 12.06 26.43
N ILE A 222 -9.50 11.86 27.32
CA ILE A 222 -9.25 10.54 27.89
C ILE A 222 -8.75 9.55 26.85
N GLY A 223 -7.94 8.60 27.30
CA GLY A 223 -7.37 7.62 26.41
C GLY A 223 -8.10 6.33 26.17
N ASN A 224 -7.31 5.36 25.73
CA ASN A 224 -7.83 4.05 25.41
C ASN A 224 -7.19 2.98 26.28
N ARG A 225 -5.93 3.18 26.65
CA ARG A 225 -5.22 2.21 27.50
C ARG A 225 -5.88 2.30 28.86
N PHE A 226 -6.38 3.49 29.16
CA PHE A 226 -7.04 3.73 30.43
C PHE A 226 -8.09 4.85 30.37
N TRP A 227 -9.04 4.82 31.29
CA TRP A 227 -10.09 5.82 31.29
C TRP A 227 -9.73 7.24 31.72
N SER A 228 -8.75 7.39 32.61
CA SER A 228 -8.31 8.71 33.05
C SER A 228 -8.12 9.62 31.84
N ASP A 229 -8.64 10.85 31.87
CA ASP A 229 -8.47 11.72 30.71
C ASP A 229 -7.01 12.07 30.44
N ILE A 230 -6.72 12.49 29.21
CA ILE A 230 -5.36 12.82 28.85
C ILE A 230 -4.72 13.78 29.82
N THR A 231 -3.50 13.47 30.24
CA THR A 231 -2.81 14.34 31.16
C THR A 231 -1.87 15.31 30.43
N ASP A 232 -1.00 14.76 29.58
CA ASP A 232 0.03 15.50 28.80
C ASP A 232 0.22 14.88 27.41
N PHE A 233 1.25 15.37 26.69
CA PHE A 233 1.61 14.84 25.38
C PHE A 233 3.07 14.45 25.38
N VAL A 234 3.34 13.24 24.92
CA VAL A 234 4.71 12.74 24.83
C VAL A 234 5.00 12.26 23.41
N ILE A 235 6.26 12.43 23.01
CA ILE A 235 6.75 12.05 21.70
C ILE A 235 7.89 11.06 21.88
N ARG A 236 7.95 10.09 20.96
CA ARG A 236 8.96 9.05 20.99
C ARG A 236 9.31 8.67 19.56
N PRO A 237 10.42 7.94 19.37
CA PRO A 237 10.85 7.53 18.04
C PRO A 237 9.84 6.59 17.36
N PHE A 238 9.38 5.60 18.13
CA PHE A 238 8.41 4.61 17.65
C PHE A 238 7.22 4.45 18.57
N VAL A 239 6.09 4.04 18.00
CA VAL A 239 4.86 3.83 18.77
C VAL A 239 4.18 2.50 18.45
N PHE A 240 4.00 1.71 19.50
CA PHE A 240 3.40 0.40 19.38
C PHE A 240 2.28 0.22 20.37
N GLN A 241 1.27 -0.52 19.95
CA GLN A 241 0.13 -0.82 20.82
C GLN A 241 -0.89 -1.56 20.00
N ALA A 242 -1.95 -2.04 20.64
CA ALA A 242 -2.94 -2.75 19.87
C ALA A 242 -4.29 -2.97 20.54
N ASN A 243 -4.30 -3.32 21.82
CA ASN A 243 -5.55 -3.60 22.54
C ASN A 243 -6.75 -2.66 22.29
N ARG A 244 -6.80 -1.51 22.96
CA ARG A 244 -7.92 -0.60 22.73
C ARG A 244 -7.62 0.16 21.45
N HIS A 245 -7.16 -0.55 20.44
CA HIS A 245 -6.77 0.06 19.19
C HIS A 245 -7.51 -0.39 17.96
N PHE A 246 -7.89 0.58 17.16
CA PHE A 246 -8.61 0.32 15.93
C PHE A 246 -7.98 1.04 14.77
N ASP A 247 -8.44 0.67 13.57
CA ASP A 247 -7.91 1.23 12.37
C ASP A 247 -8.98 1.72 11.37
N PHE A 248 -8.54 2.36 10.28
CA PHE A 248 -9.45 2.86 9.25
C PHE A 248 -10.22 1.76 8.55
N ASN A 249 -9.67 0.55 8.60
CA ASN A 249 -10.32 -0.61 7.99
C ASN A 249 -11.10 -1.31 9.10
N GLN A 250 -11.10 -0.70 10.28
CA GLN A 250 -11.78 -1.23 11.46
C GLN A 250 -11.17 -2.55 11.86
N GLU A 251 -9.92 -2.75 11.50
CA GLU A 251 -9.26 -4.00 11.84
C GLU A 251 -9.12 -4.08 13.36
N THR A 252 -9.50 -5.24 13.91
CA THR A 252 -9.43 -5.51 15.33
C THR A 252 -7.97 -5.69 15.74
N ALA A 253 -7.30 -4.59 16.04
CA ALA A 253 -5.93 -4.72 16.42
C ALA A 253 -5.85 -5.57 17.66
N GLY A 254 -6.68 -5.24 18.65
CA GLY A 254 -6.64 -5.97 19.90
C GLY A 254 -7.61 -7.10 20.14
N TRP A 255 -8.39 -6.97 21.20
CA TRP A 255 -9.37 -7.99 21.57
C TRP A 255 -10.46 -7.42 22.43
N SER A 256 -10.33 -6.17 22.83
CA SER A 256 -11.33 -5.57 23.67
C SER A 256 -12.37 -4.80 22.86
N THR A 257 -13.33 -4.18 23.53
CA THR A 257 -14.33 -3.40 22.82
C THR A 257 -13.90 -1.96 22.94
N PRO A 258 -14.39 -1.10 22.03
CA PRO A 258 -14.11 0.33 21.93
C PRO A 258 -14.33 1.16 23.20
N ARG A 259 -14.91 0.56 24.24
CA ARG A 259 -15.13 1.26 25.50
C ARG A 259 -14.56 0.49 26.68
N PHE A 260 -14.99 0.87 27.89
CA PHE A 260 -14.55 0.27 29.15
C PHE A 260 -15.69 -0.35 29.92
N ARG A 261 -15.52 -1.61 30.30
CA ARG A 261 -16.54 -2.28 31.08
C ARG A 261 -15.80 -3.17 32.05
N PRO A 262 -16.41 -3.43 33.20
CA PRO A 262 -15.86 -4.27 34.26
C PRO A 262 -15.58 -5.66 33.78
N ILE A 263 -14.31 -6.02 33.84
CA ILE A 263 -13.90 -7.33 33.43
C ILE A 263 -14.53 -8.34 34.37
N THR A 264 -15.23 -9.29 33.77
CA THR A 264 -15.94 -10.34 34.49
C THR A 264 -15.53 -11.73 33.99
N VAL A 265 -14.90 -12.55 34.84
CA VAL A 265 -14.50 -13.88 34.40
C VAL A 265 -14.66 -14.96 35.44
N THR A 266 -15.19 -16.12 35.04
CA THR A 266 -15.35 -17.22 35.97
C THR A 266 -14.04 -18.00 36.04
N ILE A 267 -13.85 -18.80 37.08
CA ILE A 267 -12.63 -19.59 37.23
C ILE A 267 -12.79 -20.81 38.15
N SER A 268 -11.81 -21.72 38.10
CA SER A 268 -11.83 -22.92 38.92
C SER A 268 -10.89 -22.79 40.10
N GLN A 269 -11.40 -23.22 41.26
CA GLN A 269 -10.66 -23.20 42.53
C GLN A 269 -9.49 -24.18 42.36
N LYS A 270 -8.28 -23.64 42.22
CA LYS A 270 -7.08 -24.46 42.02
C LYS A 270 -6.77 -25.38 43.22
N GLU A 271 -7.63 -25.39 44.24
CA GLU A 271 -7.44 -26.27 45.40
C GLU A 271 -6.16 -25.93 46.19
N GLY A 272 -5.36 -25.03 45.62
CA GLY A 272 -4.14 -24.60 46.26
C GLY A 272 -4.39 -23.28 46.95
N GLU A 273 -3.72 -22.25 46.47
CA GLU A 273 -3.86 -20.90 47.01
C GLU A 273 -4.23 -19.96 45.87
N MET A 274 -3.20 -19.36 45.28
CA MET A 274 -3.41 -18.46 44.14
C MET A 274 -3.94 -19.46 43.13
N LEU A 275 -5.12 -19.15 42.61
CA LEU A 275 -5.84 -20.07 41.73
C LEU A 275 -5.61 -19.89 40.17
N GLY A 276 -6.23 -20.81 39.42
CA GLY A 276 -6.12 -20.86 37.97
C GLY A 276 -7.04 -19.96 37.15
N ILE A 277 -6.39 -19.18 36.29
CA ILE A 277 -7.05 -18.23 35.42
C ILE A 277 -7.25 -18.89 34.07
N GLY A 278 -8.01 -18.23 33.19
CA GLY A 278 -8.24 -18.79 31.87
C GLY A 278 -9.63 -18.66 31.27
N VAL A 279 -10.66 -18.75 32.11
CA VAL A 279 -12.04 -18.64 31.62
C VAL A 279 -12.25 -17.24 31.06
N ALA A 280 -13.38 -17.02 30.41
CA ALA A 280 -13.66 -15.72 29.86
C ALA A 280 -15.13 -15.65 29.51
N THR A 281 -15.96 -15.46 30.53
CA THR A 281 -17.39 -15.38 30.30
C THR A 281 -17.89 -14.40 29.22
N ASP A 282 -17.84 -13.09 29.48
CA ASP A 282 -18.35 -12.08 28.52
C ASP A 282 -17.32 -11.53 27.50
N TYR A 283 -16.87 -12.34 26.54
CA TYR A 283 -15.88 -11.85 25.57
C TYR A 283 -15.99 -12.29 24.12
N ILE A 284 -15.62 -11.36 23.24
CA ILE A 284 -15.64 -11.57 21.79
C ILE A 284 -14.29 -11.90 21.19
N VAL A 285 -13.64 -12.87 21.82
CA VAL A 285 -12.35 -13.38 21.40
C VAL A 285 -12.21 -14.70 22.12
N PRO A 286 -12.21 -15.81 21.36
CA PRO A 286 -12.07 -17.14 21.96
C PRO A 286 -11.07 -17.19 23.10
N GLY A 287 -11.55 -17.04 24.32
CA GLY A 287 -10.63 -17.06 25.44
C GLY A 287 -10.23 -15.66 25.87
N ILE A 288 -9.29 -15.05 25.15
CA ILE A 288 -8.83 -13.71 25.48
C ILE A 288 -9.94 -12.82 26.00
N PRO A 289 -9.99 -12.61 27.31
CA PRO A 289 -10.98 -11.79 28.02
C PRO A 289 -10.88 -10.28 27.76
N ASP A 290 -11.65 -9.77 26.80
CA ASP A 290 -11.68 -8.34 26.49
C ASP A 290 -11.64 -7.48 27.75
N GLY A 291 -10.63 -6.64 27.86
CA GLY A 291 -10.53 -5.79 29.03
C GLY A 291 -9.17 -5.93 29.70
N TRP A 292 -8.49 -7.02 29.43
CA TRP A 292 -7.18 -7.23 30.00
C TRP A 292 -6.19 -6.23 29.46
N PRO A 293 -5.34 -5.63 30.33
CA PRO A 293 -4.33 -4.62 30.01
C PRO A 293 -3.15 -5.08 29.13
N ASP A 294 -2.54 -4.13 28.40
CA ASP A 294 -1.42 -4.45 27.51
C ASP A 294 -0.13 -4.74 28.25
N THR A 295 -0.18 -4.70 29.57
CA THR A 295 1.00 -4.94 30.40
C THR A 295 1.04 -6.31 31.05
N THR A 296 2.24 -6.76 31.39
CA THR A 296 2.45 -8.04 32.03
C THR A 296 3.58 -7.81 33.02
N ILE A 297 4.34 -8.86 33.30
CA ILE A 297 5.47 -8.75 34.20
C ILE A 297 6.75 -8.85 33.39
N PRO A 298 7.80 -8.14 33.79
CA PRO A 298 9.05 -8.22 33.03
C PRO A 298 9.98 -9.35 33.48
N ASN A 299 9.96 -9.66 34.79
CA ASN A 299 10.79 -10.72 35.32
C ASN A 299 9.99 -11.80 36.01
N GLU A 300 10.10 -13.01 35.49
CA GLU A 300 9.41 -14.17 36.05
C GLU A 300 9.52 -14.14 37.58
N LEU A 301 8.41 -14.20 38.31
CA LEU A 301 8.50 -14.26 39.77
C LEU A 301 7.29 -14.93 40.41
N ILE A 302 7.41 -15.19 41.71
CA ILE A 302 6.36 -15.84 42.52
C ILE A 302 5.34 -14.84 43.06
N PRO A 303 4.05 -15.24 43.10
CA PRO A 303 2.92 -14.43 43.60
C PRO A 303 3.03 -14.34 45.12
N ALA A 304 4.02 -15.03 45.67
CA ALA A 304 4.24 -15.03 47.11
C ALA A 304 5.22 -13.93 47.51
N GLY A 305 4.91 -13.24 48.60
CA GLY A 305 5.75 -12.17 49.09
C GLY A 305 4.97 -10.96 49.55
N ASP A 306 4.58 -10.95 50.83
CA ASP A 306 3.81 -9.86 51.39
C ASP A 306 4.73 -8.80 52.00
N TYR A 307 4.40 -7.53 51.75
CA TYR A 307 5.18 -6.42 52.28
C TYR A 307 6.58 -6.40 51.66
N ALA A 308 6.80 -5.46 50.74
CA ALA A 308 8.09 -5.32 50.09
C ALA A 308 8.48 -3.86 49.93
N ILE A 309 7.76 -3.16 49.06
CA ILE A 309 8.03 -1.74 48.82
C ILE A 309 9.52 -1.45 48.83
N THR A 310 9.87 -0.20 49.10
CA THR A 310 11.26 0.22 49.14
C THR A 310 11.46 -0.04 50.63
N ASN A 311 11.73 1.02 51.38
CA ASN A 311 11.94 0.91 52.84
C ASN A 311 10.71 1.46 53.57
N GLN A 312 10.97 2.17 54.66
CA GLN A 312 9.94 2.80 55.51
C GLN A 312 8.87 3.61 54.75
N SER A 313 9.33 4.54 53.91
CA SER A 313 8.47 5.41 53.10
C SER A 313 7.91 6.58 54.00
N GLY A 314 7.66 7.76 53.41
CA GLY A 314 7.19 8.88 54.20
C GLY A 314 8.13 10.00 53.81
N ASN A 315 9.30 9.57 53.34
CA ASN A 315 10.40 10.41 52.83
C ASN A 315 10.15 10.42 51.31
N ASP A 316 8.93 10.82 50.99
CA ASP A 316 8.41 10.97 49.64
C ASP A 316 9.28 11.96 48.87
N ILE A 317 9.05 12.08 47.57
CA ILE A 317 9.82 13.00 46.74
C ILE A 317 11.30 12.93 47.06
N GLN A 318 11.82 11.71 47.17
CA GLN A 318 13.23 11.51 47.49
C GLN A 318 14.03 11.18 46.23
N THR A 319 13.93 12.03 45.22
CA THR A 319 14.64 11.82 43.96
C THR A 319 15.46 10.54 44.00
N LYS A 320 14.90 9.47 43.44
CA LYS A 320 15.57 8.18 43.41
C LYS A 320 16.49 8.08 42.20
N GLU A 321 16.32 7.00 41.43
CA GLU A 321 17.13 6.78 40.23
C GLU A 321 18.26 5.79 40.50
N GLU A 322 18.28 5.25 41.72
CA GLU A 322 19.30 4.29 42.11
C GLU A 322 20.70 4.90 42.02
N TYR A 323 21.71 4.09 42.30
CA TYR A 323 23.10 4.54 42.25
C TYR A 323 23.30 5.77 43.13
N GLU A 324 23.49 5.54 44.43
CA GLU A 324 23.49 4.18 44.97
C GLU A 324 23.27 4.18 46.48
N SER A 325 22.03 4.43 46.89
CA SER A 325 21.68 4.48 48.30
C SER A 325 21.35 3.08 48.83
N ALA A 326 21.57 2.87 50.12
CA ALA A 326 21.30 1.58 50.74
C ALA A 326 20.35 1.73 51.93
N MET A 327 19.06 1.65 51.65
CA MET A 327 18.04 1.77 52.69
C MET A 327 16.64 1.59 52.12
N ILE A 328 16.36 2.30 51.01
CA ILE A 328 15.06 2.22 50.37
C ILE A 328 15.11 1.34 49.13
N ILE A 329 15.22 0.03 49.36
CA ILE A 329 15.28 -0.94 48.26
C ILE A 329 14.37 -0.52 47.11
N SER A 330 14.62 0.67 46.57
CA SER A 330 13.82 1.19 45.46
C SER A 330 13.60 0.12 44.40
N ASN A 331 12.33 -0.17 44.11
CA ASN A 331 11.99 -1.18 43.11
C ASN A 331 12.07 -2.60 43.67
N ASN A 332 11.10 -3.43 43.31
CA ASN A 332 11.06 -4.81 43.78
C ASN A 332 9.70 -5.20 44.34
N THR A 333 9.19 -4.38 45.25
CA THR A 333 7.89 -4.63 45.86
C THR A 333 7.47 -6.09 45.69
N ASN A 334 8.41 -7.00 45.93
CA ASN A 334 8.15 -8.43 45.81
C ASN A 334 7.56 -8.79 44.45
N PHE A 335 6.32 -8.38 44.22
CA PHE A 335 5.64 -8.67 42.97
C PHE A 335 5.05 -7.40 42.35
N LYS A 336 5.87 -6.67 41.61
CA LYS A 336 5.44 -5.44 40.96
C LYS A 336 4.75 -5.76 39.63
N SER A 337 4.59 -4.76 38.77
CA SER A 337 3.96 -4.96 37.46
C SER A 337 2.66 -5.72 37.57
N MET A 338 1.86 -5.38 38.58
CA MET A 338 0.59 -6.05 38.78
C MET A 338 -0.58 -5.17 38.43
N TYR A 339 -1.78 -5.75 38.40
CA TYR A 339 -2.96 -4.97 38.11
C TYR A 339 -4.01 -5.13 39.17
N ILE A 340 -4.00 -4.20 40.09
CA ILE A 340 -4.93 -4.19 41.19
C ILE A 340 -6.33 -3.91 40.65
N CYS A 341 -7.27 -4.76 41.05
CA CYS A 341 -8.65 -4.62 40.61
C CYS A 341 -9.60 -4.63 41.77
N GLY A 342 -10.73 -3.97 41.59
CA GLY A 342 -11.72 -3.97 42.64
C GLY A 342 -12.55 -5.21 42.40
N SER A 343 -12.13 -6.35 42.94
CA SER A 343 -12.91 -7.55 42.70
C SER A 343 -14.13 -7.72 43.58
N LEU A 344 -15.03 -8.56 43.10
CA LEU A 344 -16.27 -8.91 43.79
C LEU A 344 -15.82 -9.99 44.75
N GLN A 345 -15.55 -11.17 44.21
CA GLN A 345 -15.07 -12.30 44.99
C GLN A 345 -15.58 -13.52 44.31
N ARG A 346 -15.64 -14.61 45.04
CA ARG A 346 -16.10 -15.86 44.50
C ARG A 346 -17.51 -16.06 45.05
N ALA A 347 -17.92 -17.32 45.13
CA ALA A 347 -19.25 -17.66 45.61
C ALA A 347 -19.45 -19.14 45.29
N TRP A 348 -20.66 -19.51 44.87
CA TRP A 348 -21.00 -20.90 44.51
C TRP A 348 -21.00 -21.84 45.70
N GLY A 349 -19.77 -22.21 46.08
CA GLY A 349 -19.52 -23.13 47.18
C GLY A 349 -19.66 -22.42 48.52
N ASN A 350 -20.03 -21.15 48.44
CA ASN A 350 -20.28 -20.29 49.60
C ASN A 350 -19.06 -19.70 50.38
N LYS A 351 -19.33 -19.38 51.65
CA LYS A 351 -18.40 -18.78 52.62
C LYS A 351 -17.17 -18.12 52.01
N LYS A 352 -16.99 -16.84 52.34
CA LYS A 352 -15.88 -16.08 51.78
C LYS A 352 -15.84 -14.63 52.28
N VAL A 353 -15.15 -13.76 51.53
CA VAL A 353 -15.01 -12.35 51.87
C VAL A 353 -14.14 -11.62 50.86
N SER A 354 -14.77 -11.06 49.84
CA SER A 354 -14.11 -10.31 48.76
C SER A 354 -12.59 -10.37 48.57
N ASN A 355 -11.94 -9.21 48.77
CA ASN A 355 -10.49 -9.01 48.65
C ASN A 355 -9.90 -9.17 47.25
N THR A 356 -8.85 -9.98 47.20
CA THR A 356 -8.11 -10.31 45.98
C THR A 356 -8.03 -9.19 44.95
N ALA A 357 -7.85 -9.60 43.69
CA ALA A 357 -7.76 -8.69 42.56
C ALA A 357 -6.37 -8.16 42.30
N PHE A 358 -5.48 -9.07 41.91
CA PHE A 358 -4.12 -8.73 41.55
C PHE A 358 -3.83 -9.57 40.33
N ILE A 359 -3.88 -8.95 39.17
CA ILE A 359 -3.67 -9.72 37.96
C ILE A 359 -2.59 -9.23 37.01
N THR A 360 -2.27 -10.10 36.06
CA THR A 360 -1.28 -9.88 35.01
C THR A 360 -1.65 -10.78 33.83
N THR A 361 -0.70 -10.97 32.92
CA THR A 361 -0.92 -11.80 31.75
C THR A 361 0.32 -12.61 31.49
N ALA A 362 0.49 -13.67 32.26
CA ALA A 362 1.64 -14.55 32.11
C ALA A 362 1.17 -15.98 31.89
N THR A 363 1.49 -16.86 32.82
CA THR A 363 1.08 -18.24 32.68
C THR A 363 1.14 -18.95 34.04
N VAL A 364 0.22 -19.88 34.23
CA VAL A 364 0.14 -20.60 35.48
C VAL A 364 1.07 -21.79 35.63
N LYS A 365 1.97 -21.70 36.59
CA LYS A 365 2.88 -22.80 36.93
C LYS A 365 2.98 -22.88 38.47
N GLU A 366 1.86 -23.27 39.07
CA GLU A 366 1.70 -23.44 40.52
C GLU A 366 2.06 -22.21 41.38
N ASN A 367 3.35 -22.13 41.76
CA ASN A 367 3.92 -21.07 42.60
C ASN A 367 4.67 -19.97 41.82
N LYS A 368 4.93 -20.20 40.53
CA LYS A 368 5.64 -19.21 39.71
C LYS A 368 4.65 -18.67 38.68
N LEU A 369 5.05 -17.68 37.91
CA LEU A 369 4.15 -17.14 36.89
C LEU A 369 4.82 -17.14 35.54
N ILE A 370 5.92 -16.38 35.48
CA ILE A 370 6.74 -16.19 34.29
C ILE A 370 5.93 -15.54 33.16
N PRO A 371 6.42 -14.41 32.63
CA PRO A 371 5.73 -13.69 31.57
C PRO A 371 5.70 -14.35 30.18
N SER A 372 5.18 -13.58 29.22
CA SER A 372 5.07 -13.94 27.81
C SER A 372 4.43 -12.72 27.12
N ASN A 373 4.93 -12.41 25.93
CA ASN A 373 4.46 -11.27 25.12
C ASN A 373 3.31 -11.73 24.24
N THR A 374 3.04 -13.03 24.33
CA THR A 374 2.00 -13.73 23.59
C THR A 374 0.81 -14.10 24.48
N ILE A 375 -0.37 -13.59 24.13
CA ILE A 375 -1.60 -13.83 24.91
C ILE A 375 -2.63 -14.79 24.29
N ASP A 376 -2.75 -15.98 24.88
CA ASP A 376 -3.68 -17.02 24.40
C ASP A 376 -4.62 -17.48 25.52
N GLN A 377 -5.72 -18.12 25.11
CA GLN A 377 -6.78 -18.60 26.01
C GLN A 377 -6.35 -18.79 27.43
N THR A 378 -5.31 -19.58 27.61
CA THR A 378 -4.83 -19.84 28.94
C THR A 378 -3.60 -19.02 29.26
N LYS A 379 -3.81 -17.73 29.45
CA LYS A 379 -2.70 -16.85 29.76
C LYS A 379 -3.06 -15.74 30.77
N ILE A 380 -4.35 -15.52 30.99
CA ILE A 380 -4.79 -14.49 31.95
C ILE A 380 -4.27 -14.78 33.35
N ALA A 381 -4.45 -13.85 34.27
CA ALA A 381 -3.95 -14.09 35.61
C ALA A 381 -4.86 -13.53 36.69
N ILE A 382 -4.65 -13.99 37.92
CA ILE A 382 -5.44 -13.53 39.05
C ILE A 382 -4.67 -13.73 40.36
N PHE A 383 -5.38 -13.66 41.48
CA PHE A 383 -4.81 -13.83 42.82
C PHE A 383 -5.92 -14.30 43.76
N GLN A 384 -5.58 -14.84 44.93
CA GLN A 384 -6.67 -15.24 45.81
C GLN A 384 -6.37 -15.32 47.30
N ASP A 385 -7.26 -16.05 47.96
CA ASP A 385 -7.25 -16.30 49.39
C ASP A 385 -8.62 -16.95 49.65
N ASN A 386 -9.04 -17.78 48.69
CA ASN A 386 -10.31 -18.48 48.74
C ASN A 386 -10.09 -19.97 49.07
N HIS A 387 -9.63 -20.20 50.31
CA HIS A 387 -9.32 -21.52 50.88
C HIS A 387 -9.99 -22.73 50.19
N VAL A 388 -9.19 -23.76 49.89
CA VAL A 388 -9.64 -25.00 49.20
C VAL A 388 -10.52 -25.98 50.02
N ASN A 389 -11.50 -26.58 49.34
CA ASN A 389 -12.46 -27.55 49.91
C ASN A 389 -12.42 -28.80 48.98
N ARG A 390 -13.59 -29.11 48.38
CA ARG A 390 -13.83 -30.22 47.41
C ARG A 390 -13.49 -29.76 45.97
N ASP A 391 -13.23 -28.45 45.85
CA ASP A 391 -12.91 -27.74 44.61
C ASP A 391 -14.11 -27.46 43.71
N VAL A 392 -14.93 -26.50 44.14
CA VAL A 392 -16.11 -26.10 43.39
C VAL A 392 -15.69 -25.08 42.33
N GLN A 393 -16.51 -24.90 41.32
CA GLN A 393 -16.16 -23.98 40.24
C GLN A 393 -16.84 -22.59 40.18
N THR A 394 -17.54 -22.31 39.06
CA THR A 394 -18.23 -21.02 38.73
C THR A 394 -18.06 -19.89 39.79
N SER A 395 -17.00 -19.08 39.65
CA SER A 395 -16.74 -17.98 40.60
C SER A 395 -17.61 -16.76 40.38
N ASP A 396 -17.57 -15.86 41.36
CA ASP A 396 -18.33 -14.61 41.33
C ASP A 396 -17.52 -13.57 40.53
N ASP A 397 -16.63 -14.09 39.69
CA ASP A 397 -15.79 -13.29 38.80
C ASP A 397 -15.50 -11.81 39.12
N THR A 398 -15.69 -11.02 38.06
CA THR A 398 -15.54 -9.57 38.01
C THR A 398 -14.40 -8.94 38.78
N LEU A 399 -14.13 -7.70 38.40
CA LEU A 399 -13.07 -6.88 38.98
C LEU A 399 -12.90 -5.73 37.99
N ALA A 400 -12.32 -4.62 38.45
CA ALA A 400 -12.12 -3.48 37.56
C ALA A 400 -10.70 -2.96 37.60
N LEU A 401 -10.28 -2.49 36.43
CA LEU A 401 -8.96 -1.93 36.23
C LEU A 401 -8.81 -0.71 37.15
N LEU A 402 -8.02 -0.83 38.20
CA LEU A 402 -7.84 0.31 39.10
C LEU A 402 -6.40 0.68 39.29
N GLY A 403 -5.65 -0.23 39.87
CA GLY A 403 -4.27 0.10 40.12
C GLY A 403 -3.26 -0.76 39.42
N TYR A 404 -2.02 -0.30 39.54
CA TYR A 404 -0.84 -0.97 39.00
C TYR A 404 0.06 -1.10 40.24
N THR A 405 1.33 -1.43 40.02
CA THR A 405 2.30 -1.61 41.11
C THR A 405 3.61 -0.78 40.92
N GLY A 406 3.74 0.29 41.71
CA GLY A 406 4.88 1.20 41.68
C GLY A 406 6.25 0.69 41.30
N ILE A 407 6.44 0.42 40.01
CA ILE A 407 7.72 -0.06 39.51
C ILE A 407 8.67 1.11 39.65
N GLY A 408 8.61 2.03 38.70
CA GLY A 408 9.48 3.18 38.73
C GLY A 408 8.87 4.16 37.78
N GLU A 409 9.69 5.12 37.34
CA GLU A 409 9.28 6.18 36.42
C GLU A 409 8.83 5.68 35.03
N GLU A 410 8.68 4.36 34.90
CA GLU A 410 8.26 3.75 33.64
C GLU A 410 6.80 3.97 33.28
N ALA A 411 6.53 4.72 32.22
CA ALA A 411 5.15 4.95 31.80
C ALA A 411 4.68 3.60 31.24
N ILE A 412 3.57 3.11 31.78
CA ILE A 412 3.01 1.80 31.41
C ILE A 412 3.07 1.48 29.91
N GLY A 413 3.66 0.34 29.59
CA GLY A 413 3.77 -0.10 28.21
C GLY A 413 4.68 0.80 27.41
N ALA A 414 5.84 1.09 27.98
CA ALA A 414 6.82 1.94 27.33
C ALA A 414 7.71 1.11 26.42
N ASP A 415 7.68 -0.22 26.58
CA ASP A 415 8.50 -1.14 25.77
C ASP A 415 7.78 -2.34 25.14
N ARG A 416 8.21 -2.74 23.93
CA ARG A 416 7.64 -3.88 23.21
C ARG A 416 7.66 -5.11 24.12
N GLU A 417 8.76 -5.23 24.86
CA GLU A 417 8.97 -6.33 25.78
C GLU A 417 7.89 -6.36 26.87
N LYS A 418 7.02 -5.35 26.86
CA LYS A 418 5.92 -5.28 27.83
C LYS A 418 4.55 -5.47 27.17
N VAL A 419 4.41 -4.99 25.93
CA VAL A 419 3.15 -5.07 25.19
C VAL A 419 2.60 -6.48 24.95
N VAL A 420 1.42 -6.75 25.50
CA VAL A 420 0.79 -8.06 25.34
C VAL A 420 0.24 -8.29 23.95
N ARG A 421 1.12 -8.73 23.06
CA ARG A 421 0.73 -8.99 21.70
C ARG A 421 -0.31 -10.11 21.65
N ILE A 422 -1.22 -10.00 20.69
CA ILE A 422 -2.26 -10.99 20.52
C ILE A 422 -1.92 -11.74 19.26
N GLY A 423 -1.46 -11.01 18.27
CA GLY A 423 -1.14 -11.64 17.02
C GLY A 423 -0.12 -10.84 16.28
N VAL A 424 -0.35 -9.54 16.19
CA VAL A 424 0.56 -8.65 15.47
C VAL A 424 0.53 -7.28 16.13
N LEU A 425 1.68 -6.83 16.63
CA LEU A 425 1.75 -5.53 17.29
C LEU A 425 2.04 -4.40 16.29
N PRO A 426 1.04 -3.55 15.98
CA PRO A 426 1.23 -2.46 15.01
C PRO A 426 2.04 -1.29 15.59
N GLU A 427 3.18 -1.02 14.95
CA GLU A 427 4.08 0.06 15.34
C GLU A 427 3.87 1.26 14.43
N ALA A 428 4.82 2.18 14.43
CA ALA A 428 4.69 3.37 13.59
C ALA A 428 6.03 4.11 13.48
N GLY A 429 6.67 3.97 12.33
CA GLY A 429 7.94 4.62 12.08
C GLY A 429 7.71 5.97 11.43
N ALA A 430 8.38 7.00 11.94
CA ALA A 430 8.24 8.36 11.41
C ALA A 430 7.96 8.40 9.89
N ARG A 431 7.23 9.43 9.45
CA ARG A 431 6.89 9.60 8.04
C ARG A 431 7.25 11.00 7.54
N GLY A 432 7.93 11.07 6.39
CA GLY A 432 8.32 12.38 5.89
C GLY A 432 9.34 13.00 6.83
N GLY A 433 8.89 13.76 7.81
CA GLY A 433 9.80 14.37 8.75
C GLY A 433 9.14 14.37 10.12
N ASN A 434 7.83 14.19 10.09
CA ASN A 434 7.00 14.17 11.29
C ASN A 434 7.38 13.01 12.21
N HIS A 435 7.04 13.11 13.49
CA HIS A 435 7.32 12.06 14.46
C HIS A 435 6.01 11.56 15.09
N PRO A 436 5.93 10.25 15.38
CA PRO A 436 4.72 9.68 16.00
C PRO A 436 4.60 10.28 17.38
N ILE A 437 3.47 10.06 18.05
CA ILE A 437 3.29 10.60 19.40
C ILE A 437 2.63 9.59 20.32
N PHE A 438 2.18 10.06 21.47
CA PHE A 438 1.54 9.17 22.42
C PHE A 438 0.62 10.06 23.21
N TYR A 439 -0.29 9.46 23.97
CA TYR A 439 -1.18 10.27 24.77
C TYR A 439 -0.93 9.93 26.22
N ARG A 440 -0.21 10.81 26.91
CA ARG A 440 0.14 10.63 28.33
C ARG A 440 -1.11 10.54 29.19
N ASN A 441 -1.06 9.67 30.18
CA ASN A 441 -2.21 9.54 31.03
C ASN A 441 -1.77 9.21 32.44
N SER A 442 -2.68 9.45 33.36
CA SER A 442 -2.47 9.19 34.78
C SER A 442 -2.99 7.82 35.15
N MET A 443 -2.38 7.22 36.16
CA MET A 443 -2.82 5.93 36.66
C MET A 443 -2.40 5.83 38.12
N LYS A 444 -3.41 5.53 38.95
CA LYS A 444 -3.26 5.41 40.39
C LYS A 444 -2.26 4.30 40.76
N LEU A 445 -1.36 4.58 41.72
CA LEU A 445 -0.39 3.57 42.14
C LEU A 445 -0.94 2.72 43.27
N GLY A 446 -0.15 1.76 43.75
CA GLY A 446 -0.63 0.88 44.80
C GLY A 446 -0.12 1.10 46.22
N TYR A 447 1.19 1.08 46.39
CA TYR A 447 1.78 1.27 47.71
C TYR A 447 1.94 2.75 48.04
N VAL A 448 2.39 3.54 47.06
CA VAL A 448 2.62 4.99 47.23
C VAL A 448 1.30 5.77 47.28
N ILE A 449 1.39 7.01 47.76
CA ILE A 449 0.22 7.88 47.88
C ILE A 449 -0.49 7.94 46.47
N LYS A 450 0.13 8.66 45.52
CA LYS A 450 -0.39 8.85 44.13
C LYS A 450 0.74 8.94 43.10
N SER A 451 0.61 8.24 41.96
CA SER A 451 1.68 8.28 40.97
C SER A 451 1.55 7.44 39.70
N ILE A 452 2.65 7.44 38.93
CA ILE A 452 2.91 6.77 37.65
C ILE A 452 2.06 7.15 36.45
N ASP A 453 2.71 7.19 35.30
CA ASP A 453 2.05 7.55 34.06
C ASP A 453 1.71 6.32 33.25
N VAL A 454 1.02 6.56 32.13
CA VAL A 454 0.60 5.51 31.21
C VAL A 454 0.50 6.01 29.79
N PHE A 455 1.16 5.30 28.87
CA PHE A 455 1.16 5.63 27.45
C PHE A 455 -0.08 5.14 26.73
N ASN A 456 -0.81 6.05 26.07
CA ASN A 456 -2.00 5.66 25.33
C ASN A 456 -1.78 5.96 23.89
N SER A 457 -2.24 5.05 23.04
CA SER A 457 -2.07 5.17 21.60
C SER A 457 -3.04 6.08 20.89
N GLN A 458 -4.20 6.29 21.48
CA GLN A 458 -5.19 7.10 20.81
C GLN A 458 -6.36 7.38 21.71
N ILE A 459 -6.89 8.57 21.55
CA ILE A 459 -8.01 9.01 22.35
C ILE A 459 -9.18 8.07 22.25
N LEU A 460 -9.91 7.91 23.34
CA LEU A 460 -11.05 7.03 23.33
C LEU A 460 -12.00 7.38 22.19
N HIS A 461 -12.50 8.63 22.17
CA HIS A 461 -13.44 9.03 21.13
C HIS A 461 -12.90 8.69 19.78
N THR A 462 -11.59 8.50 19.69
CA THR A 462 -10.97 8.17 18.42
C THR A 462 -11.27 6.73 18.05
N SER A 463 -10.84 5.84 18.93
CA SER A 463 -11.06 4.42 18.77
C SER A 463 -12.56 4.22 18.55
N ARG A 464 -13.35 4.84 19.43
CA ARG A 464 -14.81 4.76 19.36
C ARG A 464 -15.23 4.95 17.91
N GLN A 465 -15.28 6.21 17.47
CA GLN A 465 -15.72 6.51 16.12
C GLN A 465 -14.94 5.78 15.03
N LEU A 466 -13.70 5.41 15.30
CA LEU A 466 -12.93 4.73 14.28
C LEU A 466 -13.46 3.32 14.02
N SER A 467 -14.16 2.76 15.00
CA SER A 467 -14.72 1.42 14.89
C SER A 467 -16.18 1.38 14.45
N LEU A 468 -16.71 2.49 13.97
CA LEU A 468 -18.09 2.52 13.52
C LEU A 468 -18.20 3.01 12.08
N ASN A 469 -18.07 4.31 11.87
CA ASN A 469 -18.19 4.88 10.54
C ASN A 469 -17.07 4.42 9.61
N ASN A 470 -17.00 5.04 8.44
CA ASN A 470 -15.99 4.72 7.44
C ASN A 470 -15.54 6.00 6.75
N TYR A 471 -14.28 6.37 6.92
CA TYR A 471 -13.79 7.60 6.27
C TYR A 471 -12.66 7.27 5.32
N LEU A 472 -12.86 7.43 4.01
CA LEU A 472 -11.80 7.11 3.08
C LEU A 472 -10.71 8.18 3.08
N LEU A 473 -9.49 7.67 3.29
CA LEU A 473 -8.28 8.46 3.37
C LEU A 473 -7.17 7.72 2.65
N SER A 474 -6.50 8.41 1.74
CA SER A 474 -5.41 7.81 0.98
C SER A 474 -4.41 7.15 1.89
N PRO A 475 -3.61 6.22 1.34
CA PRO A 475 -2.61 5.50 2.13
C PRO A 475 -1.61 6.44 2.80
N ASP A 476 -0.82 7.15 2.00
CA ASP A 476 0.19 8.09 2.51
C ASP A 476 -0.46 9.48 2.66
N SER A 477 -1.45 9.57 3.56
CA SER A 477 -2.13 10.83 3.79
C SER A 477 -2.54 10.86 5.23
N PHE A 478 -2.48 12.06 5.81
CA PHE A 478 -2.81 12.22 7.20
C PHE A 478 -4.22 12.73 7.46
N ALA A 479 -4.37 13.37 8.60
CA ALA A 479 -5.64 13.91 9.00
C ALA A 479 -5.35 15.14 9.86
N VAL A 480 -5.36 16.30 9.24
CA VAL A 480 -5.06 17.58 9.88
C VAL A 480 -6.03 18.06 10.97
N TYR A 481 -5.55 18.06 12.20
CA TYR A 481 -6.37 18.52 13.31
C TYR A 481 -5.56 19.53 14.09
N ARG A 482 -6.12 20.75 14.20
CA ARG A 482 -5.43 21.81 14.91
C ARG A 482 -5.78 21.82 16.39
N ILE A 483 -4.77 21.62 17.22
CA ILE A 483 -5.02 21.66 18.64
C ILE A 483 -4.39 22.90 19.20
N ILE A 484 -5.07 23.50 20.17
CA ILE A 484 -4.58 24.72 20.76
C ILE A 484 -4.98 24.79 22.24
N ASP A 485 -4.33 25.67 22.98
CA ASP A 485 -4.59 25.86 24.42
C ASP A 485 -5.17 27.23 24.77
N SER A 486 -4.33 28.14 25.26
CA SER A 486 -4.83 29.46 25.60
C SER A 486 -3.74 30.51 25.35
N ASN A 487 -2.50 30.18 25.76
CA ASN A 487 -1.31 31.05 25.62
C ASN A 487 -1.06 31.50 24.18
N GLY A 488 -1.26 30.60 23.24
CA GLY A 488 -1.04 30.92 21.85
C GLY A 488 -0.47 29.75 21.09
N SER A 489 0.00 28.74 21.83
CA SER A 489 0.60 27.54 21.24
C SER A 489 -0.37 26.70 20.39
N TRP A 490 0.01 26.50 19.14
CA TRP A 490 -0.82 25.74 18.22
C TRP A 490 -0.02 24.87 17.30
N PHE A 491 -0.45 23.63 17.18
CA PHE A 491 0.22 22.68 16.32
C PHE A 491 -0.83 21.78 15.68
N ASP A 492 -0.36 20.78 14.94
CA ASP A 492 -1.25 19.87 14.25
C ASP A 492 -0.94 18.41 14.53
N ILE A 493 -1.91 17.55 14.24
CA ILE A 493 -1.72 16.12 14.41
C ILE A 493 -2.32 15.50 13.18
N GLY A 494 -1.53 14.70 12.49
CA GLY A 494 -2.00 14.06 11.28
C GLY A 494 -2.22 12.58 11.49
N ILE A 495 -3.46 12.17 11.63
CA ILE A 495 -3.70 10.78 11.87
C ILE A 495 -3.28 9.89 10.73
N ASP A 496 -2.68 8.77 11.13
CA ASP A 496 -2.19 7.79 10.18
C ASP A 496 -3.24 6.78 9.75
N SER A 497 -3.16 6.33 8.51
CA SER A 497 -4.12 5.36 8.02
C SER A 497 -4.08 4.07 8.83
N ASP A 498 -3.25 4.02 9.87
CA ASP A 498 -3.16 2.84 10.72
C ASP A 498 -3.69 3.09 12.11
N GLY A 499 -4.09 4.32 12.39
CA GLY A 499 -4.62 4.61 13.70
C GLY A 499 -3.61 5.26 14.63
N PHE A 500 -2.65 5.97 14.06
CA PHE A 500 -1.70 6.61 14.92
C PHE A 500 -1.71 8.10 14.69
N SER A 501 -1.01 8.81 15.56
CA SER A 501 -0.96 10.24 15.45
C SER A 501 0.45 10.74 15.28
N PHE A 502 0.57 11.79 14.47
CA PHE A 502 1.85 12.38 14.18
C PHE A 502 1.87 13.89 14.30
N VAL A 503 3.08 14.41 14.50
CA VAL A 503 3.30 15.84 14.65
C VAL A 503 4.70 16.20 14.15
N GLY A 504 4.90 17.46 13.80
CA GLY A 504 6.21 17.86 13.31
C GLY A 504 6.88 18.82 14.27
N VAL A 505 7.14 18.37 15.48
CA VAL A 505 7.77 19.23 16.46
C VAL A 505 8.90 18.50 17.16
N SER A 506 9.86 19.25 17.71
CA SER A 506 10.98 18.63 18.43
C SER A 506 10.59 18.20 19.87
N SER A 507 9.93 19.09 20.63
CA SER A 507 9.47 18.84 22.03
C SER A 507 8.60 20.01 22.58
N ILE A 508 7.59 19.69 23.40
CA ILE A 508 6.70 20.68 24.04
C ILE A 508 6.31 20.13 25.43
N GLY A 509 5.85 21.00 26.33
CA GLY A 509 5.48 20.55 27.67
C GLY A 509 4.51 21.44 28.44
N LYS A 510 4.97 22.67 28.73
CA LYS A 510 4.24 23.70 29.50
C LYS A 510 3.16 24.45 28.70
N LEU A 511 1.91 24.01 28.84
CA LEU A 511 0.80 24.63 28.13
C LEU A 511 -0.46 24.61 28.98
N GLU A 512 -1.29 25.65 28.83
CA GLU A 512 -2.56 25.75 29.53
C GLU A 512 -3.42 24.60 29.05
N PHE A 513 -3.44 23.51 29.82
CA PHE A 513 -4.16 22.28 29.47
C PHE A 513 -5.60 22.42 28.96
N PRO A 514 -6.39 23.39 29.49
CA PRO A 514 -7.77 23.54 28.97
C PRO A 514 -7.67 23.93 27.49
N LEU A 515 -7.53 22.90 26.64
CA LEU A 515 -7.37 23.03 25.20
C LEU A 515 -8.65 23.14 24.40
N THR A 516 -8.51 22.88 23.11
CA THR A 516 -9.60 22.91 22.14
C THR A 516 -9.07 22.22 20.90
N ALA A 517 -9.90 21.99 19.89
CA ALA A 517 -9.42 21.32 18.70
C ALA A 517 -10.39 21.26 17.53
N SER A 518 -9.83 21.43 16.34
CA SER A 518 -10.62 21.37 15.11
C SER A 518 -9.86 20.52 14.06
N TYR A 519 -10.29 20.63 12.81
CA TYR A 519 -9.67 19.85 11.74
C TYR A 519 -9.63 20.67 10.48
N MET A 520 -8.50 20.63 9.81
CA MET A 520 -8.33 21.39 8.59
C MET A 520 -8.29 20.45 7.40
N GLY A 521 -9.02 19.34 7.48
CA GLY A 521 -9.02 18.39 6.37
C GLY A 521 -7.97 17.29 6.46
N ASN A 522 -7.10 17.21 5.45
CA ASN A 522 -6.01 16.23 5.38
C ASN A 522 -4.96 16.46 4.26
N GLN A 523 -3.69 16.44 4.64
CA GLN A 523 -2.57 16.63 3.71
C GLN A 523 -1.73 15.37 3.62
N LEU A 524 -0.74 15.39 2.74
CA LEU A 524 0.12 14.23 2.57
C LEU A 524 0.81 13.83 3.84
N ALA A 525 1.56 12.75 3.74
CA ALA A 525 2.28 12.23 4.89
C ALA A 525 3.68 12.84 4.93
N LYS A 526 4.27 13.05 3.75
CA LYS A 526 5.62 13.62 3.70
C LYS A 526 5.77 15.02 4.31
N ILE A 527 5.03 15.99 3.76
CA ILE A 527 5.07 17.38 4.24
C ILE A 527 4.90 17.41 5.75
N ARG A 528 5.70 18.25 6.42
CA ARG A 528 5.61 18.32 7.87
C ARG A 528 4.35 18.96 8.40
N LEU A 529 4.39 19.36 9.67
CA LEU A 529 3.24 19.99 10.32
C LEU A 529 3.75 21.16 11.14
N ALA A 530 3.65 22.38 10.61
CA ALA A 530 4.14 23.55 11.35
C ALA A 530 3.48 23.63 12.72
N SER A 531 3.91 24.58 13.53
CA SER A 531 3.36 24.72 14.87
C SER A 531 3.87 26.00 15.48
N ASN A 532 3.66 26.15 16.79
CA ASN A 532 4.08 27.32 17.51
C ASN A 532 4.20 26.99 18.99
N ILE A 533 5.43 26.92 19.48
CA ILE A 533 5.72 26.68 20.89
C ILE A 533 7.05 27.46 21.25
N ARG A 534 7.16 27.90 22.53
CA ARG A 534 8.30 28.67 23.10
C ARG A 534 8.42 30.12 22.58
N PRO B 5 -8.38 41.27 -9.52
CA PRO B 5 -6.95 40.99 -9.77
C PRO B 5 -5.97 42.17 -9.56
N GLU B 6 -6.46 43.36 -9.95
CA GLU B 6 -5.78 44.66 -9.87
C GLU B 6 -6.41 45.39 -8.67
N GLN B 7 -5.58 45.59 -7.67
CA GLN B 7 -5.97 46.25 -6.46
C GLN B 7 -4.97 47.36 -6.24
N GLY B 8 -5.45 48.54 -5.89
CA GLY B 8 -4.51 49.63 -5.67
C GLY B 8 -4.76 50.80 -6.60
N THR B 9 -4.20 51.96 -6.24
CA THR B 9 -4.36 53.14 -7.05
C THR B 9 -3.50 53.08 -8.27
N THR B 10 -3.58 54.14 -9.05
CA THR B 10 -2.83 54.20 -10.27
C THR B 10 -2.45 55.67 -10.56
N VAL B 11 -1.19 55.86 -10.97
CA VAL B 11 -0.62 57.19 -11.27
C VAL B 11 0.32 57.20 -12.48
N GLY B 12 0.36 58.34 -13.18
CA GLY B 12 1.22 58.49 -14.34
C GLY B 12 2.61 59.05 -14.04
N GLY B 13 3.60 58.72 -14.87
CA GLY B 13 4.96 59.21 -14.65
C GLY B 13 5.32 60.27 -15.67
N VAL B 14 4.35 61.19 -15.92
CA VAL B 14 4.30 62.35 -16.89
C VAL B 14 4.70 62.09 -18.35
N ILE B 15 5.38 60.96 -18.54
CA ILE B 15 5.86 60.55 -19.83
C ILE B 15 5.32 59.09 -20.05
N ALA B 16 4.00 58.95 -20.32
CA ALA B 16 3.30 57.65 -20.56
C ALA B 16 3.46 57.25 -22.03
N GLU B 17 3.48 55.95 -22.32
CA GLU B 17 3.67 55.48 -23.70
C GLU B 17 2.40 55.41 -24.58
N PRO B 18 2.47 55.97 -25.82
CA PRO B 18 1.38 56.02 -26.83
C PRO B 18 1.26 54.66 -27.57
N SER B 19 0.93 53.65 -26.77
CA SER B 19 0.77 52.23 -27.16
C SER B 19 0.95 51.98 -28.66
N VAL B 20 -0.16 52.01 -29.40
CA VAL B 20 -0.18 51.78 -30.84
C VAL B 20 1.11 52.19 -31.52
N GLN B 21 1.09 53.34 -32.19
CA GLN B 21 2.24 53.86 -32.88
C GLN B 21 3.50 52.98 -32.72
N MET B 22 4.09 52.96 -31.53
CA MET B 22 5.31 52.18 -31.38
C MET B 22 5.21 50.69 -31.64
N SER B 23 4.80 49.98 -30.59
CA SER B 23 4.64 48.54 -30.60
C SER B 23 3.75 48.12 -31.80
N ALA B 24 2.64 48.82 -32.01
CA ALA B 24 1.77 48.51 -33.14
C ALA B 24 2.52 48.82 -34.45
N ALA B 25 3.83 48.95 -34.38
CA ALA B 25 4.61 49.22 -35.56
C ALA B 25 5.79 48.28 -35.64
N ALA B 26 6.55 48.24 -34.54
CA ALA B 26 7.72 47.38 -34.45
C ALA B 26 7.57 46.11 -35.29
N ASP B 27 6.58 45.29 -34.94
CA ASP B 27 6.31 44.04 -35.67
C ASP B 27 6.59 44.17 -37.16
N MET B 28 6.02 45.21 -37.75
CA MET B 28 6.21 45.48 -39.16
C MET B 28 7.64 45.18 -39.54
N ALA B 29 8.54 45.97 -38.96
CA ALA B 29 9.97 45.84 -39.20
C ALA B 29 10.51 44.60 -38.53
N THR B 30 9.61 43.78 -38.02
CA THR B 30 10.04 42.58 -37.34
C THR B 30 9.59 41.38 -38.11
N GLY B 31 8.97 41.61 -39.26
CA GLY B 31 8.49 40.47 -39.99
C GLY B 31 7.39 39.86 -39.14
N LYS B 32 7.55 39.88 -37.82
CA LYS B 32 6.56 39.33 -36.86
C LYS B 32 5.15 39.53 -37.39
N SER B 33 4.51 38.44 -37.76
CA SER B 33 3.15 38.55 -38.24
C SER B 33 2.26 37.62 -37.41
N VAL B 34 2.34 36.31 -37.67
CA VAL B 34 1.55 35.32 -36.93
C VAL B 34 1.88 35.48 -35.43
N ASP B 35 1.00 36.12 -34.66
CA ASP B 35 1.22 36.33 -33.22
C ASP B 35 1.94 35.12 -32.65
N SER B 36 1.21 34.00 -32.59
CA SER B 36 1.78 32.75 -32.10
C SER B 36 2.36 31.96 -33.31
N GLU B 37 3.42 32.52 -33.91
CA GLU B 37 4.11 31.93 -35.07
C GLU B 37 4.80 30.60 -34.71
N TRP B 38 4.44 30.05 -33.55
CA TRP B 38 5.01 28.79 -33.06
C TRP B 38 3.93 27.67 -33.01
N GLU B 39 2.72 28.03 -33.46
CA GLU B 39 1.58 27.13 -33.55
C GLU B 39 1.14 27.02 -35.02
N ALA B 40 2.01 27.41 -35.94
CA ALA B 40 1.69 27.34 -37.35
C ALA B 40 2.82 26.69 -38.17
N PHE B 41 3.85 26.19 -37.46
CA PHE B 41 5.01 25.51 -38.08
C PHE B 41 5.34 24.23 -37.32
N PHE B 42 5.87 23.25 -38.04
CA PHE B 42 6.25 21.98 -37.45
C PHE B 42 7.64 22.01 -36.87
N SER B 43 7.79 21.47 -35.67
CA SER B 43 9.09 21.46 -35.04
C SER B 43 9.75 20.13 -35.34
N PHE B 44 10.53 19.61 -34.42
CA PHE B 44 11.16 18.34 -34.70
C PHE B 44 11.40 17.59 -33.42
N HIS B 45 10.78 16.41 -33.29
CA HIS B 45 10.98 15.61 -32.08
C HIS B 45 12.15 14.66 -32.21
N THR B 46 11.89 13.37 -32.46
CA THR B 46 12.99 12.41 -32.58
C THR B 46 13.19 11.95 -34.02
N SER B 47 14.16 11.07 -34.21
CA SER B 47 14.42 10.60 -35.56
C SER B 47 15.19 9.30 -35.50
N VAL B 48 14.48 8.19 -35.57
CA VAL B 48 15.14 6.91 -35.56
C VAL B 48 15.04 6.34 -36.94
N ASN B 49 16.15 5.75 -37.35
CA ASN B 49 16.32 5.12 -38.64
C ASN B 49 15.72 3.74 -38.65
N TRP B 50 15.14 3.42 -39.79
CA TRP B 50 14.50 2.15 -40.00
C TRP B 50 15.40 1.34 -40.91
N SER B 51 15.70 0.11 -40.50
CA SER B 51 16.59 -0.76 -41.29
C SER B 51 15.90 -1.97 -41.90
N THR B 52 16.70 -2.84 -42.50
CA THR B 52 16.18 -4.05 -43.12
C THR B 52 16.24 -5.17 -42.10
N SER B 53 17.10 -5.01 -41.11
CA SER B 53 17.24 -6.04 -40.09
C SER B 53 15.98 -6.06 -39.21
N GLU B 54 15.17 -5.01 -39.33
CA GLU B 54 13.93 -4.87 -38.55
C GLU B 54 12.85 -5.85 -38.98
N THR B 55 12.37 -6.65 -38.05
CA THR B 55 11.34 -7.63 -38.38
C THR B 55 9.93 -7.04 -38.36
N GLN B 56 9.13 -7.38 -39.38
CA GLN B 56 7.78 -6.85 -39.49
C GLN B 56 6.96 -6.84 -38.23
N GLY B 57 6.58 -5.64 -37.82
CA GLY B 57 5.77 -5.53 -36.64
C GLY B 57 6.42 -4.86 -35.47
N LYS B 58 7.74 -4.76 -35.44
CA LYS B 58 8.38 -4.10 -34.30
C LYS B 58 8.01 -2.63 -34.27
N ILE B 59 7.44 -2.20 -33.17
CA ILE B 59 7.06 -0.80 -33.00
C ILE B 59 8.27 0.07 -33.29
N LEU B 60 8.08 1.12 -34.07
CA LEU B 60 9.20 1.98 -34.38
C LEU B 60 9.05 3.33 -33.74
N PHE B 61 7.91 3.54 -33.11
CA PHE B 61 7.67 4.81 -32.49
C PHE B 61 6.40 4.88 -31.69
N LYS B 62 6.50 4.46 -30.44
CA LYS B 62 5.36 4.44 -29.57
C LYS B 62 5.35 5.68 -28.68
N GLN B 63 4.49 6.63 -28.98
CA GLN B 63 4.41 7.82 -28.14
C GLN B 63 2.97 8.15 -27.73
N SER B 64 2.82 8.77 -26.56
CA SER B 64 1.51 9.13 -26.05
C SER B 64 1.30 10.62 -26.12
N LEU B 65 0.08 11.00 -26.45
CA LEU B 65 -0.30 12.41 -26.54
C LEU B 65 -0.04 13.17 -25.26
N GLY B 66 0.76 14.22 -25.37
CA GLY B 66 1.08 15.01 -24.21
C GLY B 66 1.99 16.14 -24.63
N PRO B 67 2.14 17.15 -23.77
CA PRO B 67 3.00 18.29 -24.08
C PRO B 67 4.45 17.90 -24.33
N LEU B 68 4.82 16.67 -23.96
CA LEU B 68 6.18 16.14 -24.14
C LEU B 68 6.45 15.76 -25.58
N LEU B 69 5.55 16.12 -26.48
CA LEU B 69 5.70 15.80 -27.89
C LEU B 69 6.49 16.88 -28.59
N ASN B 70 6.06 18.13 -28.41
CA ASN B 70 6.72 19.25 -29.05
C ASN B 70 7.48 20.06 -28.00
N PRO B 71 8.66 20.58 -28.35
CA PRO B 71 9.47 21.38 -27.43
C PRO B 71 8.77 22.61 -26.87
N TYR B 72 8.24 23.46 -27.74
CA TYR B 72 7.52 24.65 -27.28
C TYR B 72 6.57 24.18 -26.19
N LEU B 73 5.52 23.47 -26.60
CA LEU B 73 4.55 22.94 -25.66
C LEU B 73 5.29 22.48 -24.43
N THR B 74 6.42 21.82 -24.64
CA THR B 74 7.18 21.37 -23.49
C THR B 74 7.64 22.55 -22.66
N HIS B 75 8.43 23.45 -23.23
CA HIS B 75 8.87 24.54 -22.39
C HIS B 75 7.74 25.43 -21.92
N LEU B 76 6.58 25.36 -22.56
CA LEU B 76 5.46 26.19 -22.15
C LEU B 76 4.65 25.54 -21.07
N ALA B 77 4.72 24.23 -21.03
CA ALA B 77 3.98 23.46 -20.06
C ALA B 77 4.37 23.80 -18.65
N LYS B 78 5.67 23.99 -18.43
CA LYS B 78 6.18 24.29 -17.11
C LYS B 78 5.48 25.45 -16.44
N LEU B 79 4.71 26.19 -17.22
CA LEU B 79 3.97 27.33 -16.71
C LEU B 79 2.52 27.07 -16.34
N TYR B 80 1.95 26.03 -16.93
CA TYR B 80 0.57 25.71 -16.69
C TYR B 80 0.33 24.41 -15.93
N VAL B 81 -0.88 23.89 -16.05
CA VAL B 81 -1.23 22.68 -15.33
C VAL B 81 -2.18 21.85 -16.11
N ALA B 82 -3.02 22.55 -16.84
CA ALA B 82 -4.04 21.93 -17.64
C ALA B 82 -3.73 22.05 -19.10
N TRP B 83 -4.29 21.13 -19.87
CA TRP B 83 -4.11 21.12 -21.31
C TRP B 83 -5.12 20.23 -22.01
N SER B 84 -5.76 20.75 -23.05
CA SER B 84 -6.70 19.98 -23.82
C SER B 84 -6.50 20.34 -25.27
N GLY B 85 -6.60 19.36 -26.16
CA GLY B 85 -6.44 19.63 -27.59
C GLY B 85 -5.63 18.56 -28.31
N SER B 86 -5.48 18.64 -29.63
CA SER B 86 -4.69 17.62 -30.30
C SER B 86 -3.39 18.14 -30.81
N ILE B 87 -2.54 17.20 -31.17
CA ILE B 87 -1.24 17.55 -31.67
C ILE B 87 -0.93 16.83 -32.96
N GLU B 88 -0.54 17.58 -33.98
CA GLU B 88 -0.21 17.00 -35.27
C GLU B 88 1.21 16.43 -35.29
N VAL B 89 1.43 15.43 -36.15
CA VAL B 89 2.73 14.79 -36.27
C VAL B 89 3.07 14.43 -37.71
N ARG B 90 4.16 15.03 -38.19
CA ARG B 90 4.62 14.80 -39.56
C ARG B 90 5.87 13.98 -39.59
N PHE B 91 5.92 13.06 -40.54
CA PHE B 91 7.05 12.20 -40.67
C PHE B 91 7.71 12.38 -42.02
N SER B 92 9.02 12.39 -42.01
CA SER B 92 9.76 12.55 -43.23
C SER B 92 10.47 11.26 -43.50
N ILE B 93 10.22 10.73 -44.68
CA ILE B 93 10.82 9.49 -45.06
C ILE B 93 11.99 9.70 -46.00
N SER B 94 13.13 9.06 -45.73
CA SER B 94 14.28 9.20 -46.62
C SER B 94 14.87 7.85 -46.92
N GLY B 95 14.80 7.45 -48.19
CA GLY B 95 15.32 6.17 -48.58
C GLY B 95 15.25 6.07 -50.08
N SER B 96 16.33 5.57 -50.66
CA SER B 96 16.46 5.43 -52.11
C SER B 96 15.20 4.95 -52.83
N GLY B 97 14.83 5.66 -53.90
CA GLY B 97 13.66 5.29 -54.64
C GLY B 97 13.61 3.79 -54.86
N VAL B 98 14.78 3.19 -55.05
CA VAL B 98 14.86 1.75 -55.29
C VAL B 98 14.20 0.89 -54.24
N PHE B 99 14.11 1.43 -53.04
CA PHE B 99 13.53 0.74 -51.90
C PHE B 99 12.10 0.30 -52.00
N GLY B 100 11.69 -0.39 -50.95
CA GLY B 100 10.34 -0.86 -50.85
C GLY B 100 10.11 -1.13 -49.38
N GLY B 101 8.86 -1.01 -48.95
CA GLY B 101 8.53 -1.25 -47.55
C GLY B 101 7.51 -0.28 -47.01
N LYS B 102 6.41 -0.80 -46.46
CA LYS B 102 5.41 0.07 -45.92
C LYS B 102 5.42 0.07 -44.40
N LEU B 103 5.12 1.23 -43.85
CA LEU B 103 5.08 1.45 -42.43
C LEU B 103 3.65 1.85 -42.15
N ALA B 104 3.08 1.30 -41.11
CA ALA B 104 1.71 1.66 -40.80
C ALA B 104 1.64 2.26 -39.43
N ALA B 105 0.80 3.27 -39.32
CA ALA B 105 0.58 3.99 -38.07
C ALA B 105 -0.78 3.65 -37.53
N ILE B 106 -0.98 3.98 -36.26
CA ILE B 106 -2.25 3.68 -35.60
C ILE B 106 -2.48 4.50 -34.36
N VAL B 107 -3.75 4.79 -34.12
CA VAL B 107 -4.14 5.60 -33.00
C VAL B 107 -4.78 4.79 -31.89
N VAL B 108 -4.08 4.59 -30.79
CA VAL B 108 -4.68 3.83 -29.73
C VAL B 108 -5.34 4.70 -28.68
N PRO B 109 -6.60 4.43 -28.37
CA PRO B 109 -7.33 5.22 -27.38
C PRO B 109 -6.72 5.10 -26.00
N PRO B 110 -7.11 6.00 -25.11
CA PRO B 110 -6.60 6.00 -23.75
C PRO B 110 -7.15 4.85 -22.96
N GLY B 111 -6.26 4.05 -22.40
CA GLY B 111 -6.69 2.93 -21.60
C GLY B 111 -6.07 1.66 -22.09
N ILE B 112 -5.25 1.76 -23.12
CA ILE B 112 -4.62 0.59 -23.66
C ILE B 112 -3.17 0.87 -23.94
N GLU B 113 -2.31 -0.04 -23.50
CA GLU B 113 -0.89 0.13 -23.72
C GLU B 113 -0.49 -0.65 -24.97
N PRO B 114 0.23 0.02 -25.88
CA PRO B 114 0.71 -0.54 -27.15
C PRO B 114 1.56 -1.82 -26.99
N ILE B 115 1.26 -2.87 -27.77
CA ILE B 115 2.00 -4.15 -27.71
C ILE B 115 2.83 -4.38 -28.96
N GLN B 116 4.07 -4.83 -28.81
CA GLN B 116 4.88 -5.06 -30.00
C GLN B 116 4.27 -6.06 -30.96
N SER B 117 3.32 -6.85 -30.47
CA SER B 117 2.73 -7.88 -31.30
C SER B 117 1.97 -7.40 -32.54
N THR B 118 2.08 -8.21 -33.59
CA THR B 118 1.45 -7.94 -34.87
C THR B 118 -0.06 -7.73 -34.75
N SER B 119 -0.63 -8.22 -33.65
CA SER B 119 -2.07 -8.08 -33.40
C SER B 119 -2.53 -6.64 -33.54
N MET B 120 -1.61 -5.70 -33.43
CA MET B 120 -1.99 -4.31 -33.53
C MET B 120 -2.81 -4.05 -34.77
N LEU B 121 -2.26 -4.38 -35.92
CA LEU B 121 -2.96 -4.17 -37.16
C LEU B 121 -4.40 -4.65 -37.16
N GLN B 122 -4.76 -5.42 -36.14
CA GLN B 122 -6.12 -5.92 -36.05
C GLN B 122 -6.98 -4.79 -35.49
N TYR B 123 -6.73 -3.61 -36.01
CA TYR B 123 -7.42 -2.44 -35.58
C TYR B 123 -7.18 -1.49 -36.73
N PRO B 124 -8.15 -0.65 -37.05
CA PRO B 124 -8.01 0.29 -38.16
C PRO B 124 -6.66 0.94 -38.18
N HIS B 125 -5.98 0.83 -39.30
CA HIS B 125 -4.65 1.39 -39.42
C HIS B 125 -4.47 1.99 -40.79
N VAL B 126 -3.44 2.81 -40.91
CA VAL B 126 -3.16 3.48 -42.15
C VAL B 126 -1.96 2.85 -42.81
N LEU B 127 -1.81 3.14 -44.10
CA LEU B 127 -0.70 2.60 -44.83
C LEU B 127 0.21 3.65 -45.40
N PHE B 128 1.41 3.71 -44.86
CA PHE B 128 2.40 4.67 -45.29
C PHE B 128 3.55 3.87 -45.94
N ASP B 129 4.17 4.43 -46.99
CA ASP B 129 5.29 3.76 -47.68
C ASP B 129 6.55 4.64 -47.86
N ALA B 130 7.70 4.01 -48.05
CA ALA B 130 8.98 4.71 -48.17
C ALA B 130 9.18 5.52 -49.43
N ARG B 131 8.90 4.91 -50.56
CA ARG B 131 9.11 5.61 -51.81
C ARG B 131 8.25 6.85 -51.99
N GLN B 132 7.64 7.37 -50.92
CA GLN B 132 6.78 8.56 -51.05
C GLN B 132 7.49 9.91 -50.79
N VAL B 133 7.40 10.80 -51.78
CA VAL B 133 7.99 12.13 -51.68
C VAL B 133 7.30 12.95 -50.58
N GLU B 134 6.27 13.70 -50.94
CA GLU B 134 5.54 14.51 -49.96
C GLU B 134 5.35 13.74 -48.64
N PRO B 135 5.73 14.35 -47.50
CA PRO B 135 5.61 13.72 -46.18
C PRO B 135 4.16 13.59 -45.74
N VAL B 136 3.90 12.67 -44.82
CA VAL B 136 2.55 12.47 -44.33
C VAL B 136 2.34 12.98 -42.94
N ILE B 137 1.15 13.55 -42.71
CA ILE B 137 0.84 14.09 -41.40
C ILE B 137 -0.57 13.76 -41.03
N PHE B 138 -0.80 13.78 -39.73
CA PHE B 138 -2.12 13.54 -39.19
C PHE B 138 -2.18 13.87 -37.73
N THR B 139 -3.36 14.32 -37.31
CA THR B 139 -3.62 14.73 -35.94
C THR B 139 -3.74 13.55 -34.98
N ILE B 140 -3.39 13.78 -33.72
CA ILE B 140 -3.52 12.73 -32.73
C ILE B 140 -4.65 13.24 -31.90
N PRO B 141 -5.88 12.80 -32.23
CA PRO B 141 -7.13 13.17 -31.57
C PRO B 141 -7.08 12.98 -30.08
N ASP B 142 -7.67 13.93 -29.38
CA ASP B 142 -7.69 13.84 -27.94
C ASP B 142 -9.03 13.35 -27.42
N LEU B 143 -9.08 12.05 -27.16
CA LEU B 143 -10.27 11.43 -26.61
C LEU B 143 -10.00 11.38 -25.14
N ARG B 144 -10.93 11.85 -24.33
CA ARG B 144 -10.71 11.86 -22.88
C ARG B 144 -11.98 11.77 -22.03
N SER B 145 -11.82 11.33 -20.78
CA SER B 145 -12.94 11.22 -19.88
C SER B 145 -13.21 12.61 -19.32
N THR B 146 -12.18 13.15 -18.69
CA THR B 146 -12.23 14.47 -18.11
C THR B 146 -12.56 15.56 -19.10
N LEU B 147 -12.29 16.79 -18.67
CA LEU B 147 -12.53 17.96 -19.47
C LEU B 147 -11.22 18.62 -19.85
N TYR B 148 -10.12 18.02 -19.39
CA TYR B 148 -8.75 18.49 -19.60
C TYR B 148 -7.89 17.71 -18.63
N HIS B 149 -6.60 17.54 -18.93
CA HIS B 149 -5.76 16.81 -17.98
C HIS B 149 -4.66 17.65 -17.33
N LEU B 150 -4.09 17.11 -16.25
CA LEU B 150 -3.00 17.76 -15.52
C LEU B 150 -1.75 17.07 -16.04
N MET B 151 -0.61 17.75 -16.04
CA MET B 151 0.58 17.10 -16.55
C MET B 151 0.85 15.70 -16.02
N SER B 152 0.19 15.31 -14.94
CA SER B 152 0.38 13.99 -14.36
C SER B 152 -0.20 12.86 -15.20
N ASP B 153 -1.20 13.20 -16.02
CA ASP B 153 -1.87 12.27 -16.91
C ASP B 153 -0.94 11.74 -17.99
N THR B 154 -0.76 10.43 -18.01
CA THR B 154 0.09 9.79 -19.00
C THR B 154 -0.71 8.96 -19.99
N ASP B 155 -1.87 8.48 -19.54
CA ASP B 155 -2.71 7.66 -20.41
C ASP B 155 -3.70 8.46 -21.21
N THR B 156 -3.44 8.50 -22.51
CA THR B 156 -4.31 9.24 -23.39
C THR B 156 -4.23 8.65 -24.77
N THR B 157 -5.04 9.22 -25.65
CA THR B 157 -5.07 8.79 -27.02
C THR B 157 -3.67 8.91 -27.59
N SER B 158 -2.92 7.81 -27.57
CA SER B 158 -1.56 7.80 -28.08
C SER B 158 -1.42 7.23 -29.49
N LEU B 159 -0.37 7.65 -30.17
CA LEU B 159 -0.07 7.25 -31.54
C LEU B 159 1.17 6.42 -31.70
N VAL B 160 1.14 5.52 -32.69
CA VAL B 160 2.29 4.67 -32.92
C VAL B 160 2.46 4.18 -34.36
N ILE B 161 3.72 3.93 -34.70
CA ILE B 161 4.09 3.45 -36.01
C ILE B 161 4.78 2.14 -35.96
N MET B 162 4.35 1.24 -36.84
CA MET B 162 4.89 -0.09 -36.88
C MET B 162 5.26 -0.53 -38.29
N ILE B 163 6.26 -1.39 -38.39
CA ILE B 163 6.69 -1.84 -39.70
C ILE B 163 5.74 -2.85 -40.33
N TYR B 164 5.01 -2.39 -41.33
CA TYR B 164 4.08 -3.26 -42.02
C TYR B 164 4.82 -4.26 -42.88
N ASN B 165 5.30 -3.77 -44.02
CA ASN B 165 6.05 -4.61 -44.96
C ASN B 165 7.54 -4.34 -44.80
N ASP B 166 8.27 -5.38 -44.42
CA ASP B 166 9.70 -5.25 -44.20
C ASP B 166 10.45 -4.35 -45.18
N LEU B 167 11.39 -3.61 -44.65
CA LEU B 167 12.17 -2.74 -45.47
C LEU B 167 12.95 -3.60 -46.42
N ILE B 168 12.98 -3.20 -47.68
CA ILE B 168 13.68 -3.96 -48.69
C ILE B 168 14.72 -3.17 -49.44
N ASN B 169 15.93 -3.67 -49.43
CA ASN B 169 17.01 -3.02 -50.14
C ASN B 169 17.46 -3.94 -51.24
N PRO B 170 17.05 -3.66 -52.48
CA PRO B 170 17.42 -4.49 -53.61
C PRO B 170 18.83 -5.01 -53.54
N TYR B 171 19.77 -4.25 -54.07
CA TYR B 171 21.14 -4.68 -54.07
C TYR B 171 21.91 -4.52 -52.79
N ALA B 172 21.47 -5.22 -51.76
CA ALA B 172 22.20 -5.20 -50.52
C ALA B 172 22.83 -6.58 -50.56
N ASN B 173 22.38 -7.46 -49.64
CA ASN B 173 22.86 -8.87 -49.51
C ASN B 173 24.42 -8.92 -49.43
N ASP B 174 24.97 -8.55 -48.25
CA ASP B 174 26.42 -8.55 -47.99
C ASP B 174 26.92 -8.04 -46.64
N SER B 175 27.98 -7.23 -46.75
CA SER B 175 28.69 -6.52 -45.68
C SER B 175 28.27 -5.03 -45.78
N ASN B 176 27.15 -4.69 -45.11
CA ASN B 176 26.56 -3.33 -45.06
C ASN B 176 25.70 -2.99 -46.30
N SER B 177 24.65 -2.25 -46.02
CA SER B 177 23.68 -1.81 -47.01
C SER B 177 22.92 -0.67 -46.33
N SER B 178 22.84 -0.73 -45.00
CA SER B 178 22.17 0.27 -44.16
C SER B 178 20.66 0.19 -44.29
N GLY B 179 20.00 1.18 -43.69
CA GLY B 179 18.57 1.24 -43.77
C GLY B 179 18.20 2.54 -44.45
N CYS B 180 17.40 3.32 -43.75
CA CYS B 180 16.91 4.61 -44.20
C CYS B 180 16.41 5.27 -42.94
N ILE B 181 16.58 6.57 -42.91
CA ILE B 181 16.21 7.37 -41.79
C ILE B 181 14.84 7.96 -42.01
N VAL B 182 14.18 8.28 -40.92
CA VAL B 182 12.87 8.87 -41.00
C VAL B 182 12.66 9.60 -39.72
N THR B 183 12.49 10.91 -39.87
CA THR B 183 12.29 11.82 -38.77
C THR B 183 10.87 11.90 -38.27
N VAL B 184 10.70 12.76 -37.27
CA VAL B 184 9.41 12.95 -36.67
C VAL B 184 9.29 14.37 -36.21
N GLU B 185 8.33 15.11 -36.75
CA GLU B 185 8.16 16.48 -36.32
C GLU B 185 6.78 16.61 -35.72
N THR B 186 6.53 17.71 -35.02
CA THR B 186 5.24 17.87 -34.40
C THR B 186 4.82 19.32 -34.46
N LYS B 187 3.50 19.52 -34.51
CA LYS B 187 2.96 20.86 -34.53
C LYS B 187 1.78 20.85 -33.62
N PRO B 188 1.72 21.85 -32.74
CA PRO B 188 0.59 21.95 -31.80
C PRO B 188 -0.74 22.10 -32.53
N GLY B 189 -1.59 21.08 -32.46
CA GLY B 189 -2.88 21.15 -33.14
C GLY B 189 -3.68 22.41 -32.87
N PRO B 190 -4.53 22.86 -33.81
CA PRO B 190 -5.31 24.08 -33.60
C PRO B 190 -6.25 23.96 -32.40
N ASP B 191 -6.90 22.81 -32.30
CA ASP B 191 -7.83 22.53 -31.21
C ASP B 191 -7.15 22.54 -29.85
N PHE B 192 -5.83 22.42 -29.85
CA PHE B 192 -5.08 22.40 -28.60
C PHE B 192 -5.08 23.73 -27.88
N LYS B 193 -4.79 23.73 -26.58
CA LYS B 193 -4.79 24.96 -25.80
C LYS B 193 -4.54 24.61 -24.33
N PHE B 194 -3.67 25.37 -23.69
CA PHE B 194 -3.35 25.14 -22.28
C PHE B 194 -4.41 25.76 -21.40
N HIS B 195 -4.42 25.41 -20.11
CA HIS B 195 -5.43 26.00 -19.23
C HIS B 195 -5.04 26.65 -17.93
N LEU B 196 -4.91 25.86 -16.87
CA LEU B 196 -4.58 26.42 -15.58
C LEU B 196 -3.16 26.85 -15.42
N LEU B 197 -2.99 28.02 -14.83
CA LEU B 197 -1.68 28.56 -14.63
C LEU B 197 -1.05 28.10 -13.32
N LYS B 198 0.12 27.48 -13.40
CA LYS B 198 0.81 26.97 -12.22
C LYS B 198 1.59 28.07 -11.48
N PRO B 199 1.46 28.13 -10.15
CA PRO B 199 2.13 29.11 -9.30
C PRO B 199 3.58 28.69 -9.14
N PRO B 200 4.51 29.53 -9.62
CA PRO B 200 5.96 29.35 -9.58
C PRO B 200 6.47 28.37 -8.55
N GLY B 201 7.25 27.39 -8.98
CA GLY B 201 7.82 26.40 -8.09
C GLY B 201 6.80 25.62 -7.28
N SER B 202 5.66 25.40 -7.90
CA SER B 202 4.56 24.70 -7.27
C SER B 202 4.78 23.19 -7.29
N MET B 203 4.02 22.49 -6.46
CA MET B 203 4.16 21.05 -6.38
C MET B 203 2.90 20.36 -6.87
N LEU B 204 3.07 19.54 -7.89
CA LEU B 204 1.97 18.78 -8.47
C LEU B 204 1.58 17.74 -7.42
N THR B 205 0.37 17.82 -6.89
CA THR B 205 -0.08 16.89 -5.85
C THR B 205 0.39 15.44 -5.95
N HIS B 206 0.15 14.80 -7.09
CA HIS B 206 0.56 13.41 -7.28
C HIS B 206 1.79 13.29 -8.15
N GLY B 207 2.94 13.61 -7.55
CA GLY B 207 4.21 13.53 -8.25
C GLY B 207 4.43 14.45 -9.44
N SER B 208 5.51 14.19 -10.17
CA SER B 208 5.85 14.97 -11.35
C SER B 208 5.74 14.03 -12.54
N VAL B 209 6.42 14.38 -13.63
CA VAL B 209 6.42 13.58 -14.87
C VAL B 209 7.77 12.86 -15.01
N PRO B 210 8.07 11.90 -14.12
CA PRO B 210 9.33 11.14 -14.13
C PRO B 210 9.90 10.93 -15.50
N CYS B 211 10.75 11.85 -15.93
CA CYS B 211 11.37 11.75 -17.24
C CYS B 211 12.38 12.88 -17.27
N ASP B 212 13.53 12.56 -16.67
CA ASP B 212 14.69 13.45 -16.54
C ASP B 212 15.78 12.73 -15.73
N LEU B 213 15.39 11.66 -15.04
CA LEU B 213 16.29 10.88 -14.19
C LEU B 213 17.63 10.62 -14.88
N ILE B 214 17.66 9.63 -15.75
CA ILE B 214 18.88 9.30 -16.49
C ILE B 214 19.27 10.47 -17.39
N PRO B 215 20.38 11.16 -17.09
CA PRO B 215 20.84 12.29 -17.89
C PRO B 215 21.03 11.90 -19.34
N LYS B 216 21.01 12.90 -20.23
CA LYS B 216 21.10 12.66 -21.66
C LYS B 216 22.48 12.29 -22.22
N SER B 217 23.51 12.85 -21.62
CA SER B 217 24.87 12.59 -22.06
C SER B 217 25.46 11.42 -21.28
N SER B 218 26.03 10.45 -21.99
CA SER B 218 26.61 9.29 -21.34
C SER B 218 27.78 9.65 -20.45
N SER B 219 28.53 10.67 -20.85
CA SER B 219 29.68 11.10 -20.08
C SER B 219 29.28 11.49 -18.66
N LEU B 220 28.12 12.09 -18.47
CA LEU B 220 27.75 12.49 -17.13
C LEU B 220 27.07 11.35 -16.37
N TRP B 221 27.56 10.12 -16.50
CA TRP B 221 26.95 9.00 -15.79
C TRP B 221 27.83 8.33 -14.75
N ILE B 222 27.63 8.71 -13.49
CA ILE B 222 28.41 8.15 -12.40
C ILE B 222 27.60 7.05 -11.74
N GLY B 223 28.26 6.16 -11.02
CA GLY B 223 27.57 5.08 -10.33
C GLY B 223 27.16 5.45 -8.92
N ASN B 224 26.14 4.78 -8.38
CA ASN B 224 25.70 5.09 -7.02
C ASN B 224 26.59 4.40 -6.01
N ARG B 225 27.55 3.63 -6.48
CA ARG B 225 28.45 2.91 -5.61
C ARG B 225 29.83 3.52 -5.66
N PHE B 226 30.14 4.19 -6.77
CA PHE B 226 31.46 4.79 -6.94
C PHE B 226 31.48 6.11 -7.69
N TRP B 227 32.27 7.07 -7.18
CA TRP B 227 32.39 8.38 -7.82
C TRP B 227 32.91 8.20 -9.24
N SER B 228 32.89 6.97 -9.72
CA SER B 228 33.35 6.67 -11.05
C SER B 228 32.23 6.61 -12.08
N ASP B 229 32.63 6.80 -13.34
CA ASP B 229 31.75 6.78 -14.52
C ASP B 229 31.13 5.42 -14.79
N ILE B 230 29.95 5.42 -15.39
CA ILE B 230 29.27 4.17 -15.68
C ILE B 230 30.19 3.17 -16.38
N THR B 231 30.47 3.40 -17.66
CA THR B 231 31.33 2.53 -18.46
C THR B 231 30.59 1.38 -19.19
N ASP B 232 29.58 0.73 -18.60
CA ASP B 232 28.92 -0.32 -19.38
C ASP B 232 27.58 -1.06 -19.24
N PHE B 233 27.66 -2.34 -18.92
CA PHE B 233 26.44 -3.12 -19.12
C PHE B 233 26.15 -4.48 -18.48
N VAL B 234 25.91 -4.66 -17.19
CA VAL B 234 25.64 -6.06 -16.85
C VAL B 234 24.20 -6.35 -16.45
N ILE B 235 23.77 -7.56 -16.80
CA ILE B 235 22.42 -8.05 -16.54
C ILE B 235 22.41 -9.30 -15.66
N ARG B 236 21.55 -9.31 -14.66
CA ARG B 236 21.42 -10.43 -13.74
C ARG B 236 19.96 -10.75 -13.41
N PRO B 237 19.66 -12.04 -13.24
CA PRO B 237 18.31 -12.52 -12.91
C PRO B 237 17.92 -12.08 -11.50
N PHE B 238 18.88 -11.54 -10.76
CA PHE B 238 18.61 -11.07 -9.40
C PHE B 238 19.56 -9.94 -9.02
N VAL B 239 18.98 -8.84 -8.51
CA VAL B 239 19.75 -7.67 -8.12
C VAL B 239 19.31 -7.15 -6.76
N PHE B 240 20.10 -6.24 -6.21
CA PHE B 240 19.82 -5.72 -4.89
C PHE B 240 20.83 -4.62 -4.57
N GLN B 241 21.05 -4.39 -3.27
CA GLN B 241 21.99 -3.37 -2.76
C GLN B 241 21.33 -2.04 -2.47
N ALA B 242 21.08 -1.72 -1.20
CA ALA B 242 20.47 -0.44 -0.89
C ALA B 242 21.47 0.51 -0.25
N ASN B 243 22.76 0.30 -0.51
CA ASN B 243 23.84 1.11 0.07
C ASN B 243 23.61 2.62 -0.10
N ARG B 244 23.16 2.99 -1.29
CA ARG B 244 22.88 4.38 -1.63
C ARG B 244 21.75 4.35 -2.65
N HIS B 245 20.81 3.43 -2.45
CA HIS B 245 19.68 3.23 -3.33
C HIS B 245 18.43 3.90 -2.79
N PHE B 246 17.74 4.66 -3.65
CA PHE B 246 16.53 5.35 -3.24
C PHE B 246 15.26 4.82 -3.84
N ASP B 247 14.15 5.29 -3.32
CA ASP B 247 12.86 4.86 -3.80
C ASP B 247 12.09 6.04 -4.35
N PHE B 248 10.97 5.77 -5.01
CA PHE B 248 10.14 6.82 -5.55
C PHE B 248 9.48 7.60 -4.45
N ASN B 249 9.36 7.00 -3.29
CA ASN B 249 8.75 7.69 -2.18
C ASN B 249 9.83 8.28 -1.32
N GLN B 250 10.97 8.58 -1.94
CA GLN B 250 12.14 9.16 -1.27
C GLN B 250 12.70 8.28 -0.16
N GLU B 251 11.96 7.24 0.22
CA GLU B 251 12.40 6.32 1.27
C GLU B 251 13.55 5.47 0.75
N THR B 252 14.58 5.33 1.58
CA THR B 252 15.77 4.54 1.22
C THR B 252 16.31 3.75 2.40
N ALA B 253 16.66 2.51 2.11
CA ALA B 253 17.21 1.61 3.11
C ALA B 253 18.66 1.99 3.33
N GLY B 254 19.21 2.75 2.40
CA GLY B 254 20.61 3.16 2.49
C GLY B 254 20.97 3.97 3.72
N TRP B 255 22.14 4.59 3.73
CA TRP B 255 22.48 5.39 4.88
C TRP B 255 23.24 6.60 4.45
N SER B 256 23.55 6.63 3.16
CA SER B 256 24.32 7.71 2.55
C SER B 256 23.49 8.59 1.61
N THR B 257 23.80 9.88 1.52
CA THR B 257 23.06 10.78 0.62
C THR B 257 23.69 10.57 -0.75
N PRO B 258 22.93 10.84 -1.84
CA PRO B 258 23.45 10.67 -3.20
C PRO B 258 24.91 11.11 -3.33
N ARG B 259 25.21 12.29 -2.79
CA ARG B 259 26.57 12.84 -2.84
C ARG B 259 27.68 11.87 -2.44
N PHE B 260 28.86 12.13 -2.99
CA PHE B 260 30.07 11.35 -2.74
C PHE B 260 31.19 12.24 -2.24
N ARG B 261 31.36 12.22 -0.92
CA ARG B 261 32.35 13.04 -0.23
C ARG B 261 33.21 12.20 0.73
N PRO B 262 34.20 12.83 1.39
CA PRO B 262 35.11 12.21 2.35
C PRO B 262 34.39 11.63 3.54
N ILE B 263 35.09 10.77 4.27
CA ILE B 263 34.55 10.09 5.43
C ILE B 263 35.19 10.54 6.74
N THR B 264 34.61 11.57 7.33
CA THR B 264 35.09 12.15 8.58
C THR B 264 34.54 11.49 9.84
N VAL B 265 35.38 10.77 10.58
CA VAL B 265 34.93 10.12 11.81
C VAL B 265 36.05 9.93 12.79
N THR B 266 35.79 10.18 14.08
CA THR B 266 36.80 10.00 15.11
C THR B 266 37.35 8.53 15.09
N ILE B 267 38.16 8.14 16.08
CA ILE B 267 38.70 6.77 16.12
C ILE B 267 38.88 6.25 17.55
N SER B 268 39.56 5.10 17.68
CA SER B 268 39.87 4.47 18.98
C SER B 268 41.21 3.74 18.87
N GLN B 269 42.15 4.15 19.71
CA GLN B 269 43.47 3.54 19.68
C GLN B 269 43.99 3.34 21.11
N LYS B 270 44.21 2.08 21.48
CA LYS B 270 44.69 1.73 22.84
C LYS B 270 46.23 1.66 22.90
N GLU B 271 46.76 0.79 22.02
CA GLU B 271 48.19 0.51 21.77
C GLU B 271 48.34 -0.87 21.13
N GLY B 272 47.32 -1.21 20.33
CA GLY B 272 47.26 -2.47 19.64
C GLY B 272 46.80 -2.10 18.25
N GLU B 273 47.42 -1.05 17.73
CA GLU B 273 47.19 -0.50 16.38
C GLU B 273 45.75 -0.41 15.77
N MET B 274 45.26 -1.54 15.25
CA MET B 274 43.94 -1.69 14.60
C MET B 274 42.77 -1.22 15.44
N LEU B 275 41.78 -2.13 15.52
CA LEU B 275 40.54 -1.89 16.29
C LEU B 275 39.85 -0.59 15.81
N GLY B 276 39.33 0.23 16.74
CA GLY B 276 38.68 1.48 16.36
C GLY B 276 37.31 1.37 15.69
N ILE B 277 36.39 2.22 16.11
CA ILE B 277 35.06 2.25 15.54
C ILE B 277 34.73 3.61 14.91
N GLY B 278 35.28 4.69 15.48
CA GLY B 278 35.05 6.03 14.97
C GLY B 278 33.67 6.59 15.29
N VAL B 279 32.66 6.01 14.64
CA VAL B 279 31.25 6.35 14.80
C VAL B 279 30.85 7.84 14.87
N ALA B 280 29.56 8.03 15.22
CA ALA B 280 28.86 9.31 15.36
C ALA B 280 29.62 10.60 15.01
N THR B 281 29.41 11.10 13.80
CA THR B 281 30.09 12.32 13.35
C THR B 281 29.71 12.81 11.92
N ASP B 282 28.64 13.60 11.79
CA ASP B 282 28.17 14.16 10.51
C ASP B 282 27.26 13.25 9.70
N TYR B 283 26.43 12.44 10.35
CA TYR B 283 25.59 11.57 9.58
C TYR B 283 24.16 11.72 9.91
N ILE B 284 23.35 11.10 9.06
CA ILE B 284 21.89 11.09 9.17
C ILE B 284 21.40 9.70 9.57
N VAL B 285 22.30 8.88 10.06
CA VAL B 285 21.91 7.55 10.51
C VAL B 285 22.68 7.33 11.81
N PRO B 286 21.96 7.05 12.91
CA PRO B 286 22.57 6.84 14.22
C PRO B 286 23.88 6.06 14.25
N GLY B 287 24.99 6.81 14.32
CA GLY B 287 26.32 6.23 14.37
C GLY B 287 26.77 5.43 13.16
N ILE B 288 26.47 5.93 11.96
CA ILE B 288 26.84 5.24 10.74
C ILE B 288 27.35 6.19 9.68
N PRO B 289 28.61 6.00 9.25
CA PRO B 289 29.35 6.77 8.23
C PRO B 289 28.57 7.02 6.93
N ASP B 290 28.40 8.29 6.59
CA ASP B 290 27.67 8.61 5.38
C ASP B 290 28.39 8.33 4.08
N GLY B 291 29.47 7.55 4.15
CA GLY B 291 30.20 7.24 2.94
C GLY B 291 30.77 5.85 3.04
N TRP B 292 30.48 5.14 4.12
CA TRP B 292 30.98 3.79 4.34
C TRP B 292 30.50 2.86 3.23
N PRO B 293 31.40 2.10 2.63
CA PRO B 293 31.17 1.15 1.55
C PRO B 293 30.10 0.12 1.79
N ASP B 294 30.29 -1.05 1.18
CA ASP B 294 29.35 -2.14 1.32
C ASP B 294 30.03 -3.47 1.65
N THR B 295 30.28 -4.29 0.64
CA THR B 295 30.91 -5.61 0.86
C THR B 295 31.83 -5.66 2.08
N THR B 296 31.62 -6.66 2.95
CA THR B 296 32.45 -6.85 4.15
C THR B 296 33.64 -7.72 3.74
N ILE B 297 33.82 -8.87 4.38
CA ILE B 297 34.92 -9.79 4.05
C ILE B 297 34.35 -11.20 3.81
N PRO B 298 34.91 -11.96 2.84
CA PRO B 298 34.40 -13.31 2.58
C PRO B 298 34.62 -14.29 3.73
N ASN B 299 35.72 -14.10 4.46
CA ASN B 299 36.05 -14.96 5.59
C ASN B 299 36.16 -14.14 6.87
N GLU B 300 36.85 -14.70 7.87
CA GLU B 300 37.07 -14.05 9.17
C GLU B 300 38.18 -13.01 9.08
N LEU B 301 39.37 -13.54 8.81
CA LEU B 301 40.58 -12.75 8.67
C LEU B 301 40.92 -11.79 9.80
N ILE B 302 42.21 -11.51 9.88
CA ILE B 302 42.80 -10.60 10.85
C ILE B 302 43.82 -9.77 10.04
N PRO B 303 44.42 -8.73 10.64
CA PRO B 303 45.40 -7.98 9.82
C PRO B 303 46.59 -8.94 9.60
N ALA B 304 47.55 -8.58 8.76
CA ALA B 304 48.69 -9.48 8.57
C ALA B 304 49.91 -8.74 8.01
N GLY B 305 50.93 -8.59 8.85
CA GLY B 305 52.16 -7.90 8.45
C GLY B 305 51.99 -6.93 7.30
N ASP B 306 52.46 -7.32 6.10
CA ASP B 306 52.36 -6.50 4.88
C ASP B 306 51.56 -7.20 3.75
N TYR B 307 51.79 -6.81 2.50
CA TYR B 307 51.06 -7.40 1.38
C TYR B 307 51.39 -8.84 1.09
N ALA B 308 50.51 -9.48 0.31
CA ALA B 308 50.65 -10.88 -0.07
C ALA B 308 50.49 -11.06 -1.57
N ILE B 309 51.65 -11.13 -2.28
CA ILE B 309 51.76 -11.26 -3.77
C ILE B 309 50.65 -12.14 -4.42
N THR B 310 50.37 -13.27 -3.77
CA THR B 310 49.36 -14.21 -4.24
C THR B 310 50.01 -14.97 -5.41
N ASN B 311 50.66 -14.22 -6.32
CA ASN B 311 51.34 -14.75 -7.52
C ASN B 311 52.18 -13.70 -8.34
N GLN B 312 53.49 -13.69 -8.05
CA GLN B 312 54.54 -12.86 -8.71
C GLN B 312 54.15 -11.58 -9.52
N SER B 313 54.92 -11.29 -10.59
CA SER B 313 54.71 -10.14 -11.53
C SER B 313 54.89 -10.64 -12.99
N GLY B 314 54.14 -10.04 -13.91
CA GLY B 314 54.17 -10.48 -15.30
C GLY B 314 53.06 -11.51 -15.48
N ASN B 315 52.03 -11.40 -14.61
CA ASN B 315 50.80 -12.25 -14.48
C ASN B 315 49.62 -11.69 -15.28
N ASP B 316 49.58 -12.04 -16.55
CA ASP B 316 48.58 -11.49 -17.45
C ASP B 316 48.17 -12.54 -18.53
N ILE B 317 46.91 -12.53 -18.99
CA ILE B 317 46.37 -13.50 -20.01
C ILE B 317 46.79 -15.03 -19.98
N GLN B 318 47.55 -15.39 -18.92
CA GLN B 318 48.10 -16.73 -18.57
C GLN B 318 47.64 -16.94 -17.10
N THR B 319 46.85 -15.96 -16.66
CA THR B 319 46.24 -15.87 -15.33
C THR B 319 44.67 -15.69 -15.40
N LYS B 320 44.08 -15.18 -14.32
CA LYS B 320 42.64 -14.97 -14.27
C LYS B 320 41.87 -16.26 -14.55
N GLU B 321 41.88 -17.18 -13.58
CA GLU B 321 41.19 -18.45 -13.73
C GLU B 321 41.15 -19.21 -12.41
N GLU B 322 41.66 -18.59 -11.36
CA GLU B 322 41.68 -19.21 -10.04
C GLU B 322 43.08 -19.72 -9.69
N TYR B 323 43.29 -21.01 -9.88
CA TYR B 323 44.57 -21.63 -9.59
C TYR B 323 45.38 -21.90 -10.84
N GLU B 324 45.49 -20.89 -11.70
CA GLU B 324 46.25 -21.03 -12.94
C GLU B 324 47.73 -21.26 -12.67
N SER B 325 48.04 -22.36 -11.99
CA SER B 325 49.42 -22.70 -11.66
C SER B 325 49.52 -23.23 -10.23
N ALA B 326 50.63 -23.91 -9.95
CA ALA B 326 50.86 -24.48 -8.63
C ALA B 326 51.54 -23.46 -7.70
N MET B 327 52.57 -22.80 -8.22
CA MET B 327 53.31 -21.77 -7.41
C MET B 327 52.53 -20.48 -7.67
N ILE B 328 51.22 -20.68 -7.63
CA ILE B 328 50.19 -19.71 -7.92
C ILE B 328 49.11 -19.58 -6.83
N ILE B 329 48.17 -18.67 -7.11
CA ILE B 329 46.97 -18.38 -6.33
C ILE B 329 46.48 -17.04 -6.87
N SER B 330 45.23 -16.75 -6.60
CA SER B 330 44.60 -15.52 -7.03
C SER B 330 43.72 -15.09 -5.87
N ASN B 331 44.02 -15.53 -4.64
CA ASN B 331 43.20 -15.12 -3.48
C ASN B 331 43.99 -14.40 -2.36
N ASN B 332 44.34 -15.17 -1.32
CA ASN B 332 45.08 -14.66 -0.17
C ASN B 332 45.94 -13.43 -0.37
N THR B 333 45.85 -12.53 0.61
CA THR B 333 46.62 -11.31 0.65
C THR B 333 46.46 -10.70 2.06
N ASN B 334 45.52 -11.31 2.81
CA ASN B 334 45.17 -10.97 4.21
C ASN B 334 44.21 -9.81 4.47
N PHE B 335 43.75 -9.14 3.42
CA PHE B 335 42.81 -8.04 3.54
C PHE B 335 42.05 -7.97 2.22
N LYS B 336 41.97 -9.13 1.58
CA LYS B 336 41.33 -9.26 0.26
C LYS B 336 39.99 -8.52 0.04
N SER B 337 39.41 -8.00 1.12
CA SER B 337 38.14 -7.27 1.06
C SER B 337 38.19 -6.01 1.90
N MET B 338 39.08 -5.11 1.51
CA MET B 338 39.26 -3.87 2.24
C MET B 338 39.17 -2.72 1.27
N TYR B 339 38.40 -1.71 1.63
CA TYR B 339 38.29 -0.57 0.76
C TYR B 339 39.38 0.41 1.07
N ILE B 340 40.10 0.80 0.03
CA ILE B 340 41.20 1.74 0.16
C ILE B 340 40.74 3.17 0.32
N CYS B 341 40.69 3.60 1.56
CA CYS B 341 40.28 4.94 1.92
C CYS B 341 41.35 5.96 1.58
N GLY B 342 40.98 7.22 1.73
CA GLY B 342 41.90 8.32 1.49
C GLY B 342 42.57 8.70 2.79
N SER B 343 43.47 7.83 3.24
CA SER B 343 44.19 8.02 4.49
C SER B 343 44.54 9.48 4.85
N LEU B 344 44.27 9.86 6.07
CA LEU B 344 44.59 11.20 6.52
C LEU B 344 44.34 11.21 8.00
N GLN B 345 45.30 11.72 8.76
CA GLN B 345 45.17 11.78 10.21
C GLN B 345 44.75 13.16 10.71
N ARG B 346 44.14 13.22 11.88
CA ARG B 346 43.76 14.52 12.44
C ARG B 346 44.93 14.84 13.38
N ALA B 347 44.78 14.50 14.68
CA ALA B 347 45.82 14.75 15.70
C ALA B 347 45.47 14.38 17.17
N TRP B 348 45.63 15.36 18.09
CA TRP B 348 45.38 15.26 19.57
C TRP B 348 46.56 14.48 20.19
N GLY B 349 46.94 13.38 19.54
CA GLY B 349 48.06 12.54 19.96
C GLY B 349 49.25 13.21 19.29
N ASN B 350 48.88 14.00 18.29
CA ASN B 350 49.74 14.86 17.48
C ASN B 350 50.85 14.28 16.56
N LYS B 351 51.92 13.72 17.13
CA LYS B 351 53.07 13.16 16.36
C LYS B 351 52.62 12.38 15.11
N LYS B 352 52.88 13.02 13.96
CA LYS B 352 52.48 12.55 12.62
C LYS B 352 53.22 11.44 11.84
N VAL B 353 52.93 11.49 10.52
CA VAL B 353 53.44 10.61 9.46
C VAL B 353 52.49 9.45 9.17
N SER B 354 51.24 9.57 9.61
CA SER B 354 50.25 8.49 9.40
C SER B 354 49.35 8.60 8.17
N ASN B 355 49.35 7.52 7.39
CA ASN B 355 48.54 7.41 6.19
C ASN B 355 48.00 5.97 6.14
N THR B 356 46.96 5.70 6.92
CA THR B 356 46.37 4.37 6.97
C THR B 356 45.90 3.90 5.58
N ALA B 357 44.90 3.01 5.53
CA ALA B 357 44.41 2.51 4.25
C ALA B 357 43.20 1.56 4.27
N PHE B 358 43.28 0.51 5.06
CA PHE B 358 42.23 -0.50 5.07
C PHE B 358 41.05 -0.28 6.00
N ILE B 359 39.84 -0.38 5.48
CA ILE B 359 38.65 -0.15 6.31
C ILE B 359 37.34 -0.80 5.95
N THR B 360 37.24 -2.12 6.05
CA THR B 360 35.96 -2.76 5.72
C THR B 360 34.97 -2.68 6.90
N THR B 361 33.92 -3.48 6.85
CA THR B 361 32.88 -3.50 7.88
C THR B 361 32.68 -4.89 8.48
N ALA B 362 33.01 -5.02 9.78
CA ALA B 362 32.90 -6.28 10.52
C ALA B 362 32.90 -6.10 12.04
N THR B 363 33.54 -7.03 12.74
CA THR B 363 33.63 -6.98 14.20
C THR B 363 35.07 -6.81 14.62
N VAL B 364 35.26 -6.42 15.87
CA VAL B 364 36.60 -6.20 16.36
C VAL B 364 36.94 -6.87 17.68
N LYS B 365 37.27 -8.16 17.61
CA LYS B 365 37.64 -8.92 18.81
C LYS B 365 39.17 -9.12 18.89
N GLU B 366 39.86 -8.10 19.41
CA GLU B 366 41.32 -8.09 19.57
C GLU B 366 41.99 -7.86 18.20
N ASN B 367 42.33 -8.97 17.54
CA ASN B 367 42.98 -8.96 16.23
C ASN B 367 42.06 -9.66 15.23
N LYS B 368 40.94 -10.17 15.74
CA LYS B 368 39.96 -10.86 14.93
C LYS B 368 38.99 -9.82 14.32
N LEU B 369 38.35 -10.16 13.20
CA LEU B 369 37.43 -9.25 12.52
C LEU B 369 36.05 -9.87 12.28
N ILE B 370 36.03 -10.98 11.55
CA ILE B 370 34.81 -11.71 11.18
C ILE B 370 33.76 -10.81 10.52
N PRO B 371 33.17 -11.30 9.42
CA PRO B 371 32.15 -10.50 8.73
C PRO B 371 30.73 -10.62 9.28
N SER B 372 29.85 -9.80 8.70
CA SER B 372 28.42 -9.71 9.02
C SER B 372 27.86 -8.64 8.10
N ASN B 373 26.79 -8.98 7.37
CA ASN B 373 26.16 -8.01 6.46
C ASN B 373 25.16 -7.14 7.18
N THR B 374 25.26 -7.16 8.51
CA THR B 374 24.43 -6.37 9.41
C THR B 374 25.29 -5.15 9.84
N ILE B 375 24.83 -3.93 9.53
CA ILE B 375 25.58 -2.69 9.85
C ILE B 375 25.22 -1.94 11.16
N ASP B 376 25.69 -2.45 12.31
CA ASP B 376 25.43 -1.84 13.63
C ASP B 376 26.53 -0.78 13.89
N GLN B 377 26.15 0.36 14.46
CA GLN B 377 27.12 1.45 14.72
C GLN B 377 28.47 0.92 15.19
N THR B 378 28.42 -0.16 15.92
CA THR B 378 29.61 -0.73 16.45
C THR B 378 30.34 -1.71 15.53
N LYS B 379 30.15 -1.63 14.21
CA LYS B 379 30.85 -2.58 13.34
C LYS B 379 31.81 -1.97 12.32
N ILE B 380 31.97 -0.65 12.36
CA ILE B 380 32.85 0.05 11.45
C ILE B 380 34.28 0.04 11.97
N ALA B 381 35.17 -0.59 11.21
CA ALA B 381 36.54 -0.67 11.65
C ALA B 381 37.55 0.01 10.77
N ILE B 382 38.77 0.07 11.31
CA ILE B 382 39.88 0.71 10.62
C ILE B 382 41.26 0.02 10.79
N PHE B 383 42.28 0.70 10.26
CA PHE B 383 43.67 0.27 10.28
C PHE B 383 44.50 1.50 10.69
N GLN B 384 45.41 1.35 11.65
CA GLN B 384 46.22 2.49 12.09
C GLN B 384 47.44 2.13 12.96
N ASP B 385 47.88 3.15 13.70
CA ASP B 385 48.99 3.09 14.62
C ASP B 385 49.12 4.48 15.31
N ASN B 386 48.98 4.52 16.64
CA ASN B 386 49.11 5.79 17.39
C ASN B 386 50.47 5.98 18.05
N HIS B 387 51.03 4.90 18.58
CA HIS B 387 52.39 4.88 19.17
C HIS B 387 52.73 5.40 20.63
N VAL B 388 51.89 6.21 21.28
CA VAL B 388 52.17 6.74 22.65
C VAL B 388 51.15 6.42 23.81
N ASN B 389 51.25 5.19 24.31
CA ASN B 389 50.50 4.55 25.41
C ASN B 389 49.01 4.77 25.80
N ARG B 390 48.72 5.88 26.48
CA ARG B 390 47.38 6.17 26.95
C ARG B 390 46.30 6.12 25.89
N ASP B 391 45.79 7.30 25.55
CA ASP B 391 44.70 7.40 24.59
C ASP B 391 44.50 8.67 23.76
N VAL B 392 43.45 9.41 24.10
CA VAL B 392 43.05 10.64 23.42
C VAL B 392 43.33 10.48 21.91
N GLN B 393 42.34 9.98 21.15
CA GLN B 393 42.50 9.77 19.70
C GLN B 393 41.88 10.84 18.78
N THR B 394 40.60 10.68 18.41
CA THR B 394 39.89 11.60 17.49
C THR B 394 40.74 11.71 16.22
N SER B 395 41.66 10.76 16.12
CA SER B 395 42.61 10.63 15.04
C SER B 395 41.93 10.42 13.65
N ASP B 396 42.67 9.75 12.75
CA ASP B 396 42.31 9.39 11.35
C ASP B 396 41.25 10.25 10.65
N ASP B 397 40.02 9.73 10.63
CA ASP B 397 38.91 10.42 9.98
C ASP B 397 39.28 10.86 8.57
N THR B 398 38.52 11.83 8.07
CA THR B 398 38.68 12.39 6.73
C THR B 398 39.46 11.39 5.84
N LEU B 399 38.72 10.53 5.13
CA LEU B 399 39.28 9.53 4.23
C LEU B 399 38.41 9.59 3.00
N ALA B 400 38.75 8.82 1.99
CA ALA B 400 37.97 8.80 0.77
C ALA B 400 38.36 7.60 -0.04
N LEU B 401 37.36 6.81 -0.39
CA LEU B 401 37.56 5.62 -1.18
C LEU B 401 38.57 5.83 -2.31
N LEU B 402 39.24 4.77 -2.70
CA LEU B 402 40.20 4.86 -3.79
C LEU B 402 40.18 3.57 -4.54
N GLY B 403 40.54 2.51 -3.82
CA GLY B 403 40.56 1.21 -4.44
C GLY B 403 39.95 0.11 -3.60
N TYR B 404 40.44 -1.10 -3.84
CA TYR B 404 39.97 -2.30 -3.16
C TYR B 404 41.18 -3.22 -3.10
N THR B 405 41.02 -4.34 -2.42
CA THR B 405 42.12 -5.27 -2.31
C THR B 405 42.05 -6.36 -3.35
N GLY B 406 43.13 -6.45 -4.13
CA GLY B 406 43.28 -7.39 -5.22
C GLY B 406 42.68 -8.74 -4.97
N ILE B 407 41.81 -9.14 -5.87
CA ILE B 407 41.18 -10.42 -5.70
C ILE B 407 41.06 -11.14 -7.01
N GLY B 408 40.25 -12.19 -7.02
CA GLY B 408 40.00 -12.97 -8.22
C GLY B 408 38.90 -12.25 -8.98
N GLU B 409 38.45 -12.89 -10.07
CA GLU B 409 37.40 -12.35 -10.97
C GLU B 409 36.00 -12.02 -10.39
N GLU B 410 35.81 -12.27 -9.10
CA GLU B 410 34.55 -12.00 -8.44
C GLU B 410 34.31 -10.50 -8.28
N ALA B 411 33.75 -9.87 -9.31
CA ALA B 411 33.45 -8.44 -9.27
C ALA B 411 32.57 -8.23 -8.04
N ILE B 412 32.84 -7.18 -7.26
CA ILE B 412 32.07 -6.93 -6.05
C ILE B 412 30.69 -6.37 -6.32
N GLY B 413 29.70 -7.18 -5.96
CA GLY B 413 28.32 -6.78 -6.15
C GLY B 413 27.38 -7.88 -6.59
N ALA B 414 27.87 -9.12 -6.74
CA ALA B 414 27.03 -10.25 -7.15
C ALA B 414 26.74 -11.29 -6.04
N ASP B 415 27.40 -11.12 -4.90
CA ASP B 415 27.23 -12.00 -3.73
C ASP B 415 26.35 -11.34 -2.68
N ARG B 416 25.07 -11.73 -2.67
CA ARG B 416 24.08 -11.18 -1.75
C ARG B 416 24.52 -11.35 -0.27
N GLU B 417 25.46 -12.25 0.00
CA GLU B 417 25.98 -12.47 1.36
C GLU B 417 27.04 -11.41 1.73
N LYS B 418 27.86 -11.02 0.75
CA LYS B 418 28.90 -10.01 0.96
C LYS B 418 28.33 -8.60 0.75
N VAL B 419 27.08 -8.40 1.13
CA VAL B 419 26.43 -7.10 1.01
C VAL B 419 25.87 -6.65 2.36
N VAL B 420 26.37 -5.52 2.81
CA VAL B 420 25.92 -4.96 4.08
C VAL B 420 24.52 -4.42 4.01
N ARG B 421 23.70 -4.80 4.98
CA ARG B 421 22.33 -4.32 5.01
C ARG B 421 22.09 -3.63 6.33
N ILE B 422 21.12 -2.72 6.31
CA ILE B 422 20.75 -1.96 7.49
C ILE B 422 19.63 -2.69 8.22
N GLY B 423 18.99 -3.62 7.52
CA GLY B 423 17.89 -4.37 8.09
C GLY B 423 17.20 -5.14 6.99
N VAL B 424 16.85 -4.43 5.92
CA VAL B 424 16.18 -5.02 4.75
C VAL B 424 17.00 -4.69 3.50
N LEU B 425 16.94 -5.57 2.52
CA LEU B 425 17.66 -5.40 1.26
C LEU B 425 16.66 -5.23 0.14
N PRO B 426 16.97 -4.38 -0.85
CA PRO B 426 16.08 -4.16 -1.99
C PRO B 426 16.16 -5.31 -3.01
N GLU B 427 15.18 -6.21 -2.94
CA GLU B 427 15.06 -7.39 -3.80
C GLU B 427 14.35 -7.09 -5.12
N ALA B 428 14.90 -7.56 -6.23
CA ALA B 428 14.25 -7.31 -7.51
C ALA B 428 14.65 -8.38 -8.51
N GLY B 429 13.66 -9.18 -8.91
CA GLY B 429 13.90 -10.25 -9.86
C GLY B 429 13.10 -10.06 -11.14
N ALA B 430 13.44 -10.85 -12.17
CA ALA B 430 12.75 -10.75 -13.47
C ALA B 430 11.23 -10.62 -13.38
N ARG B 431 10.69 -9.48 -13.83
CA ARG B 431 9.22 -9.22 -13.83
C ARG B 431 8.63 -9.50 -15.21
N GLY B 432 8.18 -10.73 -15.46
CA GLY B 432 7.61 -11.06 -16.76
C GLY B 432 8.68 -11.41 -17.77
N GLY B 433 8.70 -10.72 -18.91
CA GLY B 433 9.70 -10.99 -19.92
C GLY B 433 10.89 -10.04 -19.91
N ASN B 434 10.91 -9.10 -18.95
CA ASN B 434 11.99 -8.12 -18.77
C ASN B 434 13.02 -8.67 -17.78
N HIS B 435 14.25 -8.14 -17.82
CA HIS B 435 15.28 -8.60 -16.90
C HIS B 435 15.91 -7.41 -16.14
N PRO B 436 16.28 -7.64 -14.86
CA PRO B 436 16.91 -6.66 -13.96
C PRO B 436 18.33 -6.44 -14.43
N ILE B 437 18.85 -5.24 -14.28
CA ILE B 437 20.22 -5.01 -14.72
C ILE B 437 21.11 -4.47 -13.63
N PHE B 438 22.35 -4.15 -14.00
CA PHE B 438 23.31 -3.59 -13.06
C PHE B 438 24.18 -2.67 -13.89
N TYR B 439 24.89 -1.76 -13.23
CA TYR B 439 25.75 -0.84 -13.93
C TYR B 439 27.21 -1.10 -13.66
N ARG B 440 27.86 -1.79 -14.58
CA ARG B 440 29.26 -2.12 -14.43
C ARG B 440 30.04 -0.84 -14.22
N ASN B 441 31.19 -0.95 -13.58
CA ASN B 441 31.98 0.24 -13.33
C ASN B 441 33.39 -0.16 -12.97
N SER B 442 34.37 0.53 -13.54
CA SER B 442 35.77 0.22 -13.25
C SER B 442 36.13 0.64 -11.81
N MET B 443 37.19 0.05 -11.25
CA MET B 443 37.62 0.43 -9.90
C MET B 443 39.11 0.15 -9.64
N LYS B 444 39.89 1.20 -9.36
CA LYS B 444 41.32 1.03 -9.13
C LYS B 444 41.63 -0.07 -8.13
N LEU B 445 42.30 -1.10 -8.61
CA LEU B 445 42.71 -2.22 -7.78
C LEU B 445 43.92 -1.81 -6.98
N GLY B 446 44.17 -2.52 -5.89
CA GLY B 446 45.29 -2.20 -5.01
C GLY B 446 46.58 -2.95 -5.23
N TYR B 447 46.98 -3.08 -6.49
CA TYR B 447 48.20 -3.80 -6.78
C TYR B 447 48.40 -3.92 -8.29
N VAL B 448 47.43 -4.55 -8.97
CA VAL B 448 47.46 -4.74 -10.43
C VAL B 448 47.04 -3.49 -11.20
N ILE B 449 47.78 -2.40 -10.98
CA ILE B 449 47.54 -1.14 -11.65
C ILE B 449 46.06 -0.66 -11.49
N LYS B 450 45.21 -0.94 -12.49
CA LYS B 450 43.77 -0.58 -12.55
C LYS B 450 42.98 -1.85 -12.95
N SER B 451 41.85 -2.13 -12.32
CA SER B 451 41.14 -3.33 -12.72
C SER B 451 39.91 -3.62 -11.88
N ILE B 452 39.36 -4.81 -12.11
CA ILE B 452 38.17 -5.35 -11.46
C ILE B 452 36.91 -4.48 -11.56
N ASP B 453 35.78 -5.17 -11.73
CA ASP B 453 34.50 -4.50 -11.84
C ASP B 453 33.75 -4.29 -10.54
N VAL B 454 32.74 -3.44 -10.64
CA VAL B 454 31.87 -3.10 -9.54
C VAL B 454 30.50 -2.69 -10.04
N PHE B 455 29.50 -3.35 -9.50
CA PHE B 455 28.13 -3.09 -9.89
C PHE B 455 27.50 -1.95 -9.12
N ASN B 456 26.51 -1.34 -9.75
CA ASN B 456 25.79 -0.22 -9.16
C ASN B 456 24.32 -0.36 -9.47
N SER B 457 23.51 -0.08 -8.46
CA SER B 457 22.06 -0.18 -8.55
C SER B 457 21.39 0.83 -9.45
N GLN B 458 21.83 2.07 -9.37
CA GLN B 458 21.20 3.07 -10.19
C GLN B 458 22.21 4.15 -10.44
N ILE B 459 22.09 4.82 -11.56
CA ILE B 459 23.04 5.85 -11.87
C ILE B 459 23.00 6.89 -10.79
N LEU B 460 24.15 7.48 -10.52
CA LEU B 460 24.22 8.49 -9.52
C LEU B 460 23.21 9.60 -9.77
N HIS B 461 23.42 10.42 -10.81
CA HIS B 461 22.53 11.56 -11.14
C HIS B 461 21.07 11.18 -11.30
N THR B 462 20.78 9.92 -11.01
CA THR B 462 19.43 9.39 -11.03
C THR B 462 18.93 9.58 -9.62
N SER B 463 19.32 8.67 -8.74
CA SER B 463 18.94 8.73 -7.34
C SER B 463 18.86 10.17 -6.84
N ARG B 464 19.85 11.00 -7.20
CA ARG B 464 19.86 12.39 -6.76
C ARG B 464 18.46 12.93 -6.94
N GLN B 465 17.91 12.72 -8.12
CA GLN B 465 16.56 13.19 -8.43
C GLN B 465 15.49 12.55 -7.53
N LEU B 466 15.43 11.23 -7.55
CA LEU B 466 14.46 10.48 -6.73
C LEU B 466 14.60 10.88 -5.26
N SER B 467 15.85 11.01 -4.83
CA SER B 467 16.16 11.39 -3.47
C SER B 467 15.46 12.67 -3.05
N LEU B 468 15.20 13.55 -4.02
CA LEU B 468 14.54 14.82 -3.69
C LEU B 468 13.13 14.95 -4.22
N ASN B 469 13.02 15.28 -5.49
CA ASN B 469 11.72 15.49 -6.11
C ASN B 469 10.77 14.28 -6.01
N ASN B 470 9.49 14.60 -6.03
CA ASN B 470 8.43 13.62 -5.93
C ASN B 470 7.90 13.35 -7.34
N TYR B 471 7.90 12.09 -7.78
CA TYR B 471 7.40 11.73 -9.12
C TYR B 471 6.18 10.84 -9.13
N LEU B 472 5.45 10.84 -10.24
CA LEU B 472 4.23 10.03 -10.39
C LEU B 472 4.47 8.75 -11.21
N LEU B 473 4.08 7.62 -10.63
CA LEU B 473 4.27 6.33 -11.28
C LEU B 473 3.57 5.18 -10.56
N SER B 474 2.83 4.38 -11.33
CA SER B 474 2.12 3.23 -10.77
C SER B 474 3.09 2.08 -10.57
N PRO B 475 3.09 1.46 -9.38
CA PRO B 475 4.00 0.34 -9.11
C PRO B 475 3.70 -0.87 -10.01
N ASP B 476 3.03 -0.60 -11.13
CA ASP B 476 2.63 -1.60 -12.11
C ASP B 476 3.14 -1.26 -13.50
N SER B 477 3.91 -0.20 -13.60
CA SER B 477 4.44 0.22 -14.88
C SER B 477 5.71 0.95 -14.57
N PHE B 478 6.80 0.52 -15.20
CA PHE B 478 8.09 1.17 -14.98
C PHE B 478 8.33 2.24 -16.02
N ALA B 479 8.80 3.40 -15.60
CA ALA B 479 9.06 4.50 -16.51
C ALA B 479 10.15 4.04 -17.45
N VAL B 480 10.06 4.48 -18.69
CA VAL B 480 11.01 4.10 -19.71
C VAL B 480 11.96 5.13 -20.22
N TYR B 481 13.18 4.70 -20.46
CA TYR B 481 14.17 5.59 -21.01
C TYR B 481 14.84 4.85 -22.15
N ARG B 482 15.01 5.57 -23.26
CA ARG B 482 15.62 5.03 -24.48
C ARG B 482 17.11 5.32 -24.55
N ILE B 483 17.89 4.26 -24.65
CA ILE B 483 19.32 4.44 -24.69
C ILE B 483 19.85 4.09 -26.05
N ILE B 484 20.73 4.92 -26.57
CA ILE B 484 21.27 4.65 -27.87
C ILE B 484 22.74 5.00 -27.86
N ASP B 485 23.51 4.31 -28.69
CA ASP B 485 24.95 4.57 -28.77
C ASP B 485 25.27 5.36 -30.04
N SER B 486 26.52 5.30 -30.47
CA SER B 486 26.91 6.02 -31.68
C SER B 486 27.03 5.12 -32.90
N ASN B 487 26.81 3.82 -32.70
CA ASN B 487 26.87 2.92 -33.83
C ASN B 487 25.50 2.77 -34.46
N GLY B 488 24.60 2.03 -33.81
CA GLY B 488 23.26 1.88 -34.36
C GLY B 488 22.41 1.03 -33.45
N SER B 489 23.03 0.54 -32.39
CA SER B 489 22.34 -0.29 -31.42
C SER B 489 21.66 0.56 -30.37
N TRP B 490 20.71 -0.04 -29.67
CA TRP B 490 19.97 0.67 -28.65
C TRP B 490 18.99 -0.27 -27.98
N PHE B 491 18.59 0.09 -26.76
CA PHE B 491 17.65 -0.70 -26.02
C PHE B 491 16.85 0.21 -25.10
N ASP B 492 16.14 -0.40 -24.15
CA ASP B 492 15.34 0.36 -23.22
C ASP B 492 15.45 -0.06 -21.77
N ILE B 493 15.44 0.93 -20.89
CA ILE B 493 15.49 0.62 -19.47
C ILE B 493 14.19 1.07 -18.90
N GLY B 494 13.66 0.28 -17.99
CA GLY B 494 12.38 0.62 -17.41
C GLY B 494 12.38 0.66 -15.90
N ILE B 495 12.95 1.71 -15.35
CA ILE B 495 13.01 1.88 -13.93
C ILE B 495 11.69 1.64 -13.25
N ASP B 496 11.76 0.72 -12.30
CA ASP B 496 10.58 0.33 -11.57
C ASP B 496 10.62 0.88 -10.16
N SER B 497 9.48 1.43 -9.75
CA SER B 497 9.24 1.99 -8.43
C SER B 497 10.39 1.72 -7.50
N ASP B 498 10.55 0.46 -7.14
CA ASP B 498 11.62 0.06 -6.26
C ASP B 498 12.87 0.88 -6.58
N GLY B 499 13.07 1.18 -7.85
CA GLY B 499 14.21 1.98 -8.23
C GLY B 499 15.30 1.25 -8.97
N PHE B 500 14.93 0.24 -9.74
CA PHE B 500 15.97 -0.46 -10.45
C PHE B 500 15.74 -0.31 -11.90
N SER B 501 16.73 -0.73 -12.66
CA SER B 501 16.57 -0.59 -14.07
C SER B 501 16.47 -1.97 -14.68
N PHE B 502 15.68 -2.05 -15.75
CA PHE B 502 15.45 -3.32 -16.43
C PHE B 502 15.66 -3.29 -17.93
N VAL B 503 15.59 -4.48 -18.53
CA VAL B 503 15.78 -4.62 -19.97
C VAL B 503 15.10 -5.86 -20.54
N GLY B 504 14.42 -5.70 -21.67
CA GLY B 504 13.72 -6.81 -22.30
C GLY B 504 14.58 -7.80 -23.05
N VAL B 505 15.85 -7.45 -23.21
CA VAL B 505 16.80 -8.29 -23.91
C VAL B 505 17.36 -9.29 -22.92
N SER B 506 18.11 -10.27 -23.42
CA SER B 506 18.73 -11.30 -22.60
C SER B 506 20.21 -10.97 -22.28
N SER B 507 20.95 -10.44 -23.26
CA SER B 507 22.34 -10.04 -23.07
C SER B 507 22.80 -9.16 -24.23
N ILE B 508 23.32 -7.98 -23.91
CA ILE B 508 23.79 -7.08 -24.95
C ILE B 508 25.30 -7.15 -24.97
N GLY B 509 25.87 -6.74 -26.09
CA GLY B 509 27.31 -6.77 -26.21
C GLY B 509 27.96 -5.41 -26.20
N LYS B 510 29.23 -5.40 -26.59
CA LYS B 510 30.05 -4.19 -26.66
C LYS B 510 29.49 -3.21 -27.68
N LEU B 511 29.80 -1.93 -27.51
CA LEU B 511 29.29 -0.92 -28.44
C LEU B 511 30.03 0.43 -28.38
N GLU B 512 29.88 1.23 -29.43
CA GLU B 512 30.50 2.57 -29.51
C GLU B 512 30.02 3.28 -28.25
N PHE B 513 30.94 3.68 -27.37
CA PHE B 513 30.51 4.29 -26.10
C PHE B 513 29.81 5.66 -26.07
N PRO B 514 29.95 6.48 -27.13
CA PRO B 514 29.20 7.75 -26.97
C PRO B 514 27.69 7.41 -26.87
N LEU B 515 27.09 7.49 -25.67
CA LEU B 515 25.67 7.16 -25.43
C LEU B 515 24.76 8.33 -25.12
N THR B 516 23.59 8.38 -25.78
CA THR B 516 22.59 9.43 -25.52
C THR B 516 21.35 8.71 -25.03
N ALA B 517 20.70 9.26 -24.01
CA ALA B 517 19.51 8.63 -23.46
C ALA B 517 18.33 9.60 -23.46
N SER B 518 17.20 9.15 -24.00
CA SER B 518 16.00 9.98 -24.01
C SER B 518 14.96 9.27 -23.15
N TYR B 519 13.69 9.41 -23.50
CA TYR B 519 12.61 8.84 -22.69
C TYR B 519 11.30 8.77 -23.43
N MET B 520 10.49 7.82 -23.00
CA MET B 520 9.20 7.59 -23.61
C MET B 520 8.16 7.63 -22.50
N GLY B 521 8.42 8.48 -21.51
CA GLY B 521 7.52 8.60 -20.39
C GLY B 521 7.48 7.34 -19.54
N ASN B 522 6.73 6.32 -19.98
CA ASN B 522 6.62 5.08 -19.22
C ASN B 522 5.74 3.98 -19.84
N GLN B 523 6.01 2.75 -19.41
CA GLN B 523 5.29 1.56 -19.88
C GLN B 523 4.98 0.65 -18.69
N LEU B 524 4.14 -0.34 -18.95
CA LEU B 524 3.74 -1.33 -17.98
C LEU B 524 4.80 -2.40 -17.88
N ALA B 525 4.93 -3.03 -16.72
CA ALA B 525 5.96 -4.05 -16.59
C ALA B 525 5.58 -5.36 -17.27
N LYS B 526 4.30 -5.53 -17.57
CA LYS B 526 3.85 -6.78 -18.22
C LYS B 526 4.42 -7.07 -19.62
N ILE B 527 5.07 -6.09 -20.25
CA ILE B 527 5.63 -6.31 -21.59
C ILE B 527 7.12 -6.04 -21.68
N ARG B 528 7.75 -6.62 -22.71
CA ARG B 528 9.19 -6.47 -22.92
C ARG B 528 9.59 -5.09 -23.49
N LEU B 529 10.87 -4.92 -23.79
CA LEU B 529 11.38 -3.65 -24.32
C LEU B 529 12.23 -3.92 -25.54
N ALA B 530 11.66 -3.68 -26.72
CA ALA B 530 12.37 -3.93 -27.96
C ALA B 530 13.78 -3.39 -27.92
N SER B 531 14.49 -3.58 -29.03
CA SER B 531 15.84 -3.12 -29.11
C SER B 531 16.53 -3.50 -30.40
N ASN B 532 17.72 -2.93 -30.57
CA ASN B 532 18.56 -3.17 -31.73
C ASN B 532 19.92 -3.72 -31.31
N ILE B 533 19.99 -5.02 -31.03
CA ILE B 533 21.24 -5.67 -30.64
C ILE B 533 22.03 -6.09 -31.90
N ARG B 534 23.36 -6.28 -31.76
CA ARG B 534 24.29 -6.69 -32.85
C ARG B 534 24.31 -5.73 -34.07
N SER C 1 1.68 6.33 -53.33
CA SER C 1 0.99 7.19 -52.37
C SER C 1 0.48 6.32 -51.20
N ILE C 2 -0.18 6.94 -50.20
CA ILE C 2 -0.73 6.26 -48.99
C ILE C 2 -2.11 5.59 -49.17
N THR C 3 -2.77 5.25 -48.06
CA THR C 3 -4.10 4.63 -48.11
C THR C 3 -4.73 4.39 -46.73
N THR C 4 -6.00 4.74 -46.59
CA THR C 4 -6.71 4.58 -45.32
C THR C 4 -7.10 3.11 -45.07
N PRO C 5 -7.49 2.75 -43.84
CA PRO C 5 -7.89 1.40 -43.44
C PRO C 5 -9.23 0.97 -44.04
N GLU C 6 -9.29 0.90 -45.37
CA GLU C 6 -10.49 0.47 -46.11
C GLU C 6 -10.34 0.76 -47.59
N GLN C 7 -9.64 1.85 -47.89
CA GLN C 7 -9.41 2.26 -49.27
C GLN C 7 -8.51 1.23 -49.92
N GLY C 8 -8.42 1.26 -51.24
CA GLY C 8 -7.59 0.29 -51.93
C GLY C 8 -8.30 -0.01 -53.24
N THR C 9 -7.61 -0.68 -54.16
CA THR C 9 -8.24 -0.99 -55.43
C THR C 9 -8.93 -2.35 -55.44
N THR C 10 -10.25 -2.32 -55.51
CA THR C 10 -11.09 -3.51 -55.52
C THR C 10 -10.98 -4.29 -56.84
N VAL C 11 -11.35 -5.58 -56.81
CA VAL C 11 -11.28 -6.43 -58.01
C VAL C 11 -12.52 -7.30 -58.22
N GLY C 12 -13.19 -7.64 -57.12
CA GLY C 12 -14.39 -8.44 -57.19
C GLY C 12 -14.13 -9.90 -57.52
N GLY C 13 -14.79 -10.79 -56.79
CA GLY C 13 -14.65 -12.22 -57.01
C GLY C 13 -14.41 -12.65 -58.44
N VAL C 14 -13.89 -13.86 -58.59
CA VAL C 14 -13.58 -14.41 -59.91
C VAL C 14 -14.79 -15.09 -60.52
N ILE C 15 -15.26 -16.13 -59.84
CA ILE C 15 -16.45 -16.84 -60.28
C ILE C 15 -17.60 -16.28 -59.44
N ALA C 16 -17.29 -15.31 -58.58
CA ALA C 16 -18.25 -14.62 -57.72
C ALA C 16 -18.88 -13.60 -58.67
N GLU C 17 -19.62 -14.16 -59.64
CA GLU C 17 -20.32 -13.49 -60.78
C GLU C 17 -21.63 -12.58 -60.78
N PRO C 18 -22.63 -12.78 -59.87
CA PRO C 18 -22.79 -13.73 -58.75
C PRO C 18 -21.83 -13.79 -57.54
N SER C 19 -21.76 -12.67 -56.80
CA SER C 19 -20.99 -12.44 -55.56
C SER C 19 -21.90 -11.51 -54.77
N VAL C 20 -23.13 -11.48 -55.26
CA VAL C 20 -24.23 -10.67 -54.78
C VAL C 20 -25.58 -11.41 -54.47
N GLN C 21 -26.61 -10.60 -54.12
CA GLN C 21 -28.02 -10.92 -53.69
C GLN C 21 -28.47 -12.34 -53.35
N MET C 22 -27.48 -13.16 -53.03
CA MET C 22 -27.61 -14.57 -52.66
C MET C 22 -28.30 -14.69 -51.30
N SER C 23 -27.74 -14.01 -50.28
CA SER C 23 -28.28 -13.97 -48.90
C SER C 23 -29.73 -13.55 -49.04
N ALA C 24 -30.09 -13.29 -50.28
CA ALA C 24 -31.45 -12.93 -50.58
C ALA C 24 -32.26 -13.96 -49.83
N ALA C 25 -32.27 -15.21 -50.32
CA ALA C 25 -33.06 -16.27 -49.66
C ALA C 25 -32.62 -16.64 -48.27
N ALA C 26 -31.31 -16.70 -48.06
CA ALA C 26 -30.74 -17.04 -46.78
C ALA C 26 -31.39 -16.19 -45.70
N ASP C 27 -31.66 -14.92 -46.01
CA ASP C 27 -32.29 -14.03 -45.03
C ASP C 27 -33.60 -14.64 -44.48
N MET C 28 -34.37 -15.29 -45.36
CA MET C 28 -35.64 -15.91 -44.96
C MET C 28 -35.45 -17.03 -43.94
N ALA C 29 -34.42 -17.84 -44.17
CA ALA C 29 -34.05 -18.98 -43.33
C ALA C 29 -34.18 -18.74 -41.85
N THR C 30 -33.95 -17.49 -41.47
CA THR C 30 -34.00 -17.19 -40.08
C THR C 30 -34.82 -15.97 -39.73
N GLY C 31 -35.59 -15.50 -40.71
CA GLY C 31 -36.46 -14.35 -40.55
C GLY C 31 -36.01 -13.29 -39.55
N LYS C 32 -34.70 -13.14 -39.46
CA LYS C 32 -34.10 -12.18 -38.56
C LYS C 32 -34.22 -10.81 -39.17
N SER C 33 -34.30 -9.83 -38.29
CA SER C 33 -34.41 -8.43 -38.66
C SER C 33 -33.14 -7.65 -38.27
N VAL C 34 -33.23 -6.77 -37.27
CA VAL C 34 -32.09 -5.94 -36.80
C VAL C 34 -30.95 -6.86 -36.34
N ASP C 35 -29.75 -6.55 -36.82
CA ASP C 35 -28.55 -7.31 -36.47
C ASP C 35 -28.26 -7.18 -34.96
N SER C 36 -29.13 -6.43 -34.26
CA SER C 36 -29.01 -6.18 -32.81
C SER C 36 -30.21 -6.64 -31.97
N GLU C 37 -30.81 -7.76 -32.37
CA GLU C 37 -31.96 -8.37 -31.70
C GLU C 37 -31.84 -8.44 -30.18
N TRP C 38 -30.63 -8.53 -29.65
CA TRP C 38 -30.49 -8.59 -28.21
C TRP C 38 -30.83 -7.21 -27.65
N GLU C 39 -30.46 -6.15 -28.39
CA GLU C 39 -30.75 -4.77 -27.99
C GLU C 39 -32.26 -4.53 -28.07
N ALA C 40 -32.99 -5.63 -28.07
CA ALA C 40 -34.42 -5.55 -28.16
C ALA C 40 -35.12 -6.39 -27.10
N PHE C 41 -34.92 -7.71 -27.09
CA PHE C 41 -35.62 -8.53 -26.13
C PHE C 41 -35.06 -8.47 -24.70
N PHE C 42 -35.70 -9.22 -23.80
CA PHE C 42 -35.26 -9.21 -22.42
C PHE C 42 -34.55 -10.44 -21.98
N SER C 43 -33.48 -10.24 -21.25
CA SER C 43 -32.79 -11.40 -20.78
C SER C 43 -32.87 -11.50 -19.28
N PHE C 44 -33.01 -12.73 -18.83
CA PHE C 44 -33.09 -13.00 -17.41
C PHE C 44 -31.82 -12.64 -16.71
N HIS C 45 -31.95 -12.24 -15.47
CA HIS C 45 -30.78 -11.93 -14.69
C HIS C 45 -30.81 -12.76 -13.44
N THR C 46 -31.71 -12.45 -12.51
CA THR C 46 -31.75 -13.26 -11.30
C THR C 46 -33.11 -13.10 -10.67
N SER C 47 -33.38 -13.96 -9.70
CA SER C 47 -34.65 -13.91 -9.05
C SER C 47 -34.50 -14.29 -7.60
N VAL C 48 -35.40 -13.78 -6.76
CA VAL C 48 -35.31 -14.06 -5.34
C VAL C 48 -36.63 -14.52 -4.74
N ASN C 49 -36.51 -15.23 -3.61
CA ASN C 49 -37.63 -15.80 -2.87
C ASN C 49 -38.10 -14.88 -1.74
N TRP C 50 -39.16 -14.11 -2.00
CA TRP C 50 -39.72 -13.21 -1.01
C TRP C 50 -40.65 -13.93 -0.07
N SER C 51 -40.12 -14.14 1.13
CA SER C 51 -40.80 -14.84 2.19
C SER C 51 -41.64 -13.93 3.05
N THR C 52 -42.73 -14.52 3.52
CA THR C 52 -43.68 -13.85 4.36
C THR C 52 -43.08 -13.65 5.73
N SER C 53 -41.95 -14.26 6.02
CA SER C 53 -41.38 -14.05 7.33
C SER C 53 -40.30 -13.00 7.21
N GLU C 54 -40.20 -12.37 6.05
CA GLU C 54 -39.19 -11.34 5.89
C GLU C 54 -39.62 -9.97 6.33
N THR C 55 -39.13 -9.58 7.50
CA THR C 55 -39.44 -8.30 8.12
C THR C 55 -39.36 -7.04 7.23
N GLN C 56 -40.26 -6.09 7.49
CA GLN C 56 -40.31 -4.84 6.75
C GLN C 56 -38.92 -4.31 6.46
N GLY C 57 -38.75 -3.77 5.25
CA GLY C 57 -37.45 -3.24 4.88
C GLY C 57 -36.33 -4.25 4.90
N LYS C 58 -35.95 -4.72 3.71
CA LYS C 58 -34.87 -5.68 3.57
C LYS C 58 -34.54 -5.70 2.09
N ILE C 59 -33.31 -5.37 1.78
CA ILE C 59 -32.85 -5.34 0.40
C ILE C 59 -33.08 -6.64 -0.35
N LEU C 60 -33.18 -6.55 -1.66
CA LEU C 60 -33.38 -7.72 -2.48
C LEU C 60 -32.58 -7.65 -3.77
N PHE C 61 -32.21 -6.44 -4.22
CA PHE C 61 -31.42 -6.31 -5.43
C PHE C 61 -30.46 -5.20 -5.35
N LYS C 62 -29.29 -5.45 -4.78
CA LYS C 62 -28.28 -4.39 -4.70
C LYS C 62 -27.70 -4.16 -6.10
N GLN C 63 -28.27 -4.81 -7.11
CA GLN C 63 -27.77 -4.70 -8.49
C GLN C 63 -27.45 -3.29 -8.99
N SER C 64 -26.24 -3.15 -9.54
CA SER C 64 -25.76 -1.88 -10.05
C SER C 64 -25.48 -1.84 -11.54
N LEU C 65 -25.54 -0.62 -12.05
CA LEU C 65 -25.32 -0.31 -13.45
C LEU C 65 -23.97 -0.79 -13.93
N GLY C 66 -23.87 -0.93 -15.25
CA GLY C 66 -22.64 -1.41 -15.84
C GLY C 66 -23.00 -2.60 -16.72
N PRO C 67 -22.39 -2.70 -17.90
CA PRO C 67 -22.69 -3.82 -18.80
C PRO C 67 -22.53 -5.21 -18.17
N LEU C 68 -22.04 -5.27 -16.94
CA LEU C 68 -21.86 -6.56 -16.27
C LEU C 68 -23.20 -7.25 -15.99
N LEU C 69 -24.29 -6.49 -16.12
CA LEU C 69 -25.65 -6.98 -15.88
C LEU C 69 -26.08 -8.01 -16.88
N ASN C 70 -26.52 -7.52 -18.02
CA ASN C 70 -26.95 -8.38 -19.09
C ASN C 70 -25.72 -9.14 -19.63
N PRO C 71 -25.86 -10.46 -19.88
CA PRO C 71 -24.78 -11.32 -20.40
C PRO C 71 -24.38 -10.92 -21.81
N TYR C 72 -25.35 -10.69 -22.68
CA TYR C 72 -24.99 -10.28 -24.03
C TYR C 72 -24.05 -9.07 -23.91
N LEU C 73 -24.57 -7.96 -23.40
CA LEU C 73 -23.74 -6.75 -23.24
C LEU C 73 -22.38 -7.05 -22.68
N THR C 74 -22.40 -7.72 -21.54
CA THR C 74 -21.21 -8.11 -20.80
C THR C 74 -20.23 -8.77 -21.76
N HIS C 75 -20.75 -9.63 -22.62
CA HIS C 75 -19.94 -10.33 -23.60
C HIS C 75 -19.39 -9.38 -24.66
N LEU C 76 -20.30 -8.62 -25.22
CA LEU C 76 -19.96 -7.67 -26.23
C LEU C 76 -18.92 -6.70 -25.66
N ALA C 77 -19.16 -6.18 -24.46
CA ALA C 77 -18.23 -5.25 -23.82
C ALA C 77 -16.79 -5.71 -23.90
N LYS C 78 -16.56 -6.99 -24.09
CA LYS C 78 -15.19 -7.50 -24.18
C LYS C 78 -14.44 -6.80 -25.30
N LEU C 79 -15.17 -6.25 -26.27
CA LEU C 79 -14.56 -5.58 -27.43
C LEU C 79 -14.43 -4.09 -27.38
N TYR C 80 -14.83 -3.50 -26.27
CA TYR C 80 -14.73 -2.07 -26.21
C TYR C 80 -14.03 -1.67 -24.94
N VAL C 81 -14.18 -0.41 -24.56
CA VAL C 81 -13.56 0.04 -23.35
C VAL C 81 -14.43 1.07 -22.79
N ALA C 82 -15.38 1.49 -23.61
CA ALA C 82 -16.31 2.56 -23.25
C ALA C 82 -17.77 2.27 -23.39
N TRP C 83 -18.52 2.56 -22.32
CA TRP C 83 -19.95 2.36 -22.29
C TRP C 83 -20.65 3.51 -21.58
N SER C 84 -21.89 3.77 -21.99
CA SER C 84 -22.67 4.86 -21.44
C SER C 84 -24.16 4.67 -21.76
N GLY C 85 -25.02 5.38 -21.04
CA GLY C 85 -26.46 5.25 -21.25
C GLY C 85 -27.05 4.48 -20.08
N SER C 86 -28.30 4.03 -20.18
CA SER C 86 -28.85 3.27 -19.08
C SER C 86 -29.23 1.86 -19.48
N ILE C 87 -29.82 1.12 -18.56
CA ILE C 87 -30.22 -0.23 -18.85
C ILE C 87 -31.60 -0.44 -18.31
N GLU C 88 -32.53 -0.89 -19.15
CA GLU C 88 -33.89 -1.10 -18.67
C GLU C 88 -33.96 -2.40 -17.88
N VAL C 89 -34.85 -2.43 -16.90
CA VAL C 89 -34.98 -3.62 -16.07
C VAL C 89 -36.42 -4.02 -15.84
N ARG C 90 -36.82 -5.09 -16.52
CA ARG C 90 -38.17 -5.62 -16.39
C ARG C 90 -38.12 -6.77 -15.43
N PHE C 91 -39.07 -6.80 -14.51
CA PHE C 91 -39.13 -7.90 -13.59
C PHE C 91 -40.45 -7.88 -12.92
N SER C 92 -40.88 -9.04 -12.43
CA SER C 92 -42.16 -9.10 -11.77
C SER C 92 -42.24 -10.31 -10.87
N ILE C 93 -43.39 -10.42 -10.24
CA ILE C 93 -43.67 -11.48 -9.31
C ILE C 93 -44.95 -12.13 -9.72
N SER C 94 -45.18 -13.31 -9.16
CA SER C 94 -46.38 -14.05 -9.44
C SER C 94 -47.21 -14.11 -8.17
N GLY C 95 -47.84 -13.00 -7.82
CA GLY C 95 -48.65 -12.97 -6.61
C GLY C 95 -50.04 -13.50 -6.84
N SER C 96 -50.64 -14.06 -5.80
CA SER C 96 -52.00 -14.59 -5.88
C SER C 96 -52.95 -13.54 -5.35
N GLY C 97 -54.11 -13.40 -5.99
CA GLY C 97 -55.10 -12.42 -5.56
C GLY C 97 -55.38 -12.39 -4.07
N VAL C 98 -54.92 -13.43 -3.38
CA VAL C 98 -55.12 -13.53 -1.94
C VAL C 98 -54.13 -12.62 -1.22
N PHE C 99 -52.85 -12.89 -1.44
CA PHE C 99 -51.79 -12.13 -0.81
C PHE C 99 -51.95 -10.64 -0.79
N GLY C 100 -51.11 -10.00 0.00
CA GLY C 100 -51.14 -8.57 0.10
C GLY C 100 -49.76 -8.16 0.54
N GLY C 101 -49.26 -7.05 0.00
CA GLY C 101 -47.94 -6.63 0.39
C GLY C 101 -47.46 -5.69 -0.67
N LYS C 102 -46.44 -4.90 -0.34
CA LYS C 102 -45.92 -3.95 -1.28
C LYS C 102 -44.39 -3.93 -1.30
N LEU C 103 -43.81 -3.77 -2.48
CA LEU C 103 -42.37 -3.73 -2.62
C LEU C 103 -41.96 -2.32 -3.04
N ALA C 104 -40.76 -1.90 -2.65
CA ALA C 104 -40.32 -0.56 -2.98
C ALA C 104 -39.22 -0.56 -4.01
N ALA C 105 -39.19 0.51 -4.79
CA ALA C 105 -38.18 0.64 -5.81
C ALA C 105 -37.43 1.94 -5.62
N ILE C 106 -36.10 1.88 -5.57
CA ILE C 106 -35.33 3.11 -5.42
C ILE C 106 -34.02 3.18 -6.18
N VAL C 107 -33.87 4.28 -6.90
CA VAL C 107 -32.69 4.49 -7.70
C VAL C 107 -31.60 5.20 -6.94
N VAL C 108 -30.69 4.42 -6.41
CA VAL C 108 -29.57 4.96 -5.67
C VAL C 108 -28.48 5.53 -6.55
N PRO C 109 -28.20 6.83 -6.40
CA PRO C 109 -27.17 7.51 -7.18
C PRO C 109 -25.80 6.94 -6.89
N PRO C 110 -24.82 7.22 -7.74
CA PRO C 110 -23.48 6.69 -7.52
C PRO C 110 -22.83 7.17 -6.21
N GLY C 111 -21.77 6.50 -5.78
CA GLY C 111 -21.07 6.92 -4.58
C GLY C 111 -21.70 6.59 -3.25
N ILE C 112 -22.87 5.99 -3.29
CA ILE C 112 -23.51 5.65 -2.04
C ILE C 112 -23.84 4.20 -2.15
N GLU C 113 -23.94 3.57 -0.99
CA GLU C 113 -24.24 2.17 -0.93
C GLU C 113 -25.42 2.02 0.01
N PRO C 114 -26.49 1.37 -0.47
CA PRO C 114 -27.73 1.10 0.25
C PRO C 114 -27.56 0.28 1.50
N ILE C 115 -28.27 0.67 2.56
CA ILE C 115 -28.20 -0.08 3.80
C ILE C 115 -29.50 -0.81 3.99
N GLN C 116 -29.44 -1.98 4.64
CA GLN C 116 -30.64 -2.78 4.87
C GLN C 116 -31.56 -2.22 5.98
N SER C 117 -31.63 -0.90 6.09
CA SER C 117 -32.50 -0.30 7.09
C SER C 117 -33.77 0.26 6.47
N THR C 118 -34.60 0.79 7.33
CA THR C 118 -35.83 1.35 6.87
C THR C 118 -35.63 2.72 6.22
N SER C 119 -34.96 3.62 6.93
CA SER C 119 -34.68 4.99 6.47
C SER C 119 -34.47 5.12 4.97
N MET C 120 -34.01 4.05 4.36
CA MET C 120 -33.80 4.05 2.93
C MET C 120 -35.04 4.57 2.27
N LEU C 121 -36.19 4.25 2.85
CA LEU C 121 -37.45 4.67 2.27
C LEU C 121 -37.82 6.13 2.36
N GLN C 122 -37.15 6.89 3.21
CA GLN C 122 -37.46 8.31 3.32
C GLN C 122 -36.75 8.94 2.13
N TYR C 123 -36.93 8.31 0.97
CA TYR C 123 -36.31 8.74 -0.29
C TYR C 123 -37.37 8.55 -1.37
N PRO C 124 -37.33 9.38 -2.43
CA PRO C 124 -38.34 9.20 -3.47
C PRO C 124 -38.35 7.76 -3.94
N HIS C 125 -39.49 7.12 -3.86
CA HIS C 125 -39.60 5.73 -4.27
C HIS C 125 -40.84 5.44 -5.07
N VAL C 126 -40.91 4.21 -5.54
CA VAL C 126 -42.02 3.73 -6.35
C VAL C 126 -42.59 2.49 -5.71
N LEU C 127 -43.80 2.60 -5.17
CA LEU C 127 -44.43 1.46 -4.53
C LEU C 127 -44.78 0.43 -5.57
N PHE C 128 -44.89 -0.80 -5.08
CA PHE C 128 -45.10 -1.94 -5.91
C PHE C 128 -45.95 -3.04 -5.25
N ASP C 129 -47.08 -3.44 -5.86
CA ASP C 129 -47.93 -4.49 -5.26
C ASP C 129 -47.72 -5.94 -5.72
N ALA C 130 -47.98 -6.89 -4.81
CA ALA C 130 -47.81 -8.32 -5.08
C ALA C 130 -48.84 -8.87 -6.05
N ARG C 131 -50.00 -8.22 -6.13
CA ARG C 131 -51.04 -8.68 -7.02
C ARG C 131 -50.71 -8.34 -8.46
N GLN C 132 -50.26 -7.12 -8.70
CA GLN C 132 -49.94 -6.66 -10.05
C GLN C 132 -49.29 -7.75 -10.90
N VAL C 133 -50.11 -8.29 -11.79
CA VAL C 133 -49.65 -9.33 -12.71
C VAL C 133 -48.82 -8.67 -13.79
N GLU C 134 -49.09 -7.40 -14.05
CA GLU C 134 -48.33 -6.70 -15.05
C GLU C 134 -46.88 -6.54 -14.56
N PRO C 135 -45.88 -7.03 -15.33
CA PRO C 135 -44.48 -6.92 -14.95
C PRO C 135 -43.99 -5.49 -15.14
N VAL C 136 -43.35 -4.91 -14.13
CA VAL C 136 -42.86 -3.54 -14.21
C VAL C 136 -41.55 -3.44 -14.97
N ILE C 137 -41.39 -2.33 -15.69
CA ILE C 137 -40.18 -2.12 -16.47
C ILE C 137 -39.71 -0.70 -16.44
N PHE C 138 -38.75 -0.36 -15.60
CA PHE C 138 -38.25 1.00 -15.60
C PHE C 138 -36.79 1.01 -15.90
N THR C 139 -36.24 2.21 -15.96
CA THR C 139 -34.86 2.29 -16.33
C THR C 139 -33.99 2.90 -15.27
N ILE C 140 -32.73 2.49 -15.30
CA ILE C 140 -31.73 2.98 -14.37
C ILE C 140 -30.91 3.96 -15.16
N PRO C 141 -31.32 5.22 -15.16
CA PRO C 141 -30.58 6.25 -15.89
C PRO C 141 -29.17 6.43 -15.40
N ASP C 142 -28.26 6.59 -16.34
CA ASP C 142 -26.87 6.77 -16.00
C ASP C 142 -26.51 8.21 -15.74
N LEU C 143 -26.20 8.51 -14.49
CA LEU C 143 -25.77 9.83 -14.13
C LEU C 143 -24.31 9.61 -14.02
N ARG C 144 -23.55 10.49 -14.65
CA ARG C 144 -22.11 10.29 -14.61
C ARG C 144 -21.29 11.52 -14.33
N SER C 145 -20.10 11.30 -13.79
CA SER C 145 -19.17 12.37 -13.49
C SER C 145 -18.40 12.70 -14.76
N THR C 146 -17.85 11.65 -15.36
CA THR C 146 -17.05 11.73 -16.59
C THR C 146 -17.93 11.83 -17.83
N LEU C 147 -17.30 11.66 -18.98
CA LEU C 147 -17.99 11.70 -20.26
C LEU C 147 -18.39 10.29 -20.61
N TYR C 148 -17.39 9.40 -20.62
CA TYR C 148 -17.60 7.99 -20.93
C TYR C 148 -17.09 7.09 -19.82
N HIS C 149 -17.85 6.05 -19.45
CA HIS C 149 -17.45 5.15 -18.36
C HIS C 149 -16.40 4.10 -18.67
N LEU C 150 -15.25 4.22 -18.03
CA LEU C 150 -14.17 3.25 -18.25
C LEU C 150 -14.69 1.88 -17.82
N MET C 151 -14.45 0.87 -18.65
CA MET C 151 -14.92 -0.47 -18.37
C MET C 151 -14.96 -0.90 -16.91
N SER C 152 -13.93 -0.53 -16.17
CA SER C 152 -13.85 -0.94 -14.79
C SER C 152 -14.61 -0.12 -13.76
N ASP C 153 -15.03 1.11 -14.09
CA ASP C 153 -15.76 1.97 -13.15
C ASP C 153 -16.81 1.20 -12.33
N THR C 154 -16.49 0.88 -11.09
CA THR C 154 -17.41 0.13 -10.23
C THR C 154 -18.29 1.06 -9.41
N ASP C 155 -18.14 2.34 -9.69
CA ASP C 155 -18.85 3.35 -8.98
C ASP C 155 -19.82 4.07 -9.89
N THR C 156 -21.01 3.53 -10.02
CA THR C 156 -21.99 4.11 -10.91
C THR C 156 -23.37 4.13 -10.28
N THR C 157 -24.33 4.63 -11.05
CA THR C 157 -25.72 4.70 -10.63
C THR C 157 -26.12 3.31 -10.23
N SER C 158 -27.17 3.19 -9.42
CA SER C 158 -27.61 1.89 -8.98
C SER C 158 -29.07 1.88 -8.61
N LEU C 159 -29.69 0.71 -8.68
CA LEU C 159 -31.09 0.55 -8.33
C LEU C 159 -31.24 -0.56 -7.33
N VAL C 160 -32.25 -0.43 -6.47
CA VAL C 160 -32.52 -1.44 -5.48
C VAL C 160 -33.99 -1.61 -5.12
N ILE C 161 -34.29 -2.78 -4.54
CA ILE C 161 -35.64 -3.12 -4.12
C ILE C 161 -35.66 -3.54 -2.66
N MET C 162 -36.63 -3.00 -1.94
CA MET C 162 -36.81 -3.28 -0.52
C MET C 162 -38.26 -3.54 -0.16
N ILE C 163 -38.50 -4.52 0.71
CA ILE C 163 -39.86 -4.83 1.12
C ILE C 163 -40.50 -3.76 1.94
N TYR C 164 -41.30 -2.98 1.25
CA TYR C 164 -42.01 -1.89 1.86
C TYR C 164 -42.88 -2.44 2.98
N ASN C 165 -43.91 -3.19 2.60
CA ASN C 165 -44.83 -3.78 3.57
C ASN C 165 -44.76 -5.27 3.55
N ASP C 166 -44.63 -5.85 4.74
CA ASP C 166 -44.53 -7.28 4.83
C ASP C 166 -45.46 -8.05 3.90
N LEU C 167 -45.22 -9.33 3.80
CA LEU C 167 -46.01 -10.15 2.95
C LEU C 167 -47.01 -10.85 3.84
N ILE C 168 -48.28 -10.50 3.70
CA ILE C 168 -49.30 -11.08 4.55
C ILE C 168 -50.06 -12.21 3.89
N ASN C 169 -50.47 -13.16 4.70
CA ASN C 169 -51.19 -14.27 4.16
C ASN C 169 -52.26 -14.74 5.09
N PRO C 170 -53.50 -14.71 4.61
CA PRO C 170 -54.65 -15.13 5.41
C PRO C 170 -54.63 -16.46 6.19
N TYR C 171 -53.70 -17.37 5.92
CA TYR C 171 -53.67 -18.64 6.63
C TYR C 171 -52.32 -18.79 7.28
N ALA C 172 -52.01 -17.85 8.16
CA ALA C 172 -50.73 -17.84 8.85
C ALA C 172 -50.40 -19.15 9.52
N ASN C 173 -50.07 -19.05 10.81
CA ASN C 173 -49.70 -20.18 11.68
C ASN C 173 -48.20 -20.41 11.84
N ASP C 174 -47.85 -21.71 11.90
CA ASP C 174 -46.49 -22.26 12.08
C ASP C 174 -45.58 -22.25 10.83
N SER C 175 -44.37 -22.80 11.04
CA SER C 175 -43.27 -22.90 10.05
C SER C 175 -43.12 -21.62 9.17
N ASN C 176 -42.27 -21.71 8.14
CA ASN C 176 -42.00 -20.61 7.18
C ASN C 176 -43.28 -20.57 6.31
N SER C 177 -44.37 -20.08 6.90
CA SER C 177 -45.67 -20.00 6.23
C SER C 177 -45.54 -20.26 4.71
N SER C 178 -45.11 -19.25 3.97
CA SER C 178 -44.95 -19.37 2.53
C SER C 178 -44.01 -18.32 1.97
N GLY C 179 -44.36 -17.79 0.80
CA GLY C 179 -43.54 -16.76 0.16
C GLY C 179 -43.29 -17.14 -1.28
N CYS C 180 -43.64 -16.25 -2.20
CA CYS C 180 -43.47 -16.48 -3.63
C CYS C 180 -42.14 -15.92 -4.11
N ILE C 181 -41.78 -16.26 -5.34
CA ILE C 181 -40.54 -15.79 -5.93
C ILE C 181 -40.74 -14.54 -6.76
N VAL C 182 -39.62 -13.93 -7.13
CA VAL C 182 -39.63 -12.73 -7.92
C VAL C 182 -38.47 -12.78 -8.84
N THR C 183 -38.73 -12.52 -10.11
CA THR C 183 -37.70 -12.56 -11.11
C THR C 183 -37.25 -11.18 -11.53
N VAL C 184 -36.19 -11.14 -12.35
CA VAL C 184 -35.65 -9.89 -12.85
C VAL C 184 -34.92 -10.02 -14.16
N GLU C 185 -35.47 -9.40 -15.20
CA GLU C 185 -34.87 -9.45 -16.53
C GLU C 185 -34.13 -8.17 -16.88
N THR C 186 -33.41 -8.22 -18.00
CA THR C 186 -32.67 -7.06 -18.40
C THR C 186 -32.57 -6.85 -19.90
N LYS C 187 -32.63 -5.59 -20.30
CA LYS C 187 -32.54 -5.18 -21.70
C LYS C 187 -31.77 -3.88 -21.78
N PRO C 188 -30.79 -3.81 -22.67
CA PRO C 188 -30.00 -2.59 -22.82
C PRO C 188 -30.86 -1.40 -23.21
N GLY C 189 -30.77 -0.34 -22.40
CA GLY C 189 -31.53 0.85 -22.68
C GLY C 189 -31.28 1.35 -24.09
N PRO C 190 -32.14 2.22 -24.61
CA PRO C 190 -31.95 2.74 -25.97
C PRO C 190 -30.71 3.63 -26.04
N ASP C 191 -30.63 4.57 -25.11
CA ASP C 191 -29.53 5.53 -25.01
C ASP C 191 -28.22 4.87 -24.56
N PHE C 192 -28.19 3.56 -24.52
CA PHE C 192 -27.00 2.85 -24.11
C PHE C 192 -26.25 2.46 -25.35
N LYS C 193 -25.02 2.95 -25.46
CA LYS C 193 -24.17 2.66 -26.60
C LYS C 193 -22.74 2.67 -26.07
N PHE C 194 -21.86 1.88 -26.67
CA PHE C 194 -20.47 1.85 -26.20
C PHE C 194 -19.70 3.08 -26.63
N HIS C 195 -18.47 2.89 -27.11
CA HIS C 195 -17.69 4.02 -27.59
C HIS C 195 -16.28 3.78 -28.05
N LEU C 196 -15.42 3.30 -27.16
CA LEU C 196 -14.05 3.06 -27.56
C LEU C 196 -13.81 1.63 -27.91
N LEU C 197 -13.36 1.43 -29.15
CA LEU C 197 -13.08 0.11 -29.65
C LEU C 197 -11.65 -0.28 -29.39
N LYS C 198 -11.46 -1.20 -28.47
CA LYS C 198 -10.10 -1.65 -28.15
C LYS C 198 -9.57 -2.59 -29.21
N PRO C 199 -8.25 -2.52 -29.45
CA PRO C 199 -7.60 -3.39 -30.43
C PRO C 199 -7.25 -4.67 -29.68
N PRO C 200 -7.60 -5.82 -30.25
CA PRO C 200 -7.36 -7.15 -29.68
C PRO C 200 -5.93 -7.32 -29.24
N GLY C 201 -5.78 -7.80 -28.01
CA GLY C 201 -4.46 -8.04 -27.48
C GLY C 201 -3.87 -6.85 -26.75
N SER C 202 -4.31 -5.65 -27.07
CA SER C 202 -3.73 -4.52 -26.37
C SER C 202 -3.93 -4.74 -24.87
N MET C 203 -3.11 -4.13 -24.04
CA MET C 203 -3.28 -4.31 -22.60
C MET C 203 -3.85 -3.07 -21.89
N LEU C 204 -4.96 -3.26 -21.19
CA LEU C 204 -5.66 -2.17 -20.47
C LEU C 204 -4.84 -1.63 -19.30
N THR C 205 -4.73 -0.31 -19.24
CA THR C 205 -3.96 0.37 -18.22
C THR C 205 -4.38 0.16 -16.76
N HIS C 206 -5.57 -0.41 -16.54
CA HIS C 206 -6.02 -0.61 -15.18
C HIS C 206 -6.16 -2.04 -14.66
N GLY C 207 -7.32 -2.64 -14.85
CA GLY C 207 -7.46 -4.00 -14.38
C GLY C 207 -8.91 -4.40 -14.49
N SER C 208 -9.14 -5.68 -14.70
CA SER C 208 -10.49 -6.20 -14.86
C SER C 208 -11.26 -6.27 -13.55
N VAL C 209 -12.54 -6.57 -13.67
CA VAL C 209 -13.38 -6.68 -12.51
C VAL C 209 -13.06 -7.98 -11.82
N PRO C 210 -12.85 -7.90 -10.51
CA PRO C 210 -12.53 -9.00 -9.61
C PRO C 210 -13.60 -10.10 -9.61
N CYS C 211 -14.72 -9.87 -10.30
CA CYS C 211 -15.75 -10.90 -10.35
C CYS C 211 -15.33 -11.89 -11.44
N ASP C 212 -14.36 -12.72 -11.04
CA ASP C 212 -13.77 -13.74 -11.89
C ASP C 212 -12.66 -14.50 -11.15
N LEU C 213 -12.76 -14.57 -9.83
CA LEU C 213 -11.77 -15.25 -8.99
C LEU C 213 -12.12 -16.70 -8.77
N ILE C 214 -13.00 -16.92 -7.82
CA ILE C 214 -13.44 -18.27 -7.49
C ILE C 214 -14.14 -18.90 -8.67
N PRO C 215 -13.87 -20.19 -8.91
CA PRO C 215 -14.52 -20.86 -10.02
C PRO C 215 -15.94 -21.19 -9.61
N LYS C 216 -16.88 -20.93 -10.51
CA LYS C 216 -18.28 -21.25 -10.25
C LYS C 216 -18.39 -22.78 -10.25
N SER C 217 -18.21 -23.43 -9.10
CA SER C 217 -18.25 -24.90 -8.97
C SER C 217 -17.36 -25.25 -7.79
N SER C 218 -17.83 -26.12 -6.89
CA SER C 218 -17.04 -26.47 -5.74
C SER C 218 -15.96 -27.46 -6.13
N SER C 219 -16.27 -28.29 -7.12
CA SER C 219 -15.36 -29.31 -7.61
C SER C 219 -13.92 -28.86 -7.55
N LEU C 220 -13.41 -28.28 -8.64
CA LEU C 220 -12.04 -27.85 -8.64
C LEU C 220 -11.80 -26.56 -7.88
N TRP C 221 -11.37 -26.74 -6.62
CA TRP C 221 -11.05 -25.65 -5.72
C TRP C 221 -9.66 -25.86 -5.10
N ILE C 222 -9.47 -26.93 -4.33
CA ILE C 222 -8.17 -27.25 -3.71
C ILE C 222 -7.39 -26.14 -2.97
N GLY C 223 -7.00 -26.45 -1.73
CA GLY C 223 -6.25 -25.50 -0.90
C GLY C 223 -5.01 -24.93 -1.55
N ASN C 224 -4.47 -23.86 -0.97
CA ASN C 224 -3.28 -23.25 -1.55
C ASN C 224 -2.05 -23.66 -0.74
N ARG C 225 -2.25 -24.19 0.46
CA ARG C 225 -1.10 -24.63 1.23
C ARG C 225 -0.95 -26.12 0.95
N PHE C 226 -2.04 -26.78 0.53
CA PHE C 226 -1.99 -28.21 0.21
C PHE C 226 -2.92 -28.52 -0.95
N TRP C 227 -2.41 -29.31 -1.91
CA TRP C 227 -3.13 -29.68 -3.14
C TRP C 227 -4.39 -30.51 -3.03
N SER C 228 -5.04 -30.47 -1.89
CA SER C 228 -6.26 -31.25 -1.75
C SER C 228 -7.45 -30.31 -1.90
N ASP C 229 -8.57 -30.82 -2.43
CA ASP C 229 -9.77 -30.01 -2.62
C ASP C 229 -10.40 -29.65 -1.29
N ILE C 230 -10.95 -28.45 -1.18
CA ILE C 230 -11.52 -28.07 0.09
C ILE C 230 -12.76 -28.88 0.36
N THR C 231 -13.06 -29.01 1.65
CA THR C 231 -14.22 -29.77 2.06
C THR C 231 -14.90 -29.17 3.28
N ASP C 232 -14.59 -27.93 3.61
CA ASP C 232 -15.21 -27.31 4.77
C ASP C 232 -14.69 -25.88 4.96
N PHE C 233 -15.32 -25.13 5.86
CA PHE C 233 -14.94 -23.75 6.13
C PHE C 233 -14.58 -23.52 7.58
N VAL C 234 -13.70 -22.56 7.83
CA VAL C 234 -13.32 -22.30 9.20
C VAL C 234 -13.63 -20.90 9.63
N ILE C 235 -14.59 -20.77 10.53
CA ILE C 235 -14.95 -19.46 11.04
C ILE C 235 -13.96 -19.00 12.12
N ARG C 236 -12.99 -18.17 11.75
CA ARG C 236 -12.01 -17.71 12.74
C ARG C 236 -11.93 -16.18 12.91
N PRO C 237 -11.31 -15.72 14.01
CA PRO C 237 -11.14 -14.29 14.32
C PRO C 237 -9.86 -13.71 13.74
N PHE C 238 -8.94 -14.59 13.40
CA PHE C 238 -7.69 -14.15 12.85
C PHE C 238 -7.25 -15.10 11.80
N VAL C 239 -6.47 -14.61 10.86
CA VAL C 239 -5.97 -15.46 9.79
C VAL C 239 -4.57 -15.04 9.44
N PHE C 240 -3.72 -16.01 9.14
CA PHE C 240 -2.34 -15.72 8.80
C PHE C 240 -1.74 -16.79 7.92
N GLN C 241 -1.05 -16.35 6.88
CA GLN C 241 -0.44 -17.26 5.93
C GLN C 241 0.34 -16.49 4.90
N ALA C 242 1.60 -16.84 4.68
CA ALA C 242 2.37 -16.13 3.67
C ALA C 242 2.71 -17.07 2.52
N ASN C 243 3.17 -18.26 2.84
CA ASN C 243 3.53 -19.26 1.85
C ASN C 243 2.46 -19.38 0.76
N ARG C 244 2.82 -19.16 -0.50
CA ARG C 244 1.85 -19.27 -1.59
C ARG C 244 0.61 -18.41 -1.40
N HIS C 245 0.78 -17.23 -0.83
CA HIS C 245 -0.35 -16.32 -0.63
C HIS C 245 -0.03 -15.07 -1.40
N PHE C 246 -1.01 -14.54 -2.12
CA PHE C 246 -0.74 -13.37 -2.89
C PHE C 246 -1.64 -12.20 -2.56
N ASP C 247 -1.04 -11.03 -2.71
CA ASP C 247 -1.67 -9.76 -2.44
C ASP C 247 -2.50 -9.33 -3.67
N PHE C 248 -3.24 -8.24 -3.56
CA PHE C 248 -4.07 -7.75 -4.64
C PHE C 248 -3.33 -6.91 -5.66
N ASN C 249 -2.16 -6.46 -5.24
CA ASN C 249 -1.28 -5.65 -6.07
C ASN C 249 -0.27 -6.61 -6.70
N GLN C 250 -0.62 -7.88 -6.76
CA GLN C 250 0.24 -8.92 -7.33
C GLN C 250 1.44 -9.26 -6.49
N GLU C 251 1.62 -8.57 -5.36
CA GLU C 251 2.77 -8.83 -4.49
C GLU C 251 2.45 -10.05 -3.64
N THR C 252 3.49 -10.68 -3.10
CA THR C 252 3.30 -11.86 -2.26
C THR C 252 4.33 -11.98 -1.14
N ALA C 253 3.83 -12.12 0.07
CA ALA C 253 4.70 -12.27 1.23
C ALA C 253 5.38 -13.63 1.10
N GLY C 254 4.75 -14.49 0.31
CA GLY C 254 5.21 -15.86 0.09
C GLY C 254 6.58 -16.18 -0.48
N TRP C 255 6.79 -17.43 -0.88
CA TRP C 255 8.07 -17.84 -1.46
C TRP C 255 7.87 -18.95 -2.44
N SER C 256 6.77 -18.95 -3.16
CA SER C 256 6.53 -20.06 -4.07
C SER C 256 5.45 -19.81 -5.10
N THR C 257 5.69 -20.33 -6.30
CA THR C 257 4.75 -20.18 -7.41
C THR C 257 3.40 -20.78 -7.04
N PRO C 258 2.31 -20.10 -7.42
CA PRO C 258 0.95 -20.56 -7.10
C PRO C 258 0.54 -21.94 -7.61
N ARG C 259 1.50 -22.87 -7.61
CA ARG C 259 1.21 -24.21 -8.05
C ARG C 259 1.94 -25.28 -7.25
N PHE C 260 1.46 -26.50 -7.35
CA PHE C 260 2.03 -27.61 -6.63
C PHE C 260 2.78 -28.56 -7.52
N ARG C 261 4.08 -28.62 -7.31
CA ARG C 261 4.92 -29.53 -8.07
C ARG C 261 6.01 -29.99 -7.10
N PRO C 262 6.72 -31.08 -7.42
CA PRO C 262 7.80 -31.72 -6.68
C PRO C 262 8.90 -30.76 -6.31
N ILE C 263 9.51 -31.02 -5.17
CA ILE C 263 10.57 -30.16 -4.69
C ILE C 263 11.94 -30.79 -4.86
N THR C 264 12.74 -30.16 -5.72
CA THR C 264 14.08 -30.63 -6.00
C THR C 264 15.21 -29.85 -5.32
N VAL C 265 15.88 -30.50 -4.39
CA VAL C 265 16.98 -29.87 -3.69
C VAL C 265 18.22 -30.72 -3.61
N THR C 266 19.35 -30.06 -3.54
CA THR C 266 20.61 -30.73 -3.46
C THR C 266 21.23 -30.50 -2.09
N ILE C 267 21.43 -31.60 -1.38
CA ILE C 267 22.01 -31.57 -0.04
C ILE C 267 23.39 -32.19 -0.08
N SER C 268 24.33 -31.58 0.63
CA SER C 268 25.71 -32.09 0.68
C SER C 268 25.82 -33.22 1.70
N GLN C 269 26.05 -34.44 1.19
CA GLN C 269 26.19 -35.63 2.02
C GLN C 269 27.10 -35.26 3.20
N LYS C 270 26.57 -35.40 4.42
CA LYS C 270 27.30 -35.07 5.65
C LYS C 270 28.40 -36.09 6.01
N GLU C 271 28.30 -37.28 5.42
CA GLU C 271 29.26 -38.37 5.68
C GLU C 271 28.88 -39.05 7.00
N GLY C 272 28.67 -38.23 8.04
CA GLY C 272 28.28 -38.74 9.35
C GLY C 272 26.91 -39.44 9.32
N GLU C 273 25.85 -38.78 9.79
CA GLU C 273 24.48 -39.36 9.75
C GLU C 273 23.51 -38.46 8.95
N MET C 274 22.29 -38.24 9.46
CA MET C 274 21.31 -37.38 8.78
C MET C 274 21.87 -35.97 8.84
N LEU C 275 21.52 -35.16 7.83
CA LEU C 275 22.01 -33.79 7.69
C LEU C 275 20.94 -32.67 7.61
N GLY C 276 20.37 -32.52 6.43
CA GLY C 276 19.38 -31.48 6.19
C GLY C 276 20.11 -30.34 5.51
N ILE C 277 19.67 -29.11 5.77
CA ILE C 277 20.31 -27.93 5.19
C ILE C 277 20.81 -28.17 3.76
N GLY C 278 19.92 -28.16 2.77
CA GLY C 278 20.33 -28.36 1.39
C GLY C 278 19.72 -27.24 0.57
N VAL C 279 20.50 -26.40 -0.11
CA VAL C 279 19.89 -25.32 -0.88
C VAL C 279 19.24 -25.86 -2.16
N ALA C 280 18.18 -25.16 -2.56
CA ALA C 280 17.40 -25.49 -3.74
C ALA C 280 18.21 -25.54 -5.00
N THR C 281 17.52 -25.76 -6.10
CA THR C 281 18.21 -25.85 -7.37
C THR C 281 17.75 -24.79 -8.37
N ASP C 282 16.45 -24.51 -8.44
CA ASP C 282 15.92 -23.51 -9.37
C ASP C 282 14.63 -22.78 -8.91
N TYR C 283 14.72 -21.85 -7.97
CA TYR C 283 13.47 -21.21 -7.54
C TYR C 283 13.52 -19.71 -7.44
N ILE C 284 12.35 -19.08 -7.63
CA ILE C 284 12.18 -17.63 -7.62
C ILE C 284 12.12 -17.01 -6.22
N VAL C 285 13.05 -17.46 -5.39
CA VAL C 285 13.21 -17.02 -4.02
C VAL C 285 14.63 -17.54 -3.62
N PRO C 286 15.64 -16.64 -3.64
CA PRO C 286 17.03 -16.98 -3.31
C PRO C 286 17.13 -17.86 -2.07
N GLY C 287 17.50 -19.12 -2.27
CA GLY C 287 17.62 -20.06 -1.16
C GLY C 287 16.34 -20.84 -0.92
N ILE C 288 15.39 -20.21 -0.23
CA ILE C 288 14.11 -20.82 0.08
C ILE C 288 13.48 -21.45 -1.16
N PRO C 289 13.50 -22.80 -1.26
CA PRO C 289 12.94 -23.54 -2.39
C PRO C 289 11.47 -23.29 -2.63
N ASP C 290 11.09 -23.04 -3.87
CA ASP C 290 9.68 -22.84 -4.16
C ASP C 290 8.95 -24.17 -3.97
N GLY C 291 7.97 -24.19 -3.07
CA GLY C 291 7.22 -25.42 -2.84
C GLY C 291 7.46 -26.01 -1.46
N TRP C 292 8.53 -25.57 -0.82
CA TRP C 292 8.88 -26.05 0.50
C TRP C 292 7.74 -25.72 1.44
N PRO C 293 7.29 -26.70 2.22
CA PRO C 293 6.21 -26.61 3.18
C PRO C 293 6.12 -25.32 3.97
N ASP C 294 5.14 -25.29 4.86
CA ASP C 294 4.83 -24.12 5.66
C ASP C 294 5.39 -23.96 7.08
N THR C 295 4.85 -24.73 8.02
CA THR C 295 5.24 -24.64 9.44
C THR C 295 6.52 -25.36 9.84
N THR C 296 6.82 -25.33 11.13
CA THR C 296 8.02 -25.98 11.65
C THR C 296 7.69 -26.64 12.97
N ILE C 297 8.57 -27.55 13.42
CA ILE C 297 8.38 -28.26 14.68
C ILE C 297 8.18 -27.33 15.87
N PRO C 298 7.14 -27.59 16.70
CA PRO C 298 6.86 -26.73 17.85
C PRO C 298 7.65 -27.05 19.12
N ASN C 299 8.90 -27.46 18.95
CA ASN C 299 9.71 -27.79 20.10
C ASN C 299 11.08 -28.30 19.67
N GLU C 300 12.08 -28.07 20.51
CA GLU C 300 13.45 -28.48 20.25
C GLU C 300 13.61 -30.00 20.23
N LEU C 301 13.05 -30.66 19.21
CA LEU C 301 13.16 -32.11 19.12
C LEU C 301 14.37 -32.56 18.32
N ILE C 302 14.76 -33.82 18.49
CA ILE C 302 15.91 -34.37 17.80
C ILE C 302 15.48 -35.35 16.71
N PRO C 303 16.43 -35.76 15.86
CA PRO C 303 16.20 -36.70 14.76
C PRO C 303 16.58 -38.13 15.16
N ALA C 304 15.61 -39.00 15.38
CA ALA C 304 15.92 -40.38 15.76
C ALA C 304 14.64 -41.19 15.95
N GLY C 305 14.69 -42.21 16.79
CA GLY C 305 13.52 -43.03 17.05
C GLY C 305 12.91 -43.63 15.80
N ASP C 306 13.04 -44.96 15.66
CA ASP C 306 12.49 -45.69 14.51
C ASP C 306 10.98 -45.35 14.45
N TYR C 307 10.17 -46.39 14.48
CA TYR C 307 8.73 -46.22 14.45
C TYR C 307 8.31 -45.71 15.84
N ALA C 308 8.92 -44.58 16.24
CA ALA C 308 8.64 -43.98 17.53
C ALA C 308 7.09 -44.01 17.71
N ILE C 309 6.63 -44.48 18.88
CA ILE C 309 5.18 -44.61 19.25
C ILE C 309 4.40 -43.31 19.44
N THR C 310 3.22 -43.43 20.02
CA THR C 310 2.30 -42.30 20.25
C THR C 310 1.08 -43.18 20.63
N ASN C 311 1.52 -44.36 21.05
CA ASN C 311 0.77 -45.52 21.51
C ASN C 311 -0.66 -45.86 21.16
N GLN C 312 -0.80 -47.19 21.00
CA GLN C 312 -2.01 -47.91 20.69
C GLN C 312 -2.58 -47.72 19.32
N SER C 313 -2.46 -48.80 18.54
CA SER C 313 -2.97 -48.88 17.19
C SER C 313 -3.97 -50.04 17.27
N GLY C 314 -5.02 -50.00 16.44
CA GLY C 314 -6.05 -51.01 16.51
C GLY C 314 -7.04 -50.42 17.52
N ASN C 315 -6.49 -49.65 18.47
CA ASN C 315 -7.21 -48.93 19.54
C ASN C 315 -7.66 -47.65 18.83
N ASP C 316 -8.24 -47.87 17.66
CA ASP C 316 -8.72 -46.83 16.78
C ASP C 316 -9.89 -46.06 17.43
N ILE C 317 -9.74 -44.73 17.37
CA ILE C 317 -10.67 -43.72 17.89
C ILE C 317 -10.90 -43.66 19.43
N GLN C 318 -10.05 -44.33 20.19
CA GLN C 318 -10.09 -44.31 21.65
C GLN C 318 -9.17 -43.14 21.93
N THR C 319 -8.78 -42.60 20.76
CA THR C 319 -7.85 -41.47 20.50
C THR C 319 -8.40 -39.97 20.48
N LYS C 320 -7.49 -39.01 20.37
CA LYS C 320 -7.86 -37.60 20.33
C LYS C 320 -7.81 -36.98 21.73
N GLU C 321 -7.39 -35.72 21.80
CA GLU C 321 -7.29 -35.03 23.07
C GLU C 321 -5.85 -35.01 23.58
N GLU C 322 -5.67 -35.37 24.86
CA GLU C 322 -4.36 -35.39 25.46
C GLU C 322 -3.98 -36.81 25.92
N TYR C 323 -3.86 -37.71 24.95
CA TYR C 323 -3.51 -39.09 25.25
C TYR C 323 -4.52 -39.96 25.97
N GLU C 324 -5.64 -39.35 26.38
CA GLU C 324 -6.86 -40.04 26.76
C GLU C 324 -6.69 -40.79 28.08
N SER C 325 -5.50 -41.33 28.29
CA SER C 325 -5.20 -42.08 29.51
C SER C 325 -3.71 -42.37 29.62
N ALA C 326 -3.32 -43.01 30.72
CA ALA C 326 -1.92 -43.33 30.97
C ALA C 326 -1.36 -44.26 29.90
N MET C 327 -1.87 -45.48 29.86
CA MET C 327 -1.41 -46.48 28.85
C MET C 327 -1.40 -45.86 27.43
N ILE C 328 -2.57 -45.38 27.01
CA ILE C 328 -2.80 -44.75 25.71
C ILE C 328 -2.27 -43.31 25.69
N ILE C 329 -1.46 -42.98 24.69
CA ILE C 329 -0.90 -41.64 24.62
C ILE C 329 -1.31 -40.96 23.29
N SER C 330 -1.27 -39.60 23.22
CA SER C 330 -1.65 -38.82 22.02
C SER C 330 -0.52 -38.15 21.21
N ASN C 331 0.70 -37.99 21.75
CA ASN C 331 1.76 -37.37 20.90
C ASN C 331 3.20 -37.32 21.40
N ASN C 332 4.12 -37.86 20.61
CA ASN C 332 5.53 -37.84 20.96
C ASN C 332 6.23 -38.28 19.70
N THR C 333 6.48 -39.58 19.58
CA THR C 333 7.10 -40.14 18.39
C THR C 333 8.25 -39.35 17.79
N ASN C 334 9.16 -38.86 18.62
CA ASN C 334 10.28 -38.09 18.14
C ASN C 334 10.02 -37.06 17.03
N PHE C 335 10.30 -37.39 15.78
CA PHE C 335 10.09 -36.44 14.68
C PHE C 335 8.64 -36.01 14.41
N LYS C 336 7.89 -35.71 15.47
CA LYS C 336 6.50 -35.27 15.32
C LYS C 336 6.47 -33.97 14.52
N SER C 337 5.26 -33.56 14.11
CA SER C 337 5.03 -32.34 13.31
C SER C 337 6.01 -32.25 12.12
N MET C 338 6.24 -33.39 11.47
CA MET C 338 7.14 -33.46 10.33
C MET C 338 6.36 -33.70 9.04
N TYR C 339 6.83 -33.10 7.96
CA TYR C 339 6.18 -33.28 6.67
C TYR C 339 6.74 -34.47 5.96
N ILE C 340 5.88 -35.47 5.77
CA ILE C 340 6.26 -36.70 5.10
C ILE C 340 6.22 -36.44 3.60
N CYS C 341 7.06 -37.16 2.85
CA CYS C 341 7.11 -36.99 1.39
C CYS C 341 8.01 -37.99 0.67
N GLY C 342 7.48 -38.67 -0.34
CA GLY C 342 8.28 -39.62 -1.08
C GLY C 342 9.46 -38.85 -1.59
N SER C 343 10.54 -39.52 -1.95
CA SER C 343 11.69 -38.80 -2.44
C SER C 343 12.64 -39.68 -3.18
N LEU C 344 13.09 -39.17 -4.30
CA LEU C 344 14.01 -39.89 -5.13
C LEU C 344 15.42 -39.47 -4.70
N GLN C 345 16.25 -40.44 -4.35
CA GLN C 345 17.61 -40.12 -3.94
C GLN C 345 18.50 -39.84 -5.16
N ARG C 346 19.46 -38.92 -5.02
CA ARG C 346 20.41 -38.59 -6.10
C ARG C 346 21.19 -39.87 -6.35
N ALA C 347 22.45 -39.88 -5.89
CA ALA C 347 23.37 -41.01 -6.02
C ALA C 347 24.80 -40.48 -6.12
N TRP C 348 24.95 -39.23 -6.61
CA TRP C 348 26.25 -38.54 -6.76
C TRP C 348 27.17 -39.51 -7.49
N GLY C 349 27.96 -40.15 -6.64
CA GLY C 349 28.90 -41.16 -7.03
C GLY C 349 28.09 -42.43 -7.11
N ASN C 350 27.69 -43.01 -5.98
CA ASN C 350 26.94 -44.28 -6.03
C ASN C 350 25.86 -44.56 -4.98
N LYS C 351 25.63 -45.85 -4.78
CA LYS C 351 24.65 -46.36 -3.84
C LYS C 351 23.22 -45.89 -4.09
N LYS C 352 22.32 -46.89 -4.16
CA LYS C 352 20.89 -46.77 -4.51
C LYS C 352 19.70 -46.50 -3.52
N VAL C 353 18.55 -47.04 -3.93
CA VAL C 353 17.23 -47.01 -3.27
C VAL C 353 16.78 -45.79 -2.47
N SER C 354 16.03 -44.91 -3.13
CA SER C 354 15.46 -43.67 -2.54
C SER C 354 15.49 -43.82 -1.02
N ASN C 355 14.38 -44.34 -0.47
CA ASN C 355 14.29 -44.66 0.94
C ASN C 355 13.58 -43.83 2.01
N THR C 356 13.69 -42.50 2.02
CA THR C 356 13.08 -41.87 3.16
C THR C 356 12.23 -40.61 3.06
N ALA C 357 12.88 -39.51 3.44
CA ALA C 357 12.32 -38.17 3.45
C ALA C 357 11.33 -37.79 4.55
N PHE C 358 11.78 -36.88 5.40
CA PHE C 358 11.01 -36.33 6.51
C PHE C 358 11.60 -34.94 6.60
N ILE C 359 10.80 -33.91 6.32
CA ILE C 359 11.31 -32.56 6.35
C ILE C 359 10.57 -31.51 7.16
N THR C 360 11.19 -30.33 7.18
CA THR C 360 10.68 -29.16 7.86
C THR C 360 11.71 -28.08 7.72
N THR C 361 11.53 -27.01 8.47
CA THR C 361 12.45 -25.92 8.41
C THR C 361 12.89 -25.46 9.78
N ALA C 362 14.18 -25.63 10.08
CA ALA C 362 14.74 -25.23 11.37
C ALA C 362 16.27 -25.28 11.33
N THR C 363 16.93 -24.87 12.43
CA THR C 363 18.40 -24.87 12.51
C THR C 363 18.89 -26.26 12.89
N VAL C 364 19.87 -26.76 12.16
CA VAL C 364 20.40 -28.10 12.42
C VAL C 364 21.75 -28.17 13.10
N LYS C 365 21.95 -27.32 14.10
CA LYS C 365 23.22 -27.36 14.83
C LYS C 365 23.28 -28.79 15.44
N GLU C 366 24.40 -29.49 15.21
CA GLU C 366 24.59 -30.84 15.78
C GLU C 366 23.47 -31.80 15.33
N ASN C 367 23.32 -32.90 16.07
CA ASN C 367 22.30 -33.90 15.79
C ASN C 367 20.98 -33.53 16.42
N LYS C 368 20.83 -32.24 16.73
CA LYS C 368 19.63 -31.65 17.32
C LYS C 368 18.85 -30.99 16.18
N LEU C 369 17.70 -30.41 16.50
CA LEU C 369 16.89 -29.75 15.50
C LEU C 369 15.98 -28.72 16.14
N ILE C 370 16.59 -27.63 16.57
CA ILE C 370 15.82 -26.55 17.19
C ILE C 370 15.06 -25.85 16.06
N PRO C 371 13.81 -25.41 16.33
CA PRO C 371 12.95 -24.72 15.35
C PRO C 371 13.16 -23.24 15.22
N SER C 372 13.28 -22.81 13.98
CA SER C 372 13.45 -21.40 13.71
C SER C 372 12.12 -20.99 13.12
N ASN C 373 11.69 -19.76 13.35
CA ASN C 373 10.43 -19.31 12.80
C ASN C 373 10.71 -18.49 11.56
N THR C 374 11.86 -17.81 11.59
CA THR C 374 12.34 -16.97 10.49
C THR C 374 13.01 -17.90 9.44
N ILE C 375 12.50 -17.90 8.20
CA ILE C 375 13.06 -18.78 7.15
C ILE C 375 14.12 -18.16 6.22
N ASP C 376 15.32 -18.75 6.23
CA ASP C 376 16.49 -18.33 5.43
C ASP C 376 17.18 -19.60 4.84
N GLN C 377 17.92 -19.46 3.74
CA GLN C 377 18.60 -20.59 3.08
C GLN C 377 19.37 -21.50 4.02
N THR C 378 19.29 -21.23 5.31
CA THR C 378 20.00 -22.02 6.30
C THR C 378 19.11 -22.88 7.18
N LYS C 379 17.88 -23.10 6.77
CA LYS C 379 16.98 -23.92 7.57
C LYS C 379 16.11 -24.82 6.73
N ILE C 380 16.71 -25.82 6.08
CA ILE C 380 15.96 -26.75 5.25
C ILE C 380 16.48 -28.14 5.53
N ALA C 381 16.01 -28.75 6.62
CA ALA C 381 16.46 -30.08 6.98
C ALA C 381 15.66 -31.22 6.40
N ILE C 382 16.26 -32.40 6.50
CA ILE C 382 15.65 -33.60 5.97
C ILE C 382 16.23 -34.84 6.65
N PHE C 383 15.91 -36.00 6.11
CA PHE C 383 16.41 -37.26 6.63
C PHE C 383 16.93 -38.09 5.45
N GLN C 384 18.00 -38.85 5.68
CA GLN C 384 18.56 -39.60 4.56
C GLN C 384 19.20 -40.98 4.72
N ASP C 385 19.79 -41.37 3.60
CA ASP C 385 20.51 -42.62 3.37
C ASP C 385 21.88 -42.21 2.82
N ASN C 386 22.59 -41.41 3.61
CA ASN C 386 23.93 -40.89 3.26
C ASN C 386 24.93 -42.05 3.18
N HIS C 387 25.35 -42.54 4.34
CA HIS C 387 26.27 -43.67 4.44
C HIS C 387 27.67 -43.50 3.79
N VAL C 388 28.52 -44.51 4.06
CA VAL C 388 29.91 -44.61 3.61
C VAL C 388 30.69 -43.28 3.85
N ASN C 389 31.78 -43.43 4.66
CA ASN C 389 32.72 -42.37 5.15
C ASN C 389 33.75 -41.67 4.20
N ARG C 390 33.77 -42.05 2.91
CA ARG C 390 34.67 -41.45 1.92
C ARG C 390 34.29 -39.97 1.88
N ASP C 391 33.18 -39.71 2.56
CA ASP C 391 32.57 -38.41 2.69
C ASP C 391 31.92 -38.00 1.38
N VAL C 392 31.47 -39.03 0.62
CA VAL C 392 30.79 -38.86 -0.66
C VAL C 392 29.79 -37.71 -0.32
N GLN C 393 29.68 -36.71 -1.20
CA GLN C 393 28.86 -35.53 -0.91
C GLN C 393 27.67 -35.28 -1.85
N THR C 394 27.08 -34.09 -1.74
CA THR C 394 25.95 -33.69 -2.59
C THR C 394 25.05 -34.87 -3.00
N SER C 395 24.32 -35.38 -2.01
CA SER C 395 23.41 -36.52 -2.14
C SER C 395 22.20 -36.20 -3.04
N ASP C 396 21.03 -36.62 -2.55
CA ASP C 396 19.66 -36.50 -3.14
C ASP C 396 19.29 -35.53 -4.28
N ASP C 397 18.03 -35.69 -4.64
CA ASP C 397 17.42 -34.93 -5.69
C ASP C 397 16.09 -34.35 -5.23
N THR C 398 15.04 -35.10 -5.50
CA THR C 398 13.69 -34.67 -5.21
C THR C 398 12.89 -35.43 -4.18
N LEU C 399 11.76 -34.81 -3.82
CA LEU C 399 10.80 -35.35 -2.88
C LEU C 399 9.54 -34.53 -3.02
N ALA C 400 8.41 -35.19 -2.83
CA ALA C 400 7.13 -34.56 -2.96
C ALA C 400 6.48 -34.24 -1.64
N LEU C 401 5.22 -34.57 -1.54
CA LEU C 401 4.45 -34.30 -0.34
C LEU C 401 3.36 -35.33 -0.20
N LEU C 402 3.31 -36.01 0.92
CA LEU C 402 2.23 -36.96 1.07
C LEU C 402 1.52 -36.71 2.36
N GLY C 403 2.26 -36.77 3.47
CA GLY C 403 1.66 -36.58 4.79
C GLY C 403 2.27 -35.65 5.83
N TYR C 404 2.14 -36.05 7.09
CA TYR C 404 2.63 -35.24 8.20
C TYR C 404 2.53 -36.15 9.41
N THR C 405 3.07 -35.70 10.53
CA THR C 405 3.06 -36.47 11.76
C THR C 405 1.93 -36.12 12.73
N GLY C 406 1.01 -37.07 12.95
CA GLY C 406 -0.16 -36.92 13.80
C GLY C 406 -0.13 -36.21 15.16
N ILE C 407 -0.09 -34.88 15.09
CA ILE C 407 -0.07 -34.01 16.27
C ILE C 407 -1.49 -33.79 16.86
N GLY C 408 -2.23 -34.89 17.00
CA GLY C 408 -3.58 -34.80 17.53
C GLY C 408 -4.47 -34.14 16.49
N GLU C 409 -5.48 -33.41 16.98
CA GLU C 409 -6.49 -32.70 16.14
C GLU C 409 -6.07 -31.26 15.78
N GLU C 410 -4.78 -31.06 15.56
CA GLU C 410 -4.24 -29.74 15.24
C GLU C 410 -4.27 -29.39 13.75
N ALA C 411 -5.34 -28.74 13.30
CA ALA C 411 -5.47 -28.35 11.88
C ALA C 411 -4.36 -27.36 11.55
N ILE C 412 -3.25 -27.92 11.10
CA ILE C 412 -2.06 -27.17 10.75
C ILE C 412 -2.27 -25.74 10.30
N GLY C 413 -1.50 -24.84 10.91
CA GLY C 413 -1.58 -23.44 10.56
C GLY C 413 -2.57 -22.66 11.38
N ALA C 414 -2.83 -23.14 12.59
CA ALA C 414 -3.77 -22.46 13.46
C ALA C 414 -3.12 -21.54 14.51
N ASP C 415 -1.78 -21.47 14.51
CA ASP C 415 -1.05 -20.61 15.46
C ASP C 415 0.11 -19.88 14.79
N ARG C 416 0.23 -18.58 15.07
CA ARG C 416 1.30 -17.80 14.48
C ARG C 416 2.62 -18.45 14.78
N GLU C 417 2.81 -18.79 16.05
CA GLU C 417 4.04 -19.43 16.48
C GLU C 417 4.42 -20.64 15.63
N LYS C 418 3.47 -21.21 14.89
CA LYS C 418 3.77 -22.36 14.04
C LYS C 418 3.97 -21.98 12.57
N VAL C 419 3.36 -20.88 12.13
CA VAL C 419 3.52 -20.48 10.73
C VAL C 419 4.86 -19.79 10.51
N VAL C 420 5.53 -20.17 9.43
CA VAL C 420 6.83 -19.59 9.12
C VAL C 420 6.81 -18.40 8.20
N ARG C 421 7.31 -17.28 8.70
CA ARG C 421 7.36 -16.06 7.92
C ARG C 421 8.73 -15.86 7.29
N ILE C 422 8.76 -15.22 6.12
CA ILE C 422 10.01 -14.95 5.43
C ILE C 422 10.54 -13.66 5.97
N GLY C 423 9.65 -12.86 6.54
CA GLY C 423 10.08 -11.60 7.07
C GLY C 423 8.85 -10.95 7.63
N VAL C 424 7.84 -10.79 6.77
CA VAL C 424 6.58 -10.18 7.14
C VAL C 424 5.61 -11.26 7.59
N LEU C 425 4.48 -10.85 8.17
CA LEU C 425 3.47 -11.76 8.65
C LEU C 425 2.11 -11.37 8.10
N PRO C 426 1.80 -11.81 6.87
CA PRO C 426 0.52 -11.48 6.26
C PRO C 426 -0.64 -12.08 7.04
N GLU C 427 -1.66 -11.27 7.30
CA GLU C 427 -2.82 -11.68 8.08
C GLU C 427 -4.03 -10.77 7.87
N ALA C 428 -5.01 -10.89 8.76
CA ALA C 428 -6.22 -10.07 8.72
C ALA C 428 -7.11 -10.29 9.95
N GLY C 429 -7.54 -9.20 10.56
CA GLY C 429 -8.40 -9.30 11.72
C GLY C 429 -9.81 -9.07 11.23
N ALA C 430 -10.78 -9.25 12.13
CA ALA C 430 -12.19 -9.08 11.80
C ALA C 430 -12.54 -7.66 11.35
N ARG C 431 -12.47 -7.40 10.05
CA ARG C 431 -12.83 -6.09 9.54
C ARG C 431 -14.33 -5.96 9.54
N GLY C 432 -14.86 -4.87 10.07
CA GLY C 432 -16.30 -4.71 10.11
C GLY C 432 -16.94 -5.83 10.91
N GLY C 433 -18.25 -6.02 10.76
CA GLY C 433 -18.90 -7.09 11.50
C GLY C 433 -18.58 -8.45 10.89
N ASN C 434 -17.79 -8.45 9.83
CA ASN C 434 -17.40 -9.68 9.13
C ASN C 434 -16.27 -10.44 9.82
N HIS C 435 -16.24 -11.75 9.65
CA HIS C 435 -15.19 -12.56 10.23
C HIS C 435 -14.40 -13.25 9.10
N PRO C 436 -13.09 -13.50 9.33
CA PRO C 436 -12.18 -14.15 8.38
C PRO C 436 -12.33 -15.66 8.44
N ILE C 437 -12.04 -16.33 7.34
CA ILE C 437 -12.15 -17.77 7.34
C ILE C 437 -10.88 -18.42 6.83
N PHE C 438 -10.97 -19.73 6.62
CA PHE C 438 -9.86 -20.52 6.10
C PHE C 438 -10.58 -21.52 5.23
N TYR C 439 -9.90 -22.58 4.83
CA TYR C 439 -10.59 -23.56 4.04
C TYR C 439 -10.15 -24.95 4.49
N ARG C 440 -10.86 -25.46 5.50
CA ARG C 440 -10.60 -26.78 6.08
C ARG C 440 -10.39 -27.77 4.93
N ASN C 441 -9.14 -28.18 4.78
CA ASN C 441 -8.77 -29.10 3.73
C ASN C 441 -8.66 -30.51 4.31
N SER C 442 -7.62 -31.22 3.94
CA SER C 442 -7.42 -32.58 4.44
C SER C 442 -6.02 -33.07 4.11
N MET C 443 -5.31 -33.53 5.16
CA MET C 443 -3.93 -34.01 5.02
C MET C 443 -3.70 -35.40 5.59
N LYS C 444 -3.33 -36.36 4.74
CA LYS C 444 -3.11 -37.72 5.21
C LYS C 444 -1.99 -37.79 6.24
N LEU C 445 -2.05 -38.81 7.10
CA LEU C 445 -1.05 -39.04 8.13
C LEU C 445 -0.41 -40.38 7.89
N GLY C 446 0.59 -40.70 8.70
CA GLY C 446 1.27 -41.96 8.51
C GLY C 446 1.16 -43.03 9.57
N TYR C 447 1.95 -42.87 10.63
CA TYR C 447 1.98 -43.84 11.69
C TYR C 447 0.63 -44.43 12.10
N VAL C 448 -0.39 -43.58 12.12
CA VAL C 448 -1.74 -43.98 12.51
C VAL C 448 -2.38 -44.91 11.50
N ILE C 449 -3.17 -44.33 10.62
CA ILE C 449 -3.84 -45.04 9.52
C ILE C 449 -4.11 -44.00 8.42
N LYS C 450 -5.05 -43.10 8.69
CA LYS C 450 -5.47 -42.08 7.72
C LYS C 450 -6.37 -41.06 8.41
N SER C 451 -5.97 -39.80 8.49
CA SER C 451 -6.84 -38.85 9.16
C SER C 451 -6.31 -37.42 9.11
N ILE C 452 -6.85 -36.58 9.98
CA ILE C 452 -6.58 -35.14 10.16
C ILE C 452 -6.44 -34.26 8.91
N ASP C 453 -6.82 -33.00 9.10
CA ASP C 453 -6.79 -32.01 8.04
C ASP C 453 -6.01 -30.77 8.38
N VAL C 454 -6.05 -29.83 7.45
CA VAL C 454 -5.34 -28.58 7.62
C VAL C 454 -6.05 -27.47 6.92
N PHE C 455 -5.92 -26.29 7.50
CA PHE C 455 -6.53 -25.06 7.00
C PHE C 455 -6.11 -24.71 5.59
N ASN C 456 -6.25 -23.43 5.28
CA ASN C 456 -5.90 -22.90 3.97
C ASN C 456 -6.47 -21.49 3.89
N SER C 457 -5.70 -20.61 3.29
CA SER C 457 -6.07 -19.21 3.17
C SER C 457 -6.74 -18.79 1.85
N GLN C 458 -6.11 -19.11 0.73
CA GLN C 458 -6.73 -18.73 -0.52
C GLN C 458 -7.03 -19.96 -1.33
N ILE C 459 -8.20 -19.97 -1.95
CA ILE C 459 -8.55 -21.10 -2.78
C ILE C 459 -7.50 -21.01 -3.86
N LEU C 460 -6.70 -22.07 -4.04
CA LEU C 460 -5.62 -22.04 -5.02
C LEU C 460 -5.90 -21.26 -6.29
N HIS C 461 -6.90 -21.69 -7.04
CA HIS C 461 -7.26 -21.02 -8.28
C HIS C 461 -7.22 -19.50 -8.13
N THR C 462 -7.45 -19.02 -6.91
CA THR C 462 -7.43 -17.58 -6.66
C THR C 462 -6.04 -17.04 -6.80
N SER C 463 -5.21 -17.40 -5.84
CA SER C 463 -3.83 -17.00 -5.82
C SER C 463 -3.37 -17.05 -7.26
N ARG C 464 -3.57 -18.20 -7.92
CA ARG C 464 -3.19 -18.38 -9.33
C ARG C 464 -3.48 -17.10 -10.10
N GLN C 465 -4.72 -16.62 -10.04
CA GLN C 465 -5.09 -15.40 -10.75
C GLN C 465 -4.32 -14.21 -10.20
N LEU C 466 -4.49 -13.96 -8.91
CA LEU C 466 -3.81 -12.87 -8.26
C LEU C 466 -2.43 -12.66 -8.84
N SER C 467 -1.63 -13.71 -8.89
CA SER C 467 -0.28 -13.58 -9.40
C SER C 467 -0.19 -13.32 -10.90
N LEU C 468 -1.08 -13.95 -11.66
CA LEU C 468 -1.05 -13.78 -13.11
C LEU C 468 -1.89 -12.62 -13.61
N ASN C 469 -2.66 -11.97 -12.74
CA ASN C 469 -3.45 -10.86 -13.20
C ASN C 469 -3.26 -9.58 -12.43
N ASN C 470 -4.02 -8.57 -12.79
CA ASN C 470 -3.93 -7.28 -12.14
C ASN C 470 -5.25 -6.52 -12.17
N TYR C 471 -5.95 -6.53 -11.03
CA TYR C 471 -7.25 -5.87 -10.91
C TYR C 471 -7.22 -4.54 -10.16
N LEU C 472 -8.43 -4.10 -9.79
CA LEU C 472 -8.66 -2.85 -9.04
C LEU C 472 -9.81 -2.97 -8.04
N LEU C 473 -9.50 -2.75 -6.78
CA LEU C 473 -10.51 -2.84 -5.73
C LEU C 473 -10.26 -1.80 -4.62
N SER C 474 -11.35 -1.24 -4.09
CA SER C 474 -11.29 -0.24 -3.02
C SER C 474 -10.81 -0.90 -1.73
N PRO C 475 -9.76 -0.36 -1.10
CA PRO C 475 -9.25 -0.95 0.13
C PRO C 475 -10.29 -1.06 1.25
N ASP C 476 -11.56 -0.82 0.92
CA ASP C 476 -12.67 -0.89 1.87
C ASP C 476 -13.90 -1.59 1.30
N SER C 477 -13.74 -2.17 0.12
CA SER C 477 -14.83 -2.86 -0.56
C SER C 477 -14.39 -4.27 -0.96
N PHE C 478 -15.04 -5.26 -0.39
CA PHE C 478 -14.70 -6.65 -0.69
C PHE C 478 -15.03 -7.03 -2.11
N ALA C 479 -15.10 -8.33 -2.33
CA ALA C 479 -15.45 -8.86 -3.63
C ALA C 479 -16.53 -9.88 -3.32
N VAL C 480 -17.76 -9.39 -3.28
CA VAL C 480 -18.95 -10.18 -2.99
C VAL C 480 -19.04 -11.46 -3.81
N TYR C 481 -19.05 -12.61 -3.16
CA TYR C 481 -19.17 -13.86 -3.90
C TYR C 481 -20.21 -14.71 -3.25
N ARG C 482 -21.14 -15.19 -4.06
CA ARG C 482 -22.21 -15.98 -3.54
C ARG C 482 -21.94 -17.47 -3.53
N ILE C 483 -22.28 -18.10 -2.42
CA ILE C 483 -22.05 -19.51 -2.35
C ILE C 483 -23.38 -20.17 -2.07
N ILE C 484 -23.59 -21.35 -2.63
CA ILE C 484 -24.85 -22.04 -2.44
C ILE C 484 -24.69 -23.55 -2.46
N ASP C 485 -25.30 -24.24 -1.49
CA ASP C 485 -25.21 -25.69 -1.47
C ASP C 485 -26.25 -26.29 -2.40
N SER C 486 -26.75 -27.48 -2.06
CA SER C 486 -27.74 -28.17 -2.87
C SER C 486 -29.18 -28.05 -2.35
N ASN C 487 -29.33 -27.43 -1.18
CA ASN C 487 -30.65 -27.26 -0.59
C ASN C 487 -31.16 -25.86 -0.90
N GLY C 488 -30.78 -24.93 -0.05
CA GLY C 488 -31.15 -23.55 -0.24
C GLY C 488 -30.08 -22.70 0.38
N SER C 489 -29.41 -23.22 1.41
CA SER C 489 -28.37 -22.44 2.08
C SER C 489 -27.44 -21.72 1.11
N TRP C 490 -27.17 -20.46 1.44
CA TRP C 490 -26.30 -19.59 0.66
C TRP C 490 -25.78 -18.44 1.50
N PHE C 491 -24.53 -18.08 1.26
CA PHE C 491 -23.91 -16.98 1.97
C PHE C 491 -22.90 -16.35 1.06
N ASP C 492 -22.38 -15.21 1.50
CA ASP C 492 -21.43 -14.47 0.71
C ASP C 492 -20.02 -14.48 1.27
N ILE C 493 -19.05 -14.39 0.38
CA ILE C 493 -17.66 -14.34 0.79
C ILE C 493 -17.05 -13.11 0.18
N GLY C 494 -16.10 -12.52 0.88
CA GLY C 494 -15.47 -11.34 0.36
C GLY C 494 -13.98 -11.49 0.21
N ILE C 495 -13.38 -10.55 -0.50
CA ILE C 495 -11.93 -10.59 -0.68
C ILE C 495 -11.32 -9.28 -0.13
N ASP C 496 -10.37 -9.44 0.78
CA ASP C 496 -9.69 -8.31 1.40
C ASP C 496 -8.75 -7.64 0.40
N SER C 497 -8.49 -6.35 0.58
CA SER C 497 -7.60 -5.65 -0.35
C SER C 497 -6.28 -6.40 -0.39
N ASP C 498 -6.02 -7.20 0.65
CA ASP C 498 -4.81 -8.01 0.79
C ASP C 498 -5.02 -9.38 0.20
N GLY C 499 -6.25 -9.89 0.28
CA GLY C 499 -6.52 -11.18 -0.28
C GLY C 499 -6.95 -12.26 0.68
N PHE C 500 -7.98 -11.98 1.47
CA PHE C 500 -8.42 -12.98 2.40
C PHE C 500 -9.89 -13.22 2.23
N SER C 501 -10.40 -14.24 2.89
CA SER C 501 -11.80 -14.56 2.78
C SER C 501 -12.57 -14.17 4.03
N PHE C 502 -13.69 -13.48 3.82
CA PHE C 502 -14.52 -13.05 4.93
C PHE C 502 -15.97 -13.51 4.85
N VAL C 503 -16.61 -13.53 6.02
CA VAL C 503 -17.98 -13.97 6.17
C VAL C 503 -18.79 -13.09 7.11
N GLY C 504 -20.10 -13.03 6.86
CA GLY C 504 -20.99 -12.23 7.67
C GLY C 504 -21.82 -12.98 8.70
N VAL C 505 -21.44 -14.22 9.00
CA VAL C 505 -22.16 -14.99 9.99
C VAL C 505 -21.18 -15.31 11.11
N SER C 506 -21.69 -15.48 12.32
CA SER C 506 -20.87 -15.76 13.52
C SER C 506 -20.45 -17.24 13.55
N SER C 507 -21.20 -18.06 12.81
CA SER C 507 -20.94 -19.49 12.70
C SER C 507 -21.72 -20.08 11.54
N ILE C 508 -21.04 -20.91 10.73
CA ILE C 508 -21.71 -21.57 9.63
C ILE C 508 -21.60 -23.04 9.93
N GLY C 509 -22.49 -23.82 9.34
CA GLY C 509 -22.48 -25.23 9.59
C GLY C 509 -22.48 -26.12 8.38
N LYS C 510 -22.87 -27.36 8.64
CA LYS C 510 -22.95 -28.42 7.65
C LYS C 510 -23.92 -28.07 6.51
N LEU C 511 -23.50 -28.38 5.28
CA LEU C 511 -24.32 -28.13 4.10
C LEU C 511 -23.89 -29.07 2.97
N GLU C 512 -24.88 -29.49 2.17
CA GLU C 512 -24.66 -30.41 1.05
C GLU C 512 -23.51 -29.86 0.23
N PHE C 513 -22.50 -30.71 0.01
CA PHE C 513 -21.33 -30.25 -0.69
C PHE C 513 -21.30 -30.18 -2.21
N PRO C 514 -22.46 -30.31 -2.87
CA PRO C 514 -22.31 -30.20 -4.32
C PRO C 514 -22.30 -28.71 -4.67
N LEU C 515 -21.63 -27.93 -3.81
CA LEU C 515 -21.48 -26.47 -3.92
C LEU C 515 -21.08 -25.88 -5.25
N THR C 516 -21.43 -24.60 -5.41
CA THR C 516 -21.13 -23.81 -6.60
C THR C 516 -21.20 -22.34 -6.21
N ALA C 517 -20.33 -21.51 -6.78
CA ALA C 517 -20.32 -20.11 -6.42
C ALA C 517 -20.70 -19.17 -7.53
N SER C 518 -20.40 -17.90 -7.28
CA SER C 518 -20.68 -16.81 -8.20
C SER C 518 -20.01 -15.54 -7.69
N TYR C 519 -20.20 -14.47 -8.44
CA TYR C 519 -19.59 -13.17 -8.17
C TYR C 519 -20.58 -12.03 -8.29
N MET C 520 -20.56 -11.08 -7.37
CA MET C 520 -21.47 -9.94 -7.41
C MET C 520 -20.74 -8.66 -7.74
N GLY C 521 -19.64 -8.40 -7.05
CA GLY C 521 -18.88 -7.20 -7.30
C GLY C 521 -18.12 -6.71 -6.08
N ASN C 522 -18.56 -5.57 -5.56
CA ASN C 522 -17.90 -4.99 -4.41
C ASN C 522 -18.88 -4.23 -3.51
N GLN C 523 -18.64 -4.36 -2.21
CA GLN C 523 -19.46 -3.71 -1.18
C GLN C 523 -18.60 -3.34 0.01
N LEU C 524 -18.79 -2.12 0.50
CA LEU C 524 -18.03 -1.64 1.64
C LEU C 524 -18.00 -2.71 2.69
N ALA C 525 -16.79 -3.08 3.06
CA ALA C 525 -16.65 -4.10 4.07
C ALA C 525 -17.41 -3.74 5.34
N LYS C 526 -17.86 -2.49 5.46
CA LYS C 526 -18.58 -2.06 6.67
C LYS C 526 -19.99 -2.65 6.79
N ILE C 527 -20.39 -3.42 5.79
CA ILE C 527 -21.71 -4.06 5.77
C ILE C 527 -21.52 -5.57 5.84
N ARG C 528 -22.44 -6.24 6.52
CA ARG C 528 -22.37 -7.69 6.69
C ARG C 528 -22.82 -8.38 5.41
N LEU C 529 -22.28 -9.57 5.15
CA LEU C 529 -22.64 -10.32 3.96
C LEU C 529 -23.83 -11.20 4.31
N ALA C 530 -25.04 -10.76 3.98
CA ALA C 530 -26.21 -11.57 4.31
C ALA C 530 -26.08 -13.02 3.83
N SER C 531 -26.91 -13.91 4.38
CA SER C 531 -26.90 -15.34 4.04
C SER C 531 -28.15 -16.07 4.53
N ASN C 532 -28.59 -17.09 3.79
CA ASN C 532 -29.76 -17.87 4.18
C ASN C 532 -29.29 -19.25 4.54
N ILE C 533 -28.35 -19.30 5.46
CA ILE C 533 -27.84 -20.58 5.88
C ILE C 533 -28.49 -20.94 7.18
N ARG C 534 -27.80 -21.84 7.88
CA ARG C 534 -28.16 -22.41 9.19
C ARG C 534 -29.27 -23.49 9.09
#